data_2BOP
# 
_entry.id   2BOP 
# 
_audit_conform.dict_name       mmcif_pdbx.dic 
_audit_conform.dict_version    5.387 
_audit_conform.dict_location   http://mmcif.pdb.org/dictionaries/ascii/mmcif_pdbx.dic 
# 
loop_
_database_2.database_id 
_database_2.database_code 
_database_2.pdbx_database_accession 
_database_2.pdbx_DOI 
PDB   2BOP         pdb_00002bop 10.2210/pdb2bop/pdb 
RCSB  PDV001       ?            ?                   
WWPDB D_1000177845 ?            ?                   
# 
loop_
_pdbx_audit_revision_history.ordinal 
_pdbx_audit_revision_history.data_content_type 
_pdbx_audit_revision_history.major_revision 
_pdbx_audit_revision_history.minor_revision 
_pdbx_audit_revision_history.revision_date 
1 'Structure model' 1 0 1994-01-31 
2 'Structure model' 1 1 2008-05-22 
3 'Structure model' 1 2 2011-07-13 
4 'Structure model' 1 3 2019-11-20 
5 'Structure model' 1 4 2024-02-14 
# 
_pdbx_audit_revision_details.ordinal             1 
_pdbx_audit_revision_details.revision_ordinal    1 
_pdbx_audit_revision_details.data_content_type   'Structure model' 
_pdbx_audit_revision_details.provider            repository 
_pdbx_audit_revision_details.type                'Initial release' 
_pdbx_audit_revision_details.description         ? 
_pdbx_audit_revision_details.details             ? 
# 
loop_
_pdbx_audit_revision_group.ordinal 
_pdbx_audit_revision_group.revision_ordinal 
_pdbx_audit_revision_group.data_content_type 
_pdbx_audit_revision_group.group 
1 2 'Structure model' 'Version format compliance' 
2 3 'Structure model' 'Version format compliance' 
3 4 'Structure model' Advisory                    
4 4 'Structure model' 'Derived calculations'      
5 5 'Structure model' 'Data collection'           
6 5 'Structure model' 'Database references'       
7 5 'Structure model' 'Derived calculations'      
# 
loop_
_pdbx_audit_revision_category.ordinal 
_pdbx_audit_revision_category.revision_ordinal 
_pdbx_audit_revision_category.data_content_type 
_pdbx_audit_revision_category.category 
1  4 'Structure model' database_PDB_caveat         
2  4 'Structure model' pdbx_struct_conn_angle      
3  4 'Structure model' pdbx_validate_close_contact 
4  4 'Structure model' struct_conn                 
5  5 'Structure model' chem_comp_atom              
6  5 'Structure model' chem_comp_bond              
7  5 'Structure model' database_2                  
8  5 'Structure model' pdbx_struct_conn_angle      
9  5 'Structure model' struct_conn                 
10 5 'Structure model' struct_site                 
# 
loop_
_pdbx_audit_revision_item.ordinal 
_pdbx_audit_revision_item.revision_ordinal 
_pdbx_audit_revision_item.data_content_type 
_pdbx_audit_revision_item.item 
1  5 'Structure model' '_database_2.pdbx_DOI'                        
2  5 'Structure model' '_database_2.pdbx_database_accession'         
3  5 'Structure model' '_pdbx_struct_conn_angle.ptnr1_auth_asym_id'  
4  5 'Structure model' '_pdbx_struct_conn_angle.ptnr1_auth_comp_id'  
5  5 'Structure model' '_pdbx_struct_conn_angle.ptnr1_auth_seq_id'   
6  5 'Structure model' '_pdbx_struct_conn_angle.ptnr1_label_asym_id' 
7  5 'Structure model' '_pdbx_struct_conn_angle.ptnr1_label_atom_id' 
8  5 'Structure model' '_pdbx_struct_conn_angle.ptnr1_label_comp_id' 
9  5 'Structure model' '_pdbx_struct_conn_angle.ptnr1_label_seq_id'  
10 5 'Structure model' '_pdbx_struct_conn_angle.ptnr1_symmetry'      
11 5 'Structure model' '_pdbx_struct_conn_angle.ptnr2_auth_asym_id'  
12 5 'Structure model' '_pdbx_struct_conn_angle.ptnr2_auth_seq_id'   
13 5 'Structure model' '_pdbx_struct_conn_angle.ptnr2_label_asym_id' 
14 5 'Structure model' '_pdbx_struct_conn_angle.ptnr2_symmetry'      
15 5 'Structure model' '_pdbx_struct_conn_angle.ptnr3_auth_asym_id'  
16 5 'Structure model' '_pdbx_struct_conn_angle.ptnr3_auth_comp_id'  
17 5 'Structure model' '_pdbx_struct_conn_angle.ptnr3_auth_seq_id'   
18 5 'Structure model' '_pdbx_struct_conn_angle.ptnr3_label_asym_id' 
19 5 'Structure model' '_pdbx_struct_conn_angle.ptnr3_label_atom_id' 
20 5 'Structure model' '_pdbx_struct_conn_angle.ptnr3_label_comp_id' 
21 5 'Structure model' '_pdbx_struct_conn_angle.ptnr3_label_seq_id'  
22 5 'Structure model' '_pdbx_struct_conn_angle.ptnr3_symmetry'      
23 5 'Structure model' '_pdbx_struct_conn_angle.value'               
24 5 'Structure model' '_struct_conn.pdbx_dist_value'                
25 5 'Structure model' '_struct_conn.ptnr1_auth_asym_id'             
26 5 'Structure model' '_struct_conn.ptnr1_auth_comp_id'             
27 5 'Structure model' '_struct_conn.ptnr1_auth_seq_id'              
28 5 'Structure model' '_struct_conn.ptnr1_label_asym_id'            
29 5 'Structure model' '_struct_conn.ptnr1_label_atom_id'            
30 5 'Structure model' '_struct_conn.ptnr1_label_comp_id'            
31 5 'Structure model' '_struct_conn.ptnr1_label_seq_id'             
32 5 'Structure model' '_struct_conn.ptnr2_auth_asym_id'             
33 5 'Structure model' '_struct_conn.ptnr2_auth_comp_id'             
34 5 'Structure model' '_struct_conn.ptnr2_auth_seq_id'              
35 5 'Structure model' '_struct_conn.ptnr2_label_asym_id'            
36 5 'Structure model' '_struct_conn.ptnr2_label_atom_id'            
37 5 'Structure model' '_struct_conn.ptnr2_label_comp_id'            
38 5 'Structure model' '_struct_conn.ptnr2_symmetry'                 
39 5 'Structure model' '_struct_site.pdbx_auth_asym_id'              
40 5 'Structure model' '_struct_site.pdbx_auth_comp_id'              
41 5 'Structure model' '_struct_site.pdbx_auth_seq_id'               
# 
_database_PDB_caveat.id     1 
_database_PDB_caveat.text   'SER A 326 HAS WRONG CHIRALITY AT ATOM CA' 
# 
_pdbx_database_status.status_code                     REL 
_pdbx_database_status.entry_id                        2BOP 
_pdbx_database_status.recvd_initial_deposition_date   1994-01-13 
_pdbx_database_status.deposit_site                    BNL 
_pdbx_database_status.process_site                    BNL 
_pdbx_database_status.SG_entry                        . 
_pdbx_database_status.pdb_format_compatible           Y 
_pdbx_database_status.status_code_mr                  ? 
_pdbx_database_status.status_code_sf                  ? 
_pdbx_database_status.status_code_cs                  ? 
_pdbx_database_status.methods_development_category    ? 
_pdbx_database_status.status_code_nmr_data            ? 
# 
loop_
_audit_author.name 
_audit_author.pdbx_ordinal 
'Hegde, R.S.'    1 
'Grossman, S.R.' 2 
'Laimins, L.A.'  3 
'Sigler, P.B.'   4 
# 
_citation.id                        primary 
_citation.title                     
'Crystal structure at 1.7 A of the bovine papillomavirus-1 E2 DNA-binding domain bound to its DNA target.' 
_citation.journal_abbrev            Nature 
_citation.journal_volume            359 
_citation.page_first                505 
_citation.page_last                 512 
_citation.year                      1992 
_citation.journal_id_ASTM           NATUAS 
_citation.country                   UK 
_citation.journal_id_ISSN           0028-0836 
_citation.journal_id_CSD            0006 
_citation.book_publisher            ? 
_citation.pdbx_database_id_PubMed   1328886 
_citation.pdbx_database_id_DOI      10.1038/359505a0 
# 
loop_
_citation_author.citation_id 
_citation_author.name 
_citation_author.ordinal 
_citation_author.identifier_ORCID 
primary 'Hegde, R.S.'    1 ? 
primary 'Grossman, S.R.' 2 ? 
primary 'Laimins, L.A.'  3 ? 
primary 'Sigler, P.B.'   4 ? 
# 
loop_
_entity.id 
_entity.type 
_entity.src_method 
_entity.pdbx_description 
_entity.formula_weight 
_entity.pdbx_number_of_molecules 
_entity.pdbx_ec 
_entity.pdbx_mutation 
_entity.pdbx_fragment 
_entity.details 
1 polymer     syn 
;DNA (5'-D(*CP*CP*GP*AP*CP*CP*GP*AP*CP*GP*TP*CP*GP*GP*TP*CP*G )-3')
;
5189.350 1   ? ? ? ? 
2 polymer     man 'PROTEIN (E2)'                                                       9620.888 1   ? ? ? ? 
3 non-polymer syn 'YTTERBIUM (III) ION'                                                173.040  2   ? ? ? ? 
4 water       nat water                                                                18.015   121 ? ? ? ? 
# 
loop_
_entity_poly.entity_id 
_entity_poly.type 
_entity_poly.nstd_linkage 
_entity_poly.nstd_monomer 
_entity_poly.pdbx_seq_one_letter_code 
_entity_poly.pdbx_seq_one_letter_code_can 
_entity_poly.pdbx_strand_id 
_entity_poly.pdbx_target_identifier 
1 polydeoxyribonucleotide no no '(DC)(DC)(DG)(DA)(DC)(DC)(DG)(DA)(DC)(DG)(DT)(DC)(DG)(DG)(DT)(DC)(DG)'                   
CCGACCGACGTCGGTCG                                                                        B ? 
2 'polypeptide(L)'        no no 
;SCFALISGTANQVKCYRFRVKKNHRHRYENCTTTWFTVADNGAERQGQAQILITFGSPSQRQDFLKHVPLPPGMNISGFT
ASLDF
;
;SCFALISGTANQVKCYRFRVKKNHRHRYENCTTTWFTVADNGAERQGQAQILITFGSPSQRQDFLKHVPLPPGMNISGFT
ASLDF
;
A ? 
# 
loop_
_pdbx_entity_nonpoly.entity_id 
_pdbx_entity_nonpoly.name 
_pdbx_entity_nonpoly.comp_id 
3 'YTTERBIUM (III) ION' YB  
4 water                 HOH 
# 
loop_
_entity_poly_seq.entity_id 
_entity_poly_seq.num 
_entity_poly_seq.mon_id 
_entity_poly_seq.hetero 
1 1  DC  n 
1 2  DC  n 
1 3  DG  n 
1 4  DA  n 
1 5  DC  n 
1 6  DC  n 
1 7  DG  n 
1 8  DA  n 
1 9  DC  n 
1 10 DG  n 
1 11 DT  n 
1 12 DC  n 
1 13 DG  n 
1 14 DG  n 
1 15 DT  n 
1 16 DC  n 
1 17 DG  n 
2 1  SER n 
2 2  CYS n 
2 3  PHE n 
2 4  ALA n 
2 5  LEU n 
2 6  ILE n 
2 7  SER n 
2 8  GLY n 
2 9  THR n 
2 10 ALA n 
2 11 ASN n 
2 12 GLN n 
2 13 VAL n 
2 14 LYS n 
2 15 CYS n 
2 16 TYR n 
2 17 ARG n 
2 18 PHE n 
2 19 ARG n 
2 20 VAL n 
2 21 LYS n 
2 22 LYS n 
2 23 ASN n 
2 24 HIS n 
2 25 ARG n 
2 26 HIS n 
2 27 ARG n 
2 28 TYR n 
2 29 GLU n 
2 30 ASN n 
2 31 CYS n 
2 32 THR n 
2 33 THR n 
2 34 THR n 
2 35 TRP n 
2 36 PHE n 
2 37 THR n 
2 38 VAL n 
2 39 ALA n 
2 40 ASP n 
2 41 ASN n 
2 42 GLY n 
2 43 ALA n 
2 44 GLU n 
2 45 ARG n 
2 46 GLN n 
2 47 GLY n 
2 48 GLN n 
2 49 ALA n 
2 50 GLN n 
2 51 ILE n 
2 52 LEU n 
2 53 ILE n 
2 54 THR n 
2 55 PHE n 
2 56 GLY n 
2 57 SER n 
2 58 PRO n 
2 59 SER n 
2 60 GLN n 
2 61 ARG n 
2 62 GLN n 
2 63 ASP n 
2 64 PHE n 
2 65 LEU n 
2 66 LYS n 
2 67 HIS n 
2 68 VAL n 
2 69 PRO n 
2 70 LEU n 
2 71 PRO n 
2 72 PRO n 
2 73 GLY n 
2 74 MET n 
2 75 ASN n 
2 76 ILE n 
2 77 SER n 
2 78 GLY n 
2 79 PHE n 
2 80 THR n 
2 81 ALA n 
2 82 SER n 
2 83 LEU n 
2 84 ASP n 
2 85 PHE n 
# 
_entity_src_gen.entity_id                          2 
_entity_src_gen.pdbx_src_id                        1 
_entity_src_gen.pdbx_alt_source_flag               sample 
_entity_src_gen.pdbx_seq_type                      ? 
_entity_src_gen.pdbx_beg_seq_num                   ? 
_entity_src_gen.pdbx_end_seq_num                   ? 
_entity_src_gen.gene_src_common_name               ? 
_entity_src_gen.gene_src_genus                     Deltapapillomavirus 
_entity_src_gen.pdbx_gene_src_gene                 ? 
_entity_src_gen.gene_src_species                   'Bovine papillomavirus - 1' 
_entity_src_gen.gene_src_strain                    ? 
_entity_src_gen.gene_src_tissue                    ? 
_entity_src_gen.gene_src_tissue_fraction           ? 
_entity_src_gen.gene_src_details                   ? 
_entity_src_gen.pdbx_gene_src_fragment             ? 
_entity_src_gen.pdbx_gene_src_scientific_name      'Bovine papillomavirus type 1' 
_entity_src_gen.pdbx_gene_src_ncbi_taxonomy_id     10559 
_entity_src_gen.pdbx_gene_src_variant              ? 
_entity_src_gen.pdbx_gene_src_cell_line            ? 
_entity_src_gen.pdbx_gene_src_atcc                 ? 
_entity_src_gen.pdbx_gene_src_organ                ? 
_entity_src_gen.pdbx_gene_src_organelle            ? 
_entity_src_gen.pdbx_gene_src_cell                 ? 
_entity_src_gen.pdbx_gene_src_cellular_location    ? 
_entity_src_gen.host_org_common_name               ? 
_entity_src_gen.pdbx_host_org_scientific_name      'Escherichia coli' 
_entity_src_gen.pdbx_host_org_ncbi_taxonomy_id     562 
_entity_src_gen.host_org_genus                     Escherichia 
_entity_src_gen.pdbx_host_org_gene                 ? 
_entity_src_gen.pdbx_host_org_organ                ? 
_entity_src_gen.host_org_species                   ? 
_entity_src_gen.pdbx_host_org_tissue               ? 
_entity_src_gen.pdbx_host_org_tissue_fraction      ? 
_entity_src_gen.pdbx_host_org_strain               ? 
_entity_src_gen.pdbx_host_org_variant              ? 
_entity_src_gen.pdbx_host_org_cell_line            ? 
_entity_src_gen.pdbx_host_org_atcc                 ? 
_entity_src_gen.pdbx_host_org_culture_collection   ? 
_entity_src_gen.pdbx_host_org_cell                 ? 
_entity_src_gen.pdbx_host_org_organelle            ? 
_entity_src_gen.pdbx_host_org_cellular_location    ? 
_entity_src_gen.pdbx_host_org_vector_type          ? 
_entity_src_gen.pdbx_host_org_vector               ? 
_entity_src_gen.host_org_details                   ? 
_entity_src_gen.expression_system_id               ? 
_entity_src_gen.plasmid_name                       ? 
_entity_src_gen.plasmid_details                    ? 
_entity_src_gen.pdbx_description                   ? 
# 
loop_
_chem_comp.id 
_chem_comp.type 
_chem_comp.mon_nstd_flag 
_chem_comp.name 
_chem_comp.pdbx_synonyms 
_chem_comp.formula 
_chem_comp.formula_weight 
ALA 'L-peptide linking' y ALANINE                              ? 'C3 H7 N O2'      89.093  
ARG 'L-peptide linking' y ARGININE                             ? 'C6 H15 N4 O2 1'  175.209 
ASN 'L-peptide linking' y ASPARAGINE                           ? 'C4 H8 N2 O3'     132.118 
ASP 'L-peptide linking' y 'ASPARTIC ACID'                      ? 'C4 H7 N O4'      133.103 
CYS 'L-peptide linking' y CYSTEINE                             ? 'C3 H7 N O2 S'    121.158 
DA  'DNA linking'       y "2'-DEOXYADENOSINE-5'-MONOPHOSPHATE" ? 'C10 H14 N5 O6 P' 331.222 
DC  'DNA linking'       y "2'-DEOXYCYTIDINE-5'-MONOPHOSPHATE"  ? 'C9 H14 N3 O7 P'  307.197 
DG  'DNA linking'       y "2'-DEOXYGUANOSINE-5'-MONOPHOSPHATE" ? 'C10 H14 N5 O7 P' 347.221 
DT  'DNA linking'       y "THYMIDINE-5'-MONOPHOSPHATE"         ? 'C10 H15 N2 O8 P' 322.208 
GLN 'L-peptide linking' y GLUTAMINE                            ? 'C5 H10 N2 O3'    146.144 
GLU 'L-peptide linking' y 'GLUTAMIC ACID'                      ? 'C5 H9 N O4'      147.129 
GLY 'peptide linking'   y GLYCINE                              ? 'C2 H5 N O2'      75.067  
HIS 'L-peptide linking' y HISTIDINE                            ? 'C6 H10 N3 O2 1'  156.162 
HOH non-polymer         . WATER                                ? 'H2 O'            18.015  
ILE 'L-peptide linking' y ISOLEUCINE                           ? 'C6 H13 N O2'     131.173 
LEU 'L-peptide linking' y LEUCINE                              ? 'C6 H13 N O2'     131.173 
LYS 'L-peptide linking' y LYSINE                               ? 'C6 H15 N2 O2 1'  147.195 
MET 'L-peptide linking' y METHIONINE                           ? 'C5 H11 N O2 S'   149.211 
PHE 'L-peptide linking' y PHENYLALANINE                        ? 'C9 H11 N O2'     165.189 
PRO 'L-peptide linking' y PROLINE                              ? 'C5 H9 N O2'      115.130 
SER 'L-peptide linking' y SERINE                               ? 'C3 H7 N O3'      105.093 
THR 'L-peptide linking' y THREONINE                            ? 'C4 H9 N O3'      119.119 
TRP 'L-peptide linking' y TRYPTOPHAN                           ? 'C11 H12 N2 O2'   204.225 
TYR 'L-peptide linking' y TYROSINE                             ? 'C9 H11 N O3'     181.189 
VAL 'L-peptide linking' y VALINE                               ? 'C5 H11 N O2'     117.146 
YB  non-polymer         . 'YTTERBIUM (III) ION'                ? 'Yb 3'            173.040 
# 
loop_
_pdbx_poly_seq_scheme.asym_id 
_pdbx_poly_seq_scheme.entity_id 
_pdbx_poly_seq_scheme.seq_id 
_pdbx_poly_seq_scheme.mon_id 
_pdbx_poly_seq_scheme.ndb_seq_num 
_pdbx_poly_seq_scheme.pdb_seq_num 
_pdbx_poly_seq_scheme.auth_seq_num 
_pdbx_poly_seq_scheme.pdb_mon_id 
_pdbx_poly_seq_scheme.auth_mon_id 
_pdbx_poly_seq_scheme.pdb_strand_id 
_pdbx_poly_seq_scheme.pdb_ins_code 
_pdbx_poly_seq_scheme.hetero 
A 1 1  DC  1  1   1   DC  C   B . n 
A 1 2  DC  2  2   2   DC  C   B . n 
A 1 3  DG  3  3   3   DG  G   B . n 
A 1 4  DA  4  4   4   DA  A   B . n 
A 1 5  DC  5  5   5   DC  C   B . n 
A 1 6  DC  6  6   6   DC  C   B . n 
A 1 7  DG  7  7   7   DG  G   B . n 
A 1 8  DA  8  8   8   DA  A   B . n 
A 1 9  DC  9  9   9   DC  C   B . n 
A 1 10 DG  10 10  10  DG  G   B . n 
A 1 11 DT  11 11  11  DT  T   B . n 
A 1 12 DC  12 12  12  DC  C   B . n 
A 1 13 DG  13 13  13  DG  G   B . n 
A 1 14 DG  14 14  14  DG  G   B . n 
A 1 15 DT  15 15  15  DT  T   B . n 
A 1 16 DC  16 16  16  DC  C   B . n 
A 1 17 DG  17 17  17  DG  G   B . n 
B 2 1  SER 1  326 326 SER SER A . n 
B 2 2  CYS 2  327 327 CYS CYS A . n 
B 2 3  PHE 3  328 328 PHE PHE A . n 
B 2 4  ALA 4  329 329 ALA ALA A . n 
B 2 5  LEU 5  330 330 LEU LEU A . n 
B 2 6  ILE 6  331 331 ILE ILE A . n 
B 2 7  SER 7  332 332 SER SER A . n 
B 2 8  GLY 8  333 333 GLY GLY A . n 
B 2 9  THR 9  334 334 THR THR A . n 
B 2 10 ALA 10 335 335 ALA ALA A . n 
B 2 11 ASN 11 336 336 ASN ASN A . n 
B 2 12 GLN 12 337 337 GLN GLN A . n 
B 2 13 VAL 13 338 338 VAL VAL A . n 
B 2 14 LYS 14 339 339 LYS LYS A . n 
B 2 15 CYS 15 340 340 CYS CYS A . n 
B 2 16 TYR 16 341 341 TYR TYR A . n 
B 2 17 ARG 17 342 342 ARG ARG A . n 
B 2 18 PHE 18 343 343 PHE PHE A . n 
B 2 19 ARG 19 344 344 ARG ARG A . n 
B 2 20 VAL 20 345 345 VAL VAL A . n 
B 2 21 LYS 21 346 346 LYS LYS A . n 
B 2 22 LYS 22 347 347 LYS LYS A . n 
B 2 23 ASN 23 348 348 ASN ASN A . n 
B 2 24 HIS 24 349 349 HIS HIS A . n 
B 2 25 ARG 25 350 350 ARG ARG A . n 
B 2 26 HIS 26 351 351 HIS HIS A . n 
B 2 27 ARG 27 352 352 ARG ARG A . n 
B 2 28 TYR 28 353 353 TYR TYR A . n 
B 2 29 GLU 29 354 354 GLU GLU A . n 
B 2 30 ASN 30 355 355 ASN ASN A . n 
B 2 31 CYS 31 356 356 CYS CYS A . n 
B 2 32 THR 32 357 357 THR THR A . n 
B 2 33 THR 33 358 358 THR THR A . n 
B 2 34 THR 34 359 359 THR THR A . n 
B 2 35 TRP 35 360 360 TRP TRP A . n 
B 2 36 PHE 36 361 361 PHE PHE A . n 
B 2 37 THR 37 362 362 THR THR A . n 
B 2 38 VAL 38 363 363 VAL VAL A . n 
B 2 39 ALA 39 364 364 ALA ALA A . n 
B 2 40 ASP 40 365 365 ASP ASP A . n 
B 2 41 ASN 41 366 366 ASN ASN A . n 
B 2 42 GLY 42 367 367 GLY GLY A . n 
B 2 43 ALA 43 368 368 ALA ALA A . n 
B 2 44 GLU 44 369 369 GLU GLU A . n 
B 2 45 ARG 45 370 370 ARG ARG A . n 
B 2 46 GLN 46 371 371 GLN GLN A . n 
B 2 47 GLY 47 372 372 GLY GLY A . n 
B 2 48 GLN 48 373 373 GLN GLN A . n 
B 2 49 ALA 49 374 374 ALA ALA A . n 
B 2 50 GLN 50 375 375 GLN GLN A . n 
B 2 51 ILE 51 376 376 ILE ILE A . n 
B 2 52 LEU 52 377 377 LEU LEU A . n 
B 2 53 ILE 53 378 378 ILE ILE A . n 
B 2 54 THR 54 379 379 THR THR A . n 
B 2 55 PHE 55 380 380 PHE PHE A . n 
B 2 56 GLY 56 381 381 GLY GLY A . n 
B 2 57 SER 57 382 382 SER SER A . n 
B 2 58 PRO 58 383 383 PRO PRO A . n 
B 2 59 SER 59 384 384 SER SER A . n 
B 2 60 GLN 60 385 385 GLN GLN A . n 
B 2 61 ARG 61 386 386 ARG ARG A . n 
B 2 62 GLN 62 387 387 GLN GLN A . n 
B 2 63 ASP 63 388 388 ASP ASP A . n 
B 2 64 PHE 64 389 389 PHE PHE A . n 
B 2 65 LEU 65 390 390 LEU LEU A . n 
B 2 66 LYS 66 391 391 LYS LYS A . n 
B 2 67 HIS 67 392 392 HIS HIS A . n 
B 2 68 VAL 68 393 393 VAL VAL A . n 
B 2 69 PRO 69 394 394 PRO PRO A . n 
B 2 70 LEU 70 395 395 LEU LEU A . n 
B 2 71 PRO 71 396 396 PRO PRO A . n 
B 2 72 PRO 72 397 397 PRO PRO A . n 
B 2 73 GLY 73 398 398 GLY GLY A . n 
B 2 74 MET 74 399 399 MET MET A . n 
B 2 75 ASN 75 400 400 ASN ASN A . n 
B 2 76 ILE 76 401 401 ILE ILE A . n 
B 2 77 SER 77 402 402 SER SER A . n 
B 2 78 GLY 78 403 403 GLY GLY A . n 
B 2 79 PHE 79 404 404 PHE PHE A . n 
B 2 80 THR 80 405 405 THR THR A . n 
B 2 81 ALA 81 406 406 ALA ALA A . n 
B 2 82 SER 82 407 407 SER SER A . n 
B 2 83 LEU 83 408 408 LEU LEU A . n 
B 2 84 ASP 84 409 409 ASP ASP A . n 
B 2 85 PHE 85 410 410 PHE PHE A . n 
# 
loop_
_pdbx_nonpoly_scheme.asym_id 
_pdbx_nonpoly_scheme.entity_id 
_pdbx_nonpoly_scheme.mon_id 
_pdbx_nonpoly_scheme.ndb_seq_num 
_pdbx_nonpoly_scheme.pdb_seq_num 
_pdbx_nonpoly_scheme.auth_seq_num 
_pdbx_nonpoly_scheme.pdb_mon_id 
_pdbx_nonpoly_scheme.auth_mon_id 
_pdbx_nonpoly_scheme.pdb_strand_id 
_pdbx_nonpoly_scheme.pdb_ins_code 
C 3 YB  1  500 500 YB  YB  B . 
D 3 YB  1  499 499 YB  YB  A . 
E 4 HOH 1  502 502 HOH HOH B . 
E 4 HOH 2  503 503 HOH HOH B . 
E 4 HOH 3  504 504 HOH HOH B . 
E 4 HOH 4  506 506 HOH HOH B . 
E 4 HOH 5  507 507 HOH HOH B . 
E 4 HOH 6  508 508 HOH HOH B . 
E 4 HOH 7  511 511 HOH HOH B . 
E 4 HOH 8  513 513 HOH HOH B . 
E 4 HOH 9  514 514 HOH HOH B . 
E 4 HOH 10 515 515 HOH HOH B . 
E 4 HOH 11 516 516 HOH HOH B . 
E 4 HOH 12 517 517 HOH HOH B . 
E 4 HOH 13 518 518 HOH HOH B . 
E 4 HOH 14 521 521 HOH HOH B . 
E 4 HOH 15 522 522 HOH HOH B . 
E 4 HOH 16 525 525 HOH HOH B . 
E 4 HOH 17 529 529 HOH HOH B . 
E 4 HOH 18 532 532 HOH HOH B . 
E 4 HOH 19 537 537 HOH HOH B . 
E 4 HOH 20 543 543 HOH HOH B . 
E 4 HOH 21 544 544 HOH HOH B . 
E 4 HOH 22 553 553 HOH HOH B . 
E 4 HOH 23 563 563 HOH HOH B . 
E 4 HOH 24 564 564 HOH HOH B . 
E 4 HOH 25 566 566 HOH HOH B . 
E 4 HOH 26 567 567 HOH HOH B . 
E 4 HOH 27 575 575 HOH HOH B . 
E 4 HOH 28 576 576 HOH HOH B . 
E 4 HOH 29 577 577 HOH HOH B . 
E 4 HOH 30 578 578 HOH HOH B . 
E 4 HOH 31 579 579 HOH HOH B . 
E 4 HOH 32 585 585 HOH HOH B . 
E 4 HOH 33 589 589 HOH HOH B . 
E 4 HOH 34 597 597 HOH HOH B . 
E 4 HOH 35 601 601 HOH HOH B . 
E 4 HOH 36 602 602 HOH HOH B . 
E 4 HOH 37 603 603 HOH HOH B . 
E 4 HOH 38 604 604 HOH HOH B . 
E 4 HOH 39 605 605 HOH HOH B . 
E 4 HOH 40 606 606 HOH HOH B . 
E 4 HOH 41 607 607 HOH HOH B . 
E 4 HOH 42 608 608 HOH HOH B . 
E 4 HOH 43 609 609 HOH HOH B . 
E 4 HOH 44 610 610 HOH HOH B . 
E 4 HOH 45 611 611 HOH HOH B . 
E 4 HOH 46 612 612 HOH HOH B . 
E 4 HOH 47 613 613 HOH HOH B . 
E 4 HOH 48 615 615 HOH HOH B . 
E 4 HOH 49 617 617 HOH HOH B . 
E 4 HOH 50 618 618 HOH HOH B . 
E 4 HOH 51 620 620 HOH HOH B . 
E 4 HOH 52 621 621 HOH HOH B . 
F 4 HOH 1  501 501 HOH HOH A . 
F 4 HOH 2  505 505 HOH HOH A . 
F 4 HOH 3  509 509 HOH HOH A . 
F 4 HOH 4  510 510 HOH HOH A . 
F 4 HOH 5  512 512 HOH HOH A . 
F 4 HOH 6  519 519 HOH HOH A . 
F 4 HOH 7  520 520 HOH HOH A . 
F 4 HOH 8  523 523 HOH HOH A . 
F 4 HOH 9  524 524 HOH HOH A . 
F 4 HOH 10 526 526 HOH HOH A . 
F 4 HOH 11 527 527 HOH HOH A . 
F 4 HOH 12 528 528 HOH HOH A . 
F 4 HOH 13 530 530 HOH HOH A . 
F 4 HOH 14 531 531 HOH HOH A . 
F 4 HOH 15 533 533 HOH HOH A . 
F 4 HOH 16 534 534 HOH HOH A . 
F 4 HOH 17 535 535 HOH HOH A . 
F 4 HOH 18 536 536 HOH HOH A . 
F 4 HOH 19 538 538 HOH HOH A . 
F 4 HOH 20 539 539 HOH HOH A . 
F 4 HOH 21 540 540 HOH HOH A . 
F 4 HOH 22 541 541 HOH HOH A . 
F 4 HOH 23 542 542 HOH HOH A . 
F 4 HOH 24 545 545 HOH HOH A . 
F 4 HOH 25 546 546 HOH HOH A . 
F 4 HOH 26 547 547 HOH HOH A . 
F 4 HOH 27 548 548 HOH HOH A . 
F 4 HOH 28 549 549 HOH HOH A . 
F 4 HOH 29 550 550 HOH HOH A . 
F 4 HOH 30 551 551 HOH HOH A . 
F 4 HOH 31 552 552 HOH HOH A . 
F 4 HOH 32 554 554 HOH HOH A . 
F 4 HOH 33 555 555 HOH HOH A . 
F 4 HOH 34 556 556 HOH HOH A . 
F 4 HOH 35 557 557 HOH HOH A . 
F 4 HOH 36 558 558 HOH HOH A . 
F 4 HOH 37 559 559 HOH HOH A . 
F 4 HOH 38 560 560 HOH HOH A . 
F 4 HOH 39 561 561 HOH HOH A . 
F 4 HOH 40 562 562 HOH HOH A . 
F 4 HOH 41 565 565 HOH HOH A . 
F 4 HOH 42 568 568 HOH HOH A . 
F 4 HOH 43 569 569 HOH HOH A . 
F 4 HOH 44 570 570 HOH HOH A . 
F 4 HOH 45 571 571 HOH HOH A . 
F 4 HOH 46 572 572 HOH HOH A . 
F 4 HOH 47 573 573 HOH HOH A . 
F 4 HOH 48 574 574 HOH HOH A . 
F 4 HOH 49 580 580 HOH HOH A . 
F 4 HOH 50 581 581 HOH HOH A . 
F 4 HOH 51 582 582 HOH HOH A . 
F 4 HOH 52 583 583 HOH HOH A . 
F 4 HOH 53 584 584 HOH HOH A . 
F 4 HOH 54 586 586 HOH HOH A . 
F 4 HOH 55 587 587 HOH HOH A . 
F 4 HOH 56 588 588 HOH HOH A . 
F 4 HOH 57 590 590 HOH HOH A . 
F 4 HOH 58 591 591 HOH HOH A . 
F 4 HOH 59 592 592 HOH HOH A . 
F 4 HOH 60 593 593 HOH HOH A . 
F 4 HOH 61 594 594 HOH HOH A . 
F 4 HOH 62 595 595 HOH HOH A . 
F 4 HOH 63 596 596 HOH HOH A . 
F 4 HOH 64 598 598 HOH HOH A . 
F 4 HOH 65 599 599 HOH HOH A . 
F 4 HOH 66 600 600 HOH HOH A . 
F 4 HOH 67 614 614 HOH HOH A . 
F 4 HOH 68 616 616 HOH HOH A . 
F 4 HOH 69 619 619 HOH HOH A . 
# 
loop_
_software.name 
_software.classification 
_software.version 
_software.citation_id 
_software.pdbx_ordinal 
NUCLSQ refinement . ? 1 
PROFFT refinement . ? 2 
# 
_cell.entry_id           2BOP 
_cell.length_a           64.600 
_cell.length_b           64.600 
_cell.length_c           64.600 
_cell.angle_alpha        61.80 
_cell.angle_beta         61.80 
_cell.angle_gamma        61.80 
_cell.Z_PDB              6 
_cell.pdbx_unique_axis   ? 
# 
_symmetry.entry_id                         2BOP 
_symmetry.space_group_name_H-M             'R 3 2' 
_symmetry.pdbx_full_space_group_name_H-M   ? 
_symmetry.cell_setting                     ? 
_symmetry.Int_Tables_number                155 
# 
_exptl.entry_id          2BOP 
_exptl.method            'X-RAY DIFFRACTION' 
_exptl.crystals_number   ? 
# 
_exptl_crystal.id                    1 
_exptl_crystal.density_meas          ? 
_exptl_crystal.density_Matthews      2.20 
_exptl_crystal.density_percent_sol   43.98 
_exptl_crystal.description           ? 
# 
_exptl_crystal_grow.crystal_id      1 
_exptl_crystal_grow.method          'VAPOR DIFFUSION, HANGING DROP' 
_exptl_crystal_grow.temp            ? 
_exptl_crystal_grow.temp_details    'ROOM TEMPERATURE' 
_exptl_crystal_grow.pH              7.50 
_exptl_crystal_grow.pdbx_details    'pH 7.50, VAPOR DIFFUSION, HANGING DROP' 
_exptl_crystal_grow.pdbx_pH_range   ? 
# 
loop_
_exptl_crystal_grow_comp.crystal_id 
_exptl_crystal_grow_comp.id 
_exptl_crystal_grow_comp.sol_id 
_exptl_crystal_grow_comp.name 
_exptl_crystal_grow_comp.volume 
_exptl_crystal_grow_comp.conc 
_exptl_crystal_grow_comp.details 
1 1 1 WATER                ? ? ? 
1 2 1 'PEG 3350'           ? ? ? 
1 3 1 BIS-TRIS-PROPANE_HCL ? ? ? 
1 4 1 NACL                 ? ? ? 
1 5 1 KCL                  ? ? ? 
1 6 1 CACL2                ? ? ? 
1 7 1 YBCL3                ? ? ? 
1 8 2 WATER                ? ? ? 
1 9 2 'PEG 3350'           ? ? ? 
# 
_diffrn.id                     1 
_diffrn.ambient_temp           ? 
_diffrn.ambient_temp_details   'ROOM TEMPERATURE' 
_diffrn.crystal_id             1 
# 
_diffrn_detector.diffrn_id              1 
_diffrn_detector.detector               'AREA DETECTOR' 
_diffrn_detector.type                   SDMS 
_diffrn_detector.pdbx_collection_date   ? 
_diffrn_detector.details                ? 
# 
_diffrn_radiation.diffrn_id                        1 
_diffrn_radiation.wavelength_id                    1 
_diffrn_radiation.pdbx_monochromatic_or_laue_m_l   M 
_diffrn_radiation.monochromator                    ? 
_diffrn_radiation.pdbx_diffrn_protocol             'SINGLE WAVELENGTH' 
_diffrn_radiation.pdbx_scattering_type             x-ray 
# 
_diffrn_radiation_wavelength.id           1 
_diffrn_radiation_wavelength.wavelength   . 
_diffrn_radiation_wavelength.wt           1.0 
# 
_diffrn_source.diffrn_id                   1 
_diffrn_source.source                      ? 
_diffrn_source.type                        ? 
_diffrn_source.pdbx_synchrotron_site       ? 
_diffrn_source.pdbx_synchrotron_beamline   ? 
_diffrn_source.pdbx_wavelength             ? 
_diffrn_source.pdbx_wavelength_list        ? 
# 
_reflns.entry_id                     2BOP 
_reflns.observed_criterion_sigma_I   ? 
_reflns.observed_criterion_sigma_F   ? 
_reflns.d_resolution_low             ? 
_reflns.d_resolution_high            1.700 
_reflns.number_obs                   ? 
_reflns.number_all                   ? 
_reflns.percent_possible_obs         ? 
_reflns.pdbx_Rmerge_I_obs            ? 
_reflns.pdbx_Rsym_value              ? 
_reflns.pdbx_netI_over_sigmaI        ? 
_reflns.B_iso_Wilson_estimate        ? 
_reflns.pdbx_redundancy              ? 
_reflns.R_free_details               ? 
_reflns.pdbx_diffrn_id               1 
_reflns.pdbx_ordinal                 1 
# 
_refine.entry_id                                 2BOP 
_refine.ls_number_reflns_obs                     22798 
_refine.ls_number_reflns_all                     ? 
_refine.pdbx_ls_sigma_I                          ? 
_refine.pdbx_ls_sigma_F                          ? 
_refine.pdbx_data_cutoff_high_absF               ? 
_refine.pdbx_data_cutoff_low_absF                ? 
_refine.pdbx_data_cutoff_high_rms_absF           ? 
_refine.ls_d_res_low                             6.000 
_refine.ls_d_res_high                            1.700 
_refine.ls_percent_reflns_obs                    ? 
_refine.ls_R_factor_obs                          0.2007000 
_refine.ls_R_factor_all                          ? 
_refine.ls_R_factor_R_work                       ? 
_refine.ls_R_factor_R_free                       ? 
_refine.ls_R_factor_R_free_error                 ? 
_refine.ls_R_factor_R_free_error_details         ? 
_refine.ls_percent_reflns_R_free                 ? 
_refine.ls_number_reflns_R_free                  ? 
_refine.ls_number_parameters                     ? 
_refine.ls_number_restraints                     ? 
_refine.occupancy_min                            ? 
_refine.occupancy_max                            ? 
_refine.B_iso_mean                               ? 
_refine.aniso_B[1][1]                            ? 
_refine.aniso_B[2][2]                            ? 
_refine.aniso_B[3][3]                            ? 
_refine.aniso_B[1][2]                            ? 
_refine.aniso_B[1][3]                            ? 
_refine.aniso_B[2][3]                            ? 
_refine.solvent_model_details                    ? 
_refine.solvent_model_param_ksol                 ? 
_refine.solvent_model_param_bsol                 ? 
_refine.pdbx_ls_cross_valid_method               ? 
_refine.details                                  ? 
_refine.pdbx_starting_model                      ? 
_refine.pdbx_method_to_determine_struct          ? 
_refine.pdbx_isotropic_thermal_model             ? 
_refine.pdbx_stereochemistry_target_values       ? 
_refine.pdbx_stereochem_target_val_spec_case     ? 
_refine.pdbx_R_Free_selection_details            ? 
_refine.pdbx_overall_ESU_R                       ? 
_refine.pdbx_overall_ESU_R_Free                  ? 
_refine.overall_SU_ML                            ? 
_refine.overall_SU_B                             ? 
_refine.ls_redundancy_reflns_obs                 ? 
_refine.pdbx_refine_id                           'X-RAY DIFFRACTION' 
_refine.pdbx_diffrn_id                           1 
_refine.pdbx_TLS_residual_ADP_flag               ? 
_refine.correlation_coeff_Fo_to_Fc               ? 
_refine.correlation_coeff_Fo_to_Fc_free          ? 
_refine.pdbx_solvent_vdw_probe_radii             ? 
_refine.pdbx_solvent_ion_probe_radii             ? 
_refine.pdbx_solvent_shrinkage_radii             ? 
_refine.pdbx_overall_phase_error                 ? 
_refine.overall_SU_R_Cruickshank_DPI             ? 
_refine.pdbx_overall_SU_R_free_Cruickshank_DPI   ? 
_refine.pdbx_overall_SU_R_Blow_DPI               ? 
_refine.pdbx_overall_SU_R_free_Blow_DPI          ? 
# 
_refine_hist.pdbx_refine_id                   'X-RAY DIFFRACTION' 
_refine_hist.cycle_id                         LAST 
_refine_hist.pdbx_number_atoms_protein        677 
_refine_hist.pdbx_number_atoms_nucleic_acid   344 
_refine_hist.pdbx_number_atoms_ligand         2 
_refine_hist.number_atoms_solvent             121 
_refine_hist.number_atoms_total               1144 
_refine_hist.d_res_high                       1.700 
_refine_hist.d_res_low                        6.000 
# 
loop_
_refine_ls_restr.type 
_refine_ls_restr.dev_ideal 
_refine_ls_restr.dev_ideal_target 
_refine_ls_restr.weight 
_refine_ls_restr.number 
_refine_ls_restr.pdbx_refine_id 
_refine_ls_restr.pdbx_restraint_function 
n_bond_d               0.020 ? ? ? 'X-RAY DIFFRACTION' ? 
n_angle_d              ?     ? ? ? 'X-RAY DIFFRACTION' ? 
n_planar_d             ?     ? ? ? 'X-RAY DIFFRACTION' ? 
n_hb_or_metal_coord    ?     ? ? ? 'X-RAY DIFFRACTION' ? 
n_sugar_bond_it        ?     ? ? ? 'X-RAY DIFFRACTION' ? 
n_sugar_angle_it       ?     ? ? ? 'X-RAY DIFFRACTION' ? 
n_phos_bond_it         ?     ? ? ? 'X-RAY DIFFRACTION' ? 
n_phos_angle_it        ?     ? ? ? 'X-RAY DIFFRACTION' ? 
n_bond_angle_restr     ?     ? ? ? 'X-RAY DIFFRACTION' ? 
n_dihedral_angle_restr ?     ? ? ? 'X-RAY DIFFRACTION' ? 
n_impr_tor             ?     ? ? ? 'X-RAY DIFFRACTION' ? 
n_sugar_bond_d         ?     ? ? ? 'X-RAY DIFFRACTION' ? 
n_sugar_bond_angle_d   ?     ? ? ? 'X-RAY DIFFRACTION' ? 
n_phos_bond_d          ?     ? ? ? 'X-RAY DIFFRACTION' ? 
n_phos_bond_angle_d    ?     ? ? ? 'X-RAY DIFFRACTION' ? 
n_plane_restr          ?     ? ? ? 'X-RAY DIFFRACTION' ? 
n_chiral_restr         ?     ? ? ? 'X-RAY DIFFRACTION' ? 
n_singtor_nbd          ?     ? ? ? 'X-RAY DIFFRACTION' ? 
n_multtor_nbd          ?     ? ? ? 'X-RAY DIFFRACTION' ? 
n_xhyhbond_nbd         ?     ? ? ? 'X-RAY DIFFRACTION' ? 
p_bond_d               0.020 ? ? ? 'X-RAY DIFFRACTION' ? 
p_angle_d              ?     ? ? ? 'X-RAY DIFFRACTION' ? 
p_angle_deg            ?     ? ? ? 'X-RAY DIFFRACTION' ? 
p_planar_d             ?     ? ? ? 'X-RAY DIFFRACTION' ? 
p_hb_or_metal_coord    ?     ? ? ? 'X-RAY DIFFRACTION' ? 
p_mcbond_it            ?     ? ? ? 'X-RAY DIFFRACTION' ? 
p_mcangle_it           ?     ? ? ? 'X-RAY DIFFRACTION' ? 
p_scbond_it            ?     ? ? ? 'X-RAY DIFFRACTION' ? 
p_scangle_it           ?     ? ? ? 'X-RAY DIFFRACTION' ? 
p_plane_restr          ?     ? ? ? 'X-RAY DIFFRACTION' ? 
p_chiral_restr         ?     ? ? ? 'X-RAY DIFFRACTION' ? 
p_singtor_nbd          ?     ? ? ? 'X-RAY DIFFRACTION' ? 
p_multtor_nbd          ?     ? ? ? 'X-RAY DIFFRACTION' ? 
p_xhyhbond_nbd         ?     ? ? ? 'X-RAY DIFFRACTION' ? 
p_xyhbond_nbd          ?     ? ? ? 'X-RAY DIFFRACTION' ? 
p_planar_tor           ?     ? ? ? 'X-RAY DIFFRACTION' ? 
p_staggered_tor        ?     ? ? ? 'X-RAY DIFFRACTION' ? 
p_orthonormal_tor      ?     ? ? ? 'X-RAY DIFFRACTION' ? 
p_transverse_tor       ?     ? ? ? 'X-RAY DIFFRACTION' ? 
p_special_tor          ?     ? ? ? 'X-RAY DIFFRACTION' ? 
# 
_struct.entry_id                  2BOP 
_struct.title                     
'CRYSTAL STRUCTURE AT 1.7 ANGSTROMS OF THE BOVINE PAPILLOMAVIRUS-1 E2 DNA-BINDING DOMAIN BOUND TO ITS DNA TARGET' 
_struct.pdbx_model_details        ? 
_struct.pdbx_CASP_flag            ? 
_struct.pdbx_model_type_details   ? 
# 
_struct_keywords.entry_id        2BOP 
_struct_keywords.pdbx_keywords   TRANSCRIPTION/DNA 
_struct_keywords.text            'PROTEIN-DNA COMPLEX, DOUBLE HELIX, TRANSCRIPTION-DNA COMPLEX' 
# 
loop_
_struct_asym.id 
_struct_asym.pdbx_blank_PDB_chainid_flag 
_struct_asym.pdbx_modified 
_struct_asym.entity_id 
_struct_asym.details 
A N N 1 ? 
B N N 2 ? 
C N N 3 ? 
D N N 3 ? 
E N N 4 ? 
F N N 4 ? 
# 
loop_
_struct_ref.id 
_struct_ref.db_name 
_struct_ref.db_code 
_struct_ref.entity_id 
_struct_ref.pdbx_seq_one_letter_code 
_struct_ref.pdbx_align_begin 
_struct_ref.pdbx_db_accession 
_struct_ref.pdbx_db_isoform 
1 UNP VE2_BPV1 2 ? ? P03122 ? 
2 PDB 2BOP     1 ? ? 2BOP   ? 
# 
loop_
_struct_ref_seq.align_id 
_struct_ref_seq.ref_id 
_struct_ref_seq.pdbx_PDB_id_code 
_struct_ref_seq.pdbx_strand_id 
_struct_ref_seq.seq_align_beg 
_struct_ref_seq.pdbx_seq_align_beg_ins_code 
_struct_ref_seq.seq_align_end 
_struct_ref_seq.pdbx_seq_align_end_ins_code 
_struct_ref_seq.pdbx_db_accession 
_struct_ref_seq.db_align_beg 
_struct_ref_seq.pdbx_db_align_beg_ins_code 
_struct_ref_seq.db_align_end 
_struct_ref_seq.pdbx_db_align_end_ins_code 
_struct_ref_seq.pdbx_auth_seq_align_beg 
_struct_ref_seq.pdbx_auth_seq_align_end 
1 1 2BOP A 1 ? 85 ? P03122 326 ? 410 ? 326 410 
2 2 2BOP B 1 ? 17 ? 2BOP   1   ? 17  ? 1   17  
# 
_pdbx_struct_assembly.id                   1 
_pdbx_struct_assembly.details              author_defined_assembly 
_pdbx_struct_assembly.method_details       ? 
_pdbx_struct_assembly.oligomeric_details   tetrameric 
_pdbx_struct_assembly.oligomeric_count     4 
# 
_pdbx_struct_assembly_gen.assembly_id       1 
_pdbx_struct_assembly_gen.oper_expression   1,2 
_pdbx_struct_assembly_gen.asym_id_list      A,B,C,D,E,F 
# 
loop_
_pdbx_struct_oper_list.id 
_pdbx_struct_oper_list.type 
_pdbx_struct_oper_list.name 
_pdbx_struct_oper_list.symmetry_operation 
_pdbx_struct_oper_list.matrix[1][1] 
_pdbx_struct_oper_list.matrix[1][2] 
_pdbx_struct_oper_list.matrix[1][3] 
_pdbx_struct_oper_list.vector[1] 
_pdbx_struct_oper_list.matrix[2][1] 
_pdbx_struct_oper_list.matrix[2][2] 
_pdbx_struct_oper_list.matrix[2][3] 
_pdbx_struct_oper_list.vector[2] 
_pdbx_struct_oper_list.matrix[3][1] 
_pdbx_struct_oper_list.matrix[3][2] 
_pdbx_struct_oper_list.matrix[3][3] 
_pdbx_struct_oper_list.vector[3] 
1 'identity operation'         1_555 x,y,z          1.0000000000 0.0000000000 0.0000000000 0.0000000000  0.0000000000 1.0000000000  0.0000000000 0.0000000000   0.0000000000 0.0000000000 1.0000000000  0.0000000000 
2 'crystal symmetry operation' 4_776 -y+2,-x+2,-z+1 0.0411610349 0.0592013333 0.9973970981 -2.6902656931 0.0592013333 -0.9966337601 0.0567128773 -16.6527619316 0.9973970981 0.0567128773 -0.0445272748 3.7967480870 
# 
_struct_biol.id   1 
# 
loop_
_struct_conf.conf_type_id 
_struct_conf.id 
_struct_conf.pdbx_PDB_helix_id 
_struct_conf.beg_label_comp_id 
_struct_conf.beg_label_asym_id 
_struct_conf.beg_label_seq_id 
_struct_conf.pdbx_beg_PDB_ins_code 
_struct_conf.end_label_comp_id 
_struct_conf.end_label_asym_id 
_struct_conf.end_label_seq_id 
_struct_conf.pdbx_end_PDB_ins_code 
_struct_conf.beg_auth_comp_id 
_struct_conf.beg_auth_asym_id 
_struct_conf.beg_auth_seq_id 
_struct_conf.end_auth_comp_id 
_struct_conf.end_auth_asym_id 
_struct_conf.end_auth_seq_id 
_struct_conf.pdbx_PDB_helix_class 
_struct_conf.details 
_struct_conf.pdbx_PDB_helix_length 
HELX_P HELX_P1 A1 THR B 9  ? HIS B 24 ? THR A 334 HIS A 349 1 ? 16 
HELX_P HELX_P2 A2 SER B 57 ? VAL B 68 ? SER A 382 VAL A 393 1 ? 12 
# 
_struct_conf_type.id          HELX_P 
_struct_conf_type.criteria    ? 
_struct_conf_type.reference   ? 
# 
loop_
_struct_conn.id 
_struct_conn.conn_type_id 
_struct_conn.pdbx_leaving_atom_flag 
_struct_conn.pdbx_PDB_id 
_struct_conn.ptnr1_label_asym_id 
_struct_conn.ptnr1_label_comp_id 
_struct_conn.ptnr1_label_seq_id 
_struct_conn.ptnr1_label_atom_id 
_struct_conn.pdbx_ptnr1_label_alt_id 
_struct_conn.pdbx_ptnr1_PDB_ins_code 
_struct_conn.pdbx_ptnr1_standard_comp_id 
_struct_conn.ptnr1_symmetry 
_struct_conn.ptnr2_label_asym_id 
_struct_conn.ptnr2_label_comp_id 
_struct_conn.ptnr2_label_seq_id 
_struct_conn.ptnr2_label_atom_id 
_struct_conn.pdbx_ptnr2_label_alt_id 
_struct_conn.pdbx_ptnr2_PDB_ins_code 
_struct_conn.ptnr1_auth_asym_id 
_struct_conn.ptnr1_auth_comp_id 
_struct_conn.ptnr1_auth_seq_id 
_struct_conn.ptnr2_auth_asym_id 
_struct_conn.ptnr2_auth_comp_id 
_struct_conn.ptnr2_auth_seq_id 
_struct_conn.ptnr2_symmetry 
_struct_conn.pdbx_ptnr3_label_atom_id 
_struct_conn.pdbx_ptnr3_label_seq_id 
_struct_conn.pdbx_ptnr3_label_comp_id 
_struct_conn.pdbx_ptnr3_label_asym_id 
_struct_conn.pdbx_ptnr3_label_alt_id 
_struct_conn.pdbx_ptnr3_PDB_ins_code 
_struct_conn.details 
_struct_conn.pdbx_dist_value 
_struct_conn.pdbx_value_order 
_struct_conn.pdbx_role 
metalc1  metalc ? ? C YB  .  YB  ? ? ? 1_555 E HOH .  O  ? ? B YB  500 B HOH 612 4_776 ? ? ? ? ? ? ?            2.669 ? ? 
metalc2  metalc ? ? C YB  .  YB  ? ? ? 1_555 E HOH .  O  ? ? B YB  500 B HOH 613 4_776 ? ? ? ? ? ? ?            2.642 ? ? 
metalc3  metalc ? ? C YB  .  YB  ? ? ? 1_555 E HOH .  O  ? ? B YB  500 B HOH 620 4_776 ? ? ? ? ? ? ?            2.673 ? ? 
metalc4  metalc ? ? B GLU 29 OE1 ? ? ? 1_555 D YB  .  YB ? ? A GLU 354 A YB  499 5_776 ? ? ? ? ? ? ?            2.451 ? ? 
metalc5  metalc ? ? B GLU 29 OE2 ? ? ? 1_555 D YB  .  YB ? ? A GLU 354 A YB  499 5_776 ? ? ? ? ? ? ?            2.277 ? ? 
metalc6  metalc ? ? B ASP 40 OD1 ? ? ? 1_555 D YB  .  YB ? ? A ASP 365 A YB  499 1_555 ? ? ? ? ? ? ?            2.262 ? ? 
metalc7  metalc ? ? B GLU 44 OE1 ? ? ? 1_555 D YB  .  YB ? ? A GLU 369 A YB  499 1_555 ? ? ? ? ? ? ?            2.410 ? ? 
metalc8  metalc ? ? B GLU 44 OE2 ? ? ? 1_555 D YB  .  YB ? ? A GLU 369 A YB  499 1_555 ? ? ? ? ? ? ?            2.308 ? ? 
hydrog1  hydrog ? ? A DC  2  N3  ? ? ? 1_555 A DG  17 N1 ? ? B DC  2   B DG  17  4_776 ? ? ? ? ? ? WATSON-CRICK ?     ? ? 
hydrog2  hydrog ? ? A DC  2  N4  ? ? ? 1_555 A DG  17 O6 ? ? B DC  2   B DG  17  4_776 ? ? ? ? ? ? WATSON-CRICK ?     ? ? 
hydrog3  hydrog ? ? A DC  2  O2  ? ? ? 1_555 A DG  17 N2 ? ? B DC  2   B DG  17  4_776 ? ? ? ? ? ? WATSON-CRICK ?     ? ? 
hydrog4  hydrog ? ? A DG  3  N1  ? ? ? 1_555 A DC  16 N3 ? ? B DG  3   B DC  16  4_776 ? ? ? ? ? ? WATSON-CRICK ?     ? ? 
hydrog5  hydrog ? ? A DG  3  N2  ? ? ? 1_555 A DC  16 O2 ? ? B DG  3   B DC  16  4_776 ? ? ? ? ? ? WATSON-CRICK ?     ? ? 
hydrog6  hydrog ? ? A DG  3  O6  ? ? ? 1_555 A DC  16 N4 ? ? B DG  3   B DC  16  4_776 ? ? ? ? ? ? WATSON-CRICK ?     ? ? 
hydrog7  hydrog ? ? A DA  4  N1  ? ? ? 1_555 A DT  15 N3 ? ? B DA  4   B DT  15  4_776 ? ? ? ? ? ? WATSON-CRICK ?     ? ? 
hydrog8  hydrog ? ? A DA  4  N6  ? ? ? 1_555 A DT  15 O4 ? ? B DA  4   B DT  15  4_776 ? ? ? ? ? ? WATSON-CRICK ?     ? ? 
hydrog9  hydrog ? ? A DC  5  N3  ? ? ? 1_555 A DG  14 N1 ? ? B DC  5   B DG  14  4_776 ? ? ? ? ? ? WATSON-CRICK ?     ? ? 
hydrog10 hydrog ? ? A DC  5  N4  ? ? ? 1_555 A DG  14 O6 ? ? B DC  5   B DG  14  4_776 ? ? ? ? ? ? WATSON-CRICK ?     ? ? 
hydrog11 hydrog ? ? A DC  5  O2  ? ? ? 1_555 A DG  14 N2 ? ? B DC  5   B DG  14  4_776 ? ? ? ? ? ? WATSON-CRICK ?     ? ? 
hydrog12 hydrog ? ? A DC  6  N3  ? ? ? 1_555 A DG  13 N1 ? ? B DC  6   B DG  13  4_776 ? ? ? ? ? ? WATSON-CRICK ?     ? ? 
hydrog13 hydrog ? ? A DC  6  N4  ? ? ? 1_555 A DG  13 O6 ? ? B DC  6   B DG  13  4_776 ? ? ? ? ? ? WATSON-CRICK ?     ? ? 
hydrog14 hydrog ? ? A DC  6  O2  ? ? ? 1_555 A DG  13 N2 ? ? B DC  6   B DG  13  4_776 ? ? ? ? ? ? WATSON-CRICK ?     ? ? 
hydrog15 hydrog ? ? A DG  7  N1  ? ? ? 1_555 A DC  12 N3 ? ? B DG  7   B DC  12  4_776 ? ? ? ? ? ? WATSON-CRICK ?     ? ? 
hydrog16 hydrog ? ? A DG  7  N2  ? ? ? 1_555 A DC  12 O2 ? ? B DG  7   B DC  12  4_776 ? ? ? ? ? ? WATSON-CRICK ?     ? ? 
hydrog17 hydrog ? ? A DG  7  O6  ? ? ? 1_555 A DC  12 N4 ? ? B DG  7   B DC  12  4_776 ? ? ? ? ? ? WATSON-CRICK ?     ? ? 
hydrog18 hydrog ? ? A DA  8  N1  ? ? ? 1_555 A DT  11 N3 ? ? B DA  8   B DT  11  4_776 ? ? ? ? ? ? WATSON-CRICK ?     ? ? 
hydrog19 hydrog ? ? A DA  8  N6  ? ? ? 1_555 A DT  11 O4 ? ? B DA  8   B DT  11  4_776 ? ? ? ? ? ? WATSON-CRICK ?     ? ? 
hydrog20 hydrog ? ? A DC  9  N3  ? ? ? 1_555 A DG  10 N1 ? ? B DC  9   B DG  10  4_776 ? ? ? ? ? ? WATSON-CRICK ?     ? ? 
hydrog21 hydrog ? ? A DC  9  N4  ? ? ? 1_555 A DG  10 O6 ? ? B DC  9   B DG  10  4_776 ? ? ? ? ? ? WATSON-CRICK ?     ? ? 
hydrog22 hydrog ? ? A DC  9  O2  ? ? ? 1_555 A DG  10 N2 ? ? B DC  9   B DG  10  4_776 ? ? ? ? ? ? WATSON-CRICK ?     ? ? 
hydrog23 hydrog ? ? A DG  10 N1  ? ? ? 1_555 A DC  9  N3 ? ? B DG  10  B DC  9   4_776 ? ? ? ? ? ? WATSON-CRICK ?     ? ? 
hydrog24 hydrog ? ? A DG  10 N2  ? ? ? 1_555 A DC  9  O2 ? ? B DG  10  B DC  9   4_776 ? ? ? ? ? ? WATSON-CRICK ?     ? ? 
hydrog25 hydrog ? ? A DG  10 O6  ? ? ? 1_555 A DC  9  N4 ? ? B DG  10  B DC  9   4_776 ? ? ? ? ? ? WATSON-CRICK ?     ? ? 
hydrog26 hydrog ? ? A DT  11 N3  ? ? ? 1_555 A DA  8  N1 ? ? B DT  11  B DA  8   4_776 ? ? ? ? ? ? WATSON-CRICK ?     ? ? 
hydrog27 hydrog ? ? A DT  11 O4  ? ? ? 1_555 A DA  8  N6 ? ? B DT  11  B DA  8   4_776 ? ? ? ? ? ? WATSON-CRICK ?     ? ? 
hydrog28 hydrog ? ? A DC  12 N3  ? ? ? 1_555 A DG  7  N1 ? ? B DC  12  B DG  7   4_776 ? ? ? ? ? ? WATSON-CRICK ?     ? ? 
hydrog29 hydrog ? ? A DC  12 N4  ? ? ? 1_555 A DG  7  O6 ? ? B DC  12  B DG  7   4_776 ? ? ? ? ? ? WATSON-CRICK ?     ? ? 
hydrog30 hydrog ? ? A DC  12 O2  ? ? ? 1_555 A DG  7  N2 ? ? B DC  12  B DG  7   4_776 ? ? ? ? ? ? WATSON-CRICK ?     ? ? 
hydrog31 hydrog ? ? A DG  13 N1  ? ? ? 1_555 A DC  6  N3 ? ? B DG  13  B DC  6   4_776 ? ? ? ? ? ? WATSON-CRICK ?     ? ? 
hydrog32 hydrog ? ? A DG  13 N2  ? ? ? 1_555 A DC  6  O2 ? ? B DG  13  B DC  6   4_776 ? ? ? ? ? ? WATSON-CRICK ?     ? ? 
hydrog33 hydrog ? ? A DG  13 O6  ? ? ? 1_555 A DC  6  N4 ? ? B DG  13  B DC  6   4_776 ? ? ? ? ? ? WATSON-CRICK ?     ? ? 
hydrog34 hydrog ? ? A DG  14 N1  ? ? ? 1_555 A DC  5  N3 ? ? B DG  14  B DC  5   4_776 ? ? ? ? ? ? WATSON-CRICK ?     ? ? 
hydrog35 hydrog ? ? A DG  14 N2  ? ? ? 1_555 A DC  5  O2 ? ? B DG  14  B DC  5   4_776 ? ? ? ? ? ? WATSON-CRICK ?     ? ? 
hydrog36 hydrog ? ? A DG  14 O6  ? ? ? 1_555 A DC  5  N4 ? ? B DG  14  B DC  5   4_776 ? ? ? ? ? ? WATSON-CRICK ?     ? ? 
hydrog37 hydrog ? ? A DT  15 N3  ? ? ? 1_555 A DA  4  N1 ? ? B DT  15  B DA  4   4_776 ? ? ? ? ? ? WATSON-CRICK ?     ? ? 
hydrog38 hydrog ? ? A DT  15 O4  ? ? ? 1_555 A DA  4  N6 ? ? B DT  15  B DA  4   4_776 ? ? ? ? ? ? WATSON-CRICK ?     ? ? 
hydrog39 hydrog ? ? A DC  16 N3  ? ? ? 1_555 A DG  3  N1 ? ? B DC  16  B DG  3   4_776 ? ? ? ? ? ? WATSON-CRICK ?     ? ? 
hydrog40 hydrog ? ? A DC  16 N4  ? ? ? 1_555 A DG  3  O6 ? ? B DC  16  B DG  3   4_776 ? ? ? ? ? ? WATSON-CRICK ?     ? ? 
hydrog41 hydrog ? ? A DC  16 O2  ? ? ? 1_555 A DG  3  N2 ? ? B DC  16  B DG  3   4_776 ? ? ? ? ? ? WATSON-CRICK ?     ? ? 
hydrog42 hydrog ? ? A DG  17 N1  ? ? ? 1_555 A DC  2  N3 ? ? B DG  17  B DC  2   4_776 ? ? ? ? ? ? WATSON-CRICK ?     ? ? 
hydrog43 hydrog ? ? A DG  17 N2  ? ? ? 1_555 A DC  2  O2 ? ? B DG  17  B DC  2   4_776 ? ? ? ? ? ? WATSON-CRICK ?     ? ? 
hydrog44 hydrog ? ? A DG  17 O6  ? ? ? 1_555 A DC  2  N4 ? ? B DG  17  B DC  2   4_776 ? ? ? ? ? ? WATSON-CRICK ?     ? ? 
# 
loop_
_struct_conn_type.id 
_struct_conn_type.criteria 
_struct_conn_type.reference 
metalc ? ? 
hydrog ? ? 
# 
loop_
_pdbx_struct_conn_angle.id 
_pdbx_struct_conn_angle.ptnr1_label_atom_id 
_pdbx_struct_conn_angle.ptnr1_label_alt_id 
_pdbx_struct_conn_angle.ptnr1_label_asym_id 
_pdbx_struct_conn_angle.ptnr1_label_comp_id 
_pdbx_struct_conn_angle.ptnr1_label_seq_id 
_pdbx_struct_conn_angle.ptnr1_auth_atom_id 
_pdbx_struct_conn_angle.ptnr1_auth_asym_id 
_pdbx_struct_conn_angle.ptnr1_auth_comp_id 
_pdbx_struct_conn_angle.ptnr1_auth_seq_id 
_pdbx_struct_conn_angle.ptnr1_PDB_ins_code 
_pdbx_struct_conn_angle.ptnr1_symmetry 
_pdbx_struct_conn_angle.ptnr2_label_atom_id 
_pdbx_struct_conn_angle.ptnr2_label_alt_id 
_pdbx_struct_conn_angle.ptnr2_label_asym_id 
_pdbx_struct_conn_angle.ptnr2_label_comp_id 
_pdbx_struct_conn_angle.ptnr2_label_seq_id 
_pdbx_struct_conn_angle.ptnr2_auth_atom_id 
_pdbx_struct_conn_angle.ptnr2_auth_asym_id 
_pdbx_struct_conn_angle.ptnr2_auth_comp_id 
_pdbx_struct_conn_angle.ptnr2_auth_seq_id 
_pdbx_struct_conn_angle.ptnr2_PDB_ins_code 
_pdbx_struct_conn_angle.ptnr2_symmetry 
_pdbx_struct_conn_angle.ptnr3_label_atom_id 
_pdbx_struct_conn_angle.ptnr3_label_alt_id 
_pdbx_struct_conn_angle.ptnr3_label_asym_id 
_pdbx_struct_conn_angle.ptnr3_label_comp_id 
_pdbx_struct_conn_angle.ptnr3_label_seq_id 
_pdbx_struct_conn_angle.ptnr3_auth_atom_id 
_pdbx_struct_conn_angle.ptnr3_auth_asym_id 
_pdbx_struct_conn_angle.ptnr3_auth_comp_id 
_pdbx_struct_conn_angle.ptnr3_auth_seq_id 
_pdbx_struct_conn_angle.ptnr3_PDB_ins_code 
_pdbx_struct_conn_angle.ptnr3_symmetry 
_pdbx_struct_conn_angle.value 
_pdbx_struct_conn_angle.value_esd 
1  O   ? E HOH .  ? B HOH 612 ? 4_776 YB ? C YB . ? B YB 500 ? 1_555 O   ? E HOH .  ? B HOH 613 ? 4_776 65.2  ? 
2  O   ? E HOH .  ? B HOH 612 ? 4_776 YB ? C YB . ? B YB 500 ? 1_555 O   ? E HOH .  ? B HOH 620 ? 4_776 104.6 ? 
3  O   ? E HOH .  ? B HOH 613 ? 4_776 YB ? C YB . ? B YB 500 ? 1_555 O   ? E HOH .  ? B HOH 620 ? 4_776 68.1  ? 
4  OE1 ? B GLU 29 ? A GLU 354 ? 1_555 YB ? D YB . ? A YB 499 ? 5_776 OE2 ? B GLU 29 ? A GLU 354 ? 1_555 54.4  ? 
5  OE1 ? B GLU 29 ? A GLU 354 ? 1_555 YB ? D YB . ? A YB 499 ? 5_776 OD1 ? B ASP 40 ? A ASP 365 ? 1_555 43.3  ? 
6  OE2 ? B GLU 29 ? A GLU 354 ? 1_555 YB ? D YB . ? A YB 499 ? 5_776 OD1 ? B ASP 40 ? A ASP 365 ? 1_555 26.4  ? 
7  OE1 ? B GLU 29 ? A GLU 354 ? 1_555 YB ? D YB . ? A YB 499 ? 5_776 OE1 ? B GLU 44 ? A GLU 369 ? 1_555 41.5  ? 
8  OE2 ? B GLU 29 ? A GLU 354 ? 1_555 YB ? D YB . ? A YB 499 ? 5_776 OE1 ? B GLU 44 ? A GLU 369 ? 1_555 24.0  ? 
9  OD1 ? B ASP 40 ? A ASP 365 ? 1_555 YB ? D YB . ? A YB 499 ? 5_776 OE1 ? B GLU 44 ? A GLU 369 ? 1_555 3.6   ? 
10 OE1 ? B GLU 29 ? A GLU 354 ? 1_555 YB ? D YB . ? A YB 499 ? 5_776 OE2 ? B GLU 44 ? A GLU 369 ? 1_555 39.3  ? 
11 OE2 ? B GLU 29 ? A GLU 354 ? 1_555 YB ? D YB . ? A YB 499 ? 5_776 OE2 ? B GLU 44 ? A GLU 369 ? 1_555 24.0  ? 
12 OD1 ? B ASP 40 ? A ASP 365 ? 1_555 YB ? D YB . ? A YB 499 ? 5_776 OE2 ? B GLU 44 ? A GLU 369 ? 1_555 5.7   ? 
13 OE1 ? B GLU 44 ? A GLU 369 ? 1_555 YB ? D YB . ? A YB 499 ? 5_776 OE2 ? B GLU 44 ? A GLU 369 ? 1_555 2.4   ? 
# 
_struct_sheet.id               B 
_struct_sheet.type             ? 
_struct_sheet.number_strands   4 
_struct_sheet.details          ? 
# 
loop_
_struct_sheet_order.sheet_id 
_struct_sheet_order.range_id_1 
_struct_sheet_order.range_id_2 
_struct_sheet_order.offset 
_struct_sheet_order.sense 
B 1 2 ? anti-parallel 
B 2 3 ? anti-parallel 
B 3 4 ? anti-parallel 
# 
loop_
_struct_sheet_range.sheet_id 
_struct_sheet_range.id 
_struct_sheet_range.beg_label_comp_id 
_struct_sheet_range.beg_label_asym_id 
_struct_sheet_range.beg_label_seq_id 
_struct_sheet_range.pdbx_beg_PDB_ins_code 
_struct_sheet_range.end_label_comp_id 
_struct_sheet_range.end_label_asym_id 
_struct_sheet_range.end_label_seq_id 
_struct_sheet_range.pdbx_end_PDB_ins_code 
_struct_sheet_range.beg_auth_comp_id 
_struct_sheet_range.beg_auth_asym_id 
_struct_sheet_range.beg_auth_seq_id 
_struct_sheet_range.end_auth_comp_id 
_struct_sheet_range.end_auth_asym_id 
_struct_sheet_range.end_auth_seq_id 
B 1 TYR B 28 ? ASP B 40 ? TYR A 353 ASP A 365 
B 2 GLU B 44 ? GLY B 56 ? GLU A 369 GLY A 381 
B 3 SER B 1  ? THR B 9  ? SER A 326 THR A 334 
B 4 MET B 74 ? PHE B 85 ? MET A 399 PHE A 410 
# 
loop_
_struct_site.id 
_struct_site.pdbx_evidence_code 
_struct_site.pdbx_auth_asym_id 
_struct_site.pdbx_auth_comp_id 
_struct_site.pdbx_auth_seq_id 
_struct_site.pdbx_auth_ins_code 
_struct_site.pdbx_num_residues 
_struct_site.details 
AC1 Software A YB 499 ? 4 'BINDING SITE FOR RESIDUE YB A 499' 
AC2 Software B YB 500 ? 3 'BINDING SITE FOR RESIDUE YB B 500' 
# 
loop_
_struct_site_gen.id 
_struct_site_gen.site_id 
_struct_site_gen.pdbx_num_res 
_struct_site_gen.label_comp_id 
_struct_site_gen.label_asym_id 
_struct_site_gen.label_seq_id 
_struct_site_gen.pdbx_auth_ins_code 
_struct_site_gen.auth_comp_id 
_struct_site_gen.auth_asym_id 
_struct_site_gen.auth_seq_id 
_struct_site_gen.label_atom_id 
_struct_site_gen.label_alt_id 
_struct_site_gen.symmetry 
_struct_site_gen.details 
1 AC1 4 GLU B 29 ? GLU A 354 . ? 5_767 ? 
2 AC1 4 ASP B 40 ? ASP A 365 . ? 1_555 ? 
3 AC1 4 ASN B 41 ? ASN A 366 . ? 1_555 ? 
4 AC1 4 GLU B 44 ? GLU A 369 . ? 1_555 ? 
5 AC2 3 HOH E .  ? HOH B 612 . ? 4_776 ? 
6 AC2 3 HOH E .  ? HOH B 613 . ? 4_776 ? 
7 AC2 3 HOH E .  ? HOH B 620 . ? 4_776 ? 
# 
loop_
_pdbx_validate_close_contact.id 
_pdbx_validate_close_contact.PDB_model_num 
_pdbx_validate_close_contact.auth_atom_id_1 
_pdbx_validate_close_contact.auth_asym_id_1 
_pdbx_validate_close_contact.auth_comp_id_1 
_pdbx_validate_close_contact.auth_seq_id_1 
_pdbx_validate_close_contact.PDB_ins_code_1 
_pdbx_validate_close_contact.label_alt_id_1 
_pdbx_validate_close_contact.auth_atom_id_2 
_pdbx_validate_close_contact.auth_asym_id_2 
_pdbx_validate_close_contact.auth_comp_id_2 
_pdbx_validate_close_contact.auth_seq_id_2 
_pdbx_validate_close_contact.PDB_ins_code_2 
_pdbx_validate_close_contact.label_alt_id_2 
_pdbx_validate_close_contact.dist 
1 1 OP2 B DC  9   ? ? O  B HOH 621 ? ? 1.84 
2 1 OD1 A ASN 400 ? ? O  A HOH 545 ? ? 1.86 
3 1 OD1 A ASN 366 ? ? YB A YB  499 ? ? 1.96 
4 1 O   A HOH 527 ? ? O  A HOH 547 ? ? 1.97 
5 1 ND1 A HIS 351 ? ? O  A HOH 568 ? ? 2.00 
6 1 O   A HOH 528 ? ? O  A HOH 550 ? ? 2.01 
7 1 O   A HOH 560 ? ? O  A HOH 598 ? ? 2.04 
# 
loop_
_pdbx_validate_symm_contact.id 
_pdbx_validate_symm_contact.PDB_model_num 
_pdbx_validate_symm_contact.auth_atom_id_1 
_pdbx_validate_symm_contact.auth_asym_id_1 
_pdbx_validate_symm_contact.auth_comp_id_1 
_pdbx_validate_symm_contact.auth_seq_id_1 
_pdbx_validate_symm_contact.PDB_ins_code_1 
_pdbx_validate_symm_contact.label_alt_id_1 
_pdbx_validate_symm_contact.site_symmetry_1 
_pdbx_validate_symm_contact.auth_atom_id_2 
_pdbx_validate_symm_contact.auth_asym_id_2 
_pdbx_validate_symm_contact.auth_comp_id_2 
_pdbx_validate_symm_contact.auth_seq_id_2 
_pdbx_validate_symm_contact.PDB_ins_code_2 
_pdbx_validate_symm_contact.label_alt_id_2 
_pdbx_validate_symm_contact.site_symmetry_2 
_pdbx_validate_symm_contact.dist 
1 1 O A HOH 569 ? ? 1_555 O A HOH 569 ? ? 4_776 1.65 
2 1 O A HOH 540 ? ? 1_555 O A HOH 587 ? ? 4_776 2.07 
# 
loop_
_pdbx_validate_rmsd_bond.id 
_pdbx_validate_rmsd_bond.PDB_model_num 
_pdbx_validate_rmsd_bond.auth_atom_id_1 
_pdbx_validate_rmsd_bond.auth_asym_id_1 
_pdbx_validate_rmsd_bond.auth_comp_id_1 
_pdbx_validate_rmsd_bond.auth_seq_id_1 
_pdbx_validate_rmsd_bond.PDB_ins_code_1 
_pdbx_validate_rmsd_bond.label_alt_id_1 
_pdbx_validate_rmsd_bond.auth_atom_id_2 
_pdbx_validate_rmsd_bond.auth_asym_id_2 
_pdbx_validate_rmsd_bond.auth_comp_id_2 
_pdbx_validate_rmsd_bond.auth_seq_id_2 
_pdbx_validate_rmsd_bond.PDB_ins_code_2 
_pdbx_validate_rmsd_bond.label_alt_id_2 
_pdbx_validate_rmsd_bond.bond_value 
_pdbx_validate_rmsd_bond.bond_target_value 
_pdbx_validate_rmsd_bond.bond_deviation 
_pdbx_validate_rmsd_bond.bond_standard_deviation 
_pdbx_validate_rmsd_bond.linker_flag 
1  1 P     B DC  2   ? ? OP2   B DC  2   ? ? 1.329 1.485 -0.156 0.017 N 
2  1 "C3'" B DC  2   ? ? "C2'" B DC  2   ? ? 1.445 1.516 -0.071 0.008 N 
3  1 "O4'" B DC  2   ? ? "C4'" B DC  2   ? ? 1.378 1.446 -0.068 0.010 N 
4  1 "O3'" B DC  2   ? ? P     B DG  3   ? ? 1.685 1.607 0.078  0.012 Y 
5  1 P     B DA  4   ? ? "O5'" B DA  4   ? ? 1.533 1.593 -0.060 0.010 N 
6  1 P     B DC  6   ? ? OP2   B DC  6   ? ? 1.330 1.485 -0.155 0.017 N 
7  1 P     B DG  7   ? ? OP1   B DG  7   ? ? 1.633 1.485 0.148  0.017 N 
8  1 P     B DA  8   ? ? OP2   B DA  8   ? ? 1.299 1.485 -0.186 0.017 N 
9  1 P     B DA  8   ? ? "O5'" B DA  8   ? ? 1.700 1.593 0.107  0.010 N 
10 1 "O4'" B DA  8   ? ? "C4'" B DA  8   ? ? 1.384 1.446 -0.062 0.010 N 
11 1 C6    B DA  8   ? ? N1    B DA  8   ? ? 1.397 1.351 0.046  0.007 N 
12 1 P     B DC  9   ? ? OP2   B DC  9   ? ? 1.355 1.485 -0.130 0.017 N 
13 1 P     B DC  9   ? ? "O5'" B DC  9   ? ? 1.826 1.593 0.233  0.010 N 
14 1 "O4'" B DC  9   ? ? "C4'" B DC  9   ? ? 1.378 1.446 -0.068 0.010 N 
15 1 "O3'" B DC  9   ? ? P     B DG  10  ? ? 1.748 1.607 0.141  0.012 Y 
16 1 P     B DG  10  ? ? "O5'" B DG  10  ? ? 1.655 1.593 0.062  0.010 N 
17 1 "O3'" B DG  10  ? ? P     B DT  11  ? ? 1.485 1.607 -0.122 0.012 Y 
18 1 P     B DT  11  ? ? OP1   B DT  11  ? ? 1.259 1.485 -0.226 0.017 N 
19 1 P     B DT  11  ? ? "O5'" B DT  11  ? ? 1.700 1.593 0.107  0.010 N 
20 1 C4    B DT  11  ? ? O4    B DT  11  ? ? 1.302 1.228 0.074  0.009 N 
21 1 "O4'" B DC  12  ? ? "C4'" B DC  12  ? ? 1.375 1.446 -0.071 0.010 N 
22 1 C5    B DG  14  ? ? N7    B DG  14  ? ? 1.426 1.388 0.038  0.006 N 
23 1 N7    B DG  14  ? ? C8    B DG  14  ? ? 1.264 1.305 -0.041 0.006 N 
24 1 "O3'" B DG  14  ? ? P     B DT  15  ? ? 1.681 1.607 0.074  0.012 Y 
25 1 P     B DC  16  ? ? OP2   B DC  16  ? ? 1.366 1.485 -0.119 0.017 N 
26 1 P     B DC  16  ? ? "O5'" B DC  16  ? ? 1.468 1.593 -0.125 0.010 N 
27 1 "C2'" B DC  16  ? ? "C1'" B DC  16  ? ? 1.593 1.519 0.074  0.010 N 
28 1 "O4'" B DC  16  ? ? "C4'" B DC  16  ? ? 1.381 1.446 -0.065 0.010 N 
29 1 "O3'" B DC  16  ? ? P     B DG  17  ? ? 1.715 1.607 0.108  0.012 Y 
30 1 P     B DG  17  ? ? OP1   B DG  17  ? ? 1.654 1.485 0.169  0.017 N 
31 1 P     B DG  17  ? ? "O5'" B DG  17  ? ? 1.401 1.593 -0.192 0.010 N 
32 1 C6    B DG  17  ? ? N1    B DG  17  ? ? 1.340 1.391 -0.051 0.007 N 
33 1 C8    B DG  17  ? ? N9    B DG  17  ? ? 1.325 1.374 -0.049 0.007 N 
34 1 CB    A SER 326 ? ? OG    A SER 326 ? ? 1.501 1.418 0.083  0.013 N 
# 
loop_
_pdbx_validate_rmsd_angle.id 
_pdbx_validate_rmsd_angle.PDB_model_num 
_pdbx_validate_rmsd_angle.auth_atom_id_1 
_pdbx_validate_rmsd_angle.auth_asym_id_1 
_pdbx_validate_rmsd_angle.auth_comp_id_1 
_pdbx_validate_rmsd_angle.auth_seq_id_1 
_pdbx_validate_rmsd_angle.PDB_ins_code_1 
_pdbx_validate_rmsd_angle.label_alt_id_1 
_pdbx_validate_rmsd_angle.auth_atom_id_2 
_pdbx_validate_rmsd_angle.auth_asym_id_2 
_pdbx_validate_rmsd_angle.auth_comp_id_2 
_pdbx_validate_rmsd_angle.auth_seq_id_2 
_pdbx_validate_rmsd_angle.PDB_ins_code_2 
_pdbx_validate_rmsd_angle.label_alt_id_2 
_pdbx_validate_rmsd_angle.auth_atom_id_3 
_pdbx_validate_rmsd_angle.auth_asym_id_3 
_pdbx_validate_rmsd_angle.auth_comp_id_3 
_pdbx_validate_rmsd_angle.auth_seq_id_3 
_pdbx_validate_rmsd_angle.PDB_ins_code_3 
_pdbx_validate_rmsd_angle.label_alt_id_3 
_pdbx_validate_rmsd_angle.angle_value 
_pdbx_validate_rmsd_angle.angle_target_value 
_pdbx_validate_rmsd_angle.angle_deviation 
_pdbx_validate_rmsd_angle.angle_standard_deviation 
_pdbx_validate_rmsd_angle.linker_flag 
1   1 "O5'" B DC  1   ? ? "C5'" B DC  1   ? ? "C4'" B DC  1   ? ? 103.94 109.40 -5.46  0.80 N 
2   1 "O4'" B DC  1   ? ? "C1'" B DC  1   ? ? N1    B DC  1   ? ? 103.56 108.00 -4.44  0.70 N 
3   1 C6    B DC  1   ? ? N1    B DC  1   ? ? C2    B DC  1   ? ? 123.34 120.30 3.04   0.40 N 
4   1 C4    B DC  1   ? ? C5    B DC  1   ? ? C6    B DC  1   ? ? 121.08 117.40 3.68   0.50 N 
5   1 C5    B DC  1   ? ? C6    B DC  1   ? ? N1    B DC  1   ? ? 116.44 121.00 -4.56  0.50 N 
6   1 N1    B DC  1   ? ? C2    B DC  1   ? ? O2    B DC  1   ? ? 123.65 118.90 4.75   0.60 N 
7   1 N3    B DC  1   ? ? C2    B DC  1   ? ? O2    B DC  1   ? ? 117.18 121.90 -4.72  0.70 N 
8   1 "O4'" B DC  2   ? ? "C1'" B DC  2   ? ? "C2'" B DC  2   ? ? 100.05 105.90 -5.85  0.80 N 
9   1 N1    B DC  2   ? ? C2    B DC  2   ? ? N3    B DC  2   ? ? 114.91 119.20 -4.29  0.70 N 
10  1 C2    B DC  2   ? ? N3    B DC  2   ? ? C4    B DC  2   ? ? 127.09 119.90 7.19   0.50 N 
11  1 N3    B DC  2   ? ? C4    B DC  2   ? ? C5    B DC  2   ? ? 119.02 121.90 -2.88  0.40 N 
12  1 "O5'" B DG  3   ? ? P     B DG  3   ? ? OP2   B DG  3   ? ? 118.72 110.70 8.02   1.20 N 
13  1 "O4'" B DG  3   ? ? "C1'" B DG  3   ? ? N9    B DG  3   ? ? 112.06 108.30 3.76   0.30 N 
14  1 N3    B DG  3   ? ? C4    B DG  3   ? ? C5    B DG  3   ? ? 124.99 128.60 -3.61  0.50 N 
15  1 C5    B DG  3   ? ? C6    B DG  3   ? ? O6    B DG  3   ? ? 124.94 128.60 -3.66  0.60 N 
16  1 "O5'" B DA  4   ? ? P     B DA  4   ? ? OP2   B DA  4   ? ? 118.68 110.70 7.98   1.20 N 
17  1 "C5'" B DA  4   ? ? "C4'" B DA  4   ? ? "C3'" B DA  4   ? ? 123.00 115.70 7.30   1.20 N 
18  1 N1    B DA  4   ? ? C2    B DA  4   ? ? N3    B DA  4   ? ? 125.64 129.30 -3.66  0.50 N 
19  1 C2    B DA  4   ? ? N3    B DA  4   ? ? C4    B DA  4   ? ? 114.60 110.60 4.00   0.50 N 
20  1 C5    B DA  4   ? ? N7    B DA  4   ? ? C8    B DA  4   ? ? 100.68 103.90 -3.22  0.50 N 
21  1 "C5'" B DC  5   ? ? "C4'" B DC  5   ? ? "C3'" B DC  5   ? ? 124.89 115.70 9.19   1.20 N 
22  1 "C1'" B DC  5   ? ? "O4'" B DC  5   ? ? "C4'" B DC  5   ? ? 104.10 110.10 -6.00  1.00 N 
23  1 N3    B DC  5   ? ? C4    B DC  5   ? ? C5    B DC  5   ? ? 119.19 121.90 -2.71  0.40 N 
24  1 "O5'" B DC  6   ? ? P     B DC  6   ? ? OP2   B DC  6   ? ? 119.52 110.70 8.82   1.20 N 
25  1 C2    B DC  6   ? ? N3    B DC  6   ? ? C4    B DC  6   ? ? 123.67 119.90 3.77   0.50 N 
26  1 "O3'" B DC  6   ? ? P     B DG  7   ? ? OP1   B DG  7   ? ? 122.04 110.50 11.54  1.10 Y 
27  1 OP1   B DG  7   ? ? P     B DG  7   ? ? OP2   B DG  7   ? ? 100.37 119.60 -19.23 1.50 N 
28  1 "O5'" B DG  7   ? ? P     B DG  7   ? ? OP2   B DG  7   ? ? 96.52  105.70 -9.18  0.90 N 
29  1 "O5'" B DG  7   ? ? "C5'" B DG  7   ? ? "C4'" B DG  7   ? ? 102.75 109.40 -6.65  0.80 N 
30  1 P     B DG  7   ? ? "O5'" B DG  7   ? ? "C5'" B DG  7   ? ? 107.97 120.90 -12.93 1.60 N 
31  1 N1    B DG  7   ? ? C2    B DG  7   ? ? N2    B DG  7   ? ? 121.63 116.20 5.43   0.90 N 
32  1 N3    B DG  7   ? ? C2    B DG  7   ? ? N2    B DG  7   ? ? 114.06 119.90 -5.84  0.70 N 
33  1 C5    B DG  7   ? ? C6    B DG  7   ? ? O6    B DG  7   ? ? 123.12 128.60 -5.48  0.60 N 
34  1 "O3'" B DG  7   ? ? P     B DA  8   ? ? OP2   B DA  8   ? ? 121.05 110.50 10.55  1.10 Y 
35  1 "O5'" B DA  8   ? ? P     B DA  8   ? ? OP1   B DA  8   ? ? 99.15  105.70 -6.55  0.90 N 
36  1 "O5'" B DA  8   ? ? "C5'" B DA  8   ? ? "C4'" B DA  8   ? ? 102.76 109.40 -6.64  0.80 N 
37  1 P     B DA  8   ? ? "O5'" B DA  8   ? ? "C5'" B DA  8   ? ? 110.16 120.90 -10.74 1.60 N 
38  1 "O3'" B DA  8   ? ? P     B DC  9   ? ? OP2   B DC  9   ? ? 121.02 110.50 10.52  1.10 Y 
39  1 "O5'" B DC  9   ? ? P     B DC  9   ? ? OP1   B DC  9   ? ? 93.19  105.70 -12.51 0.90 N 
40  1 "O5'" B DC  9   ? ? "C5'" B DC  9   ? ? "C4'" B DC  9   ? ? 101.34 109.40 -8.06  0.80 N 
41  1 "O4'" B DC  9   ? ? "C1'" B DC  9   ? ? N1    B DC  9   ? ? 112.65 108.30 4.35   0.30 N 
42  1 C2    B DC  9   ? ? N3    B DC  9   ? ? C4    B DC  9   ? ? 124.15 119.90 4.25   0.50 N 
43  1 N3    B DC  9   ? ? C4    B DC  9   ? ? C5    B DC  9   ? ? 117.46 121.90 -4.44  0.40 N 
44  1 OP1   B DG  10  ? ? P     B DG  10  ? ? OP2   B DG  10  ? ? 135.31 119.60 15.71  1.50 N 
45  1 "O5'" B DG  10  ? ? "C5'" B DG  10  ? ? "C4'" B DG  10  ? ? 103.32 109.40 -6.08  0.80 N 
46  1 C6    B DG  10  ? ? N1    B DG  10  ? ? C2    B DG  10  ? ? 119.80 125.10 -5.30  0.60 N 
47  1 N1    B DG  10  ? ? C2    B DG  10  ? ? N3    B DG  10  ? ? 127.77 123.90 3.87   0.60 N 
48  1 C5    B DG  10  ? ? C6    B DG  10  ? ? N1    B DG  10  ? ? 115.57 111.50 4.07   0.50 N 
49  1 N1    B DG  10  ? ? C6    B DG  10  ? ? O6    B DG  10  ? ? 113.90 119.90 -6.00  0.60 N 
50  1 "O3'" B DG  10  ? ? P     B DT  11  ? ? OP1   B DT  11  ? ? 118.85 110.50 8.35   1.10 Y 
51  1 N3    B DT  11  ? ? C4    B DT  11  ? ? C5    B DT  11  ? ? 119.30 115.20 4.10   0.60 N 
52  1 "C3'" B DT  11  ? ? "O3'" B DT  11  ? ? P     B DC  12  ? ? 127.59 119.70 7.89   1.20 Y 
53  1 "O4'" B DC  12  ? ? "C1'" B DC  12  ? ? N1    B DC  12  ? ? 111.94 108.30 3.64   0.30 N 
54  1 C6    B DC  12  ? ? N1    B DC  12  ? ? C2    B DC  12  ? ? 116.57 120.30 -3.73  0.40 N 
55  1 N3    B DC  12  ? ? C4    B DC  12  ? ? C5    B DC  12  ? ? 118.79 121.90 -3.11  0.40 N 
56  1 C5    B DC  12  ? ? C6    B DC  12  ? ? N1    B DC  12  ? ? 125.29 121.00 4.29   0.50 N 
57  1 N1    B DC  12  ? ? C2    B DC  12  ? ? O2    B DC  12  ? ? 114.45 118.90 -4.45  0.60 N 
58  1 "O4'" B DG  13  ? ? "C1'" B DG  13  ? ? N9    B DG  13  ? ? 115.66 108.30 7.36   0.30 N 
59  1 C6    B DG  13  ? ? N1    B DG  13  ? ? C2    B DG  13  ? ? 120.29 125.10 -4.81  0.60 N 
60  1 N3    B DG  13  ? ? C4    B DG  13  ? ? C5    B DG  13  ? ? 124.87 128.60 -3.73  0.50 N 
61  1 C5    B DG  13  ? ? C6    B DG  13  ? ? N1    B DG  13  ? ? 114.94 111.50 3.44   0.50 N 
62  1 C8    B DG  13  ? ? N9    B DG  13  ? ? C4    B DG  13  ? ? 103.84 106.40 -2.56  0.40 N 
63  1 N9    B DG  13  ? ? C4    B DG  13  ? ? C5    B DG  13  ? ? 108.34 105.40 2.94   0.40 N 
64  1 N3    B DG  13  ? ? C2    B DG  13  ? ? N2    B DG  13  ? ? 115.60 119.90 -4.30  0.70 N 
65  1 N1    B DG  13  ? ? C6    B DG  13  ? ? O6    B DG  13  ? ? 115.69 119.90 -4.21  0.60 N 
66  1 C6    B DG  14  ? ? N1    B DG  14  ? ? C2    B DG  14  ? ? 118.84 125.10 -6.26  0.60 N 
67  1 N1    B DG  14  ? ? C2    B DG  14  ? ? N3    B DG  14  ? ? 128.14 123.90 4.24   0.60 N 
68  1 N3    B DG  14  ? ? C4    B DG  14  ? ? C5    B DG  14  ? ? 124.88 128.60 -3.72  0.50 N 
69  1 C5    B DG  14  ? ? C6    B DG  14  ? ? N1    B DG  14  ? ? 115.45 111.50 3.95   0.50 N 
70  1 C4    B DG  14  ? ? C5    B DG  14  ? ? N7    B DG  14  ? ? 107.11 110.80 -3.69  0.40 N 
71  1 "O3'" B DG  14  ? ? P     B DT  15  ? ? OP1   B DT  15  ? ? 89.49  105.20 -15.71 2.20 Y 
72  1 OP1   B DT  15  ? ? P     B DT  15  ? ? OP2   B DT  15  ? ? 134.72 119.60 15.12  1.50 N 
73  1 N1    B DT  15  ? ? C2    B DT  15  ? ? N3    B DT  15  ? ? 119.44 114.60 4.84   0.60 N 
74  1 C2    B DT  15  ? ? N3    B DT  15  ? ? C4    B DT  15  ? ? 119.57 127.20 -7.63  0.60 N 
75  1 N3    B DT  15  ? ? C4    B DT  15  ? ? C5    B DT  15  ? ? 120.04 115.20 4.84   0.60 N 
76  1 C5    B DT  15  ? ? C6    B DT  15  ? ? N1    B DT  15  ? ? 117.83 123.70 -5.87  0.60 N 
77  1 N3    B DT  15  ? ? C2    B DT  15  ? ? O2    B DT  15  ? ? 115.50 122.30 -6.80  0.60 N 
78  1 N3    B DT  15  ? ? C4    B DT  15  ? ? O4    B DT  15  ? ? 113.86 119.90 -6.04  0.60 N 
79  1 "O5'" B DC  16  ? ? P     B DC  16  ? ? OP2   B DC  16  ? ? 124.51 110.70 13.81  1.20 N 
80  1 "C3'" B DC  16  ? ? "C2'" B DC  16  ? ? "C1'" B DC  16  ? ? 97.03  102.40 -5.37  0.80 N 
81  1 "O4'" B DC  16  ? ? "C1'" B DC  16  ? ? "C2'" B DC  16  ? ? 100.64 105.90 -5.26  0.80 N 
82  1 C2    B DC  16  ? ? N3    B DC  16  ? ? C4    B DC  16  ? ? 124.32 119.90 4.42   0.50 N 
83  1 N3    B DC  16  ? ? C4    B DC  16  ? ? C5    B DC  16  ? ? 117.63 121.90 -4.27  0.40 N 
84  1 OP1   B DG  17  ? ? P     B DG  17  ? ? OP2   B DG  17  ? ? 103.81 119.60 -15.79 1.50 N 
85  1 "O5'" B DG  17  ? ? P     B DG  17  ? ? OP2   B DG  17  ? ? 137.52 110.70 26.82  1.20 N 
86  1 "O5'" B DG  17  ? ? "C5'" B DG  17  ? ? "C4'" B DG  17  ? ? 100.28 109.40 -9.12  0.80 N 
87  1 "O4'" B DG  17  ? ? "C1'" B DG  17  ? ? N9    B DG  17  ? ? 113.21 108.30 4.91   0.30 N 
88  1 C5    B DG  17  ? ? N7    B DG  17  ? ? C8    B DG  17  ? ? 101.08 104.30 -3.22  0.50 N 
89  1 C5    B DG  17  ? ? C6    B DG  17  ? ? O6    B DG  17  ? ? 124.40 128.60 -4.20  0.60 N 
90  1 N     A SER 326 ? ? CA    A SER 326 ? ? CB    A SER 326 ? ? 123.09 110.50 12.59  1.50 N 
91  1 NE    A ARG 342 ? ? CZ    A ARG 342 ? ? NH2   A ARG 342 ? ? 116.64 120.30 -3.66  0.50 N 
92  1 CD    A ARG 352 ? ? NE    A ARG 352 ? ? CZ    A ARG 352 ? ? 114.55 123.60 -9.05  1.40 N 
93  1 NE    A ARG 352 ? ? CZ    A ARG 352 ? ? NH1   A ARG 352 ? ? 117.01 120.30 -3.29  0.50 N 
94  1 CB    A ASP 365 ? ? CG    A ASP 365 ? ? OD2   A ASP 365 ? ? 112.11 118.30 -6.19  0.90 N 
95  1 NE    A ARG 370 ? ? CZ    A ARG 370 ? ? NH1   A ARG 370 ? ? 127.00 120.30 6.70   0.50 N 
96  1 NE    A ARG 370 ? ? CZ    A ARG 370 ? ? NH2   A ARG 370 ? ? 115.52 120.30 -4.78  0.50 N 
97  1 CB    A LEU 377 ? ? CG    A LEU 377 ? ? CD2   A LEU 377 ? ? 100.52 111.00 -10.48 1.70 N 
98  1 NE    A ARG 386 ? ? CZ    A ARG 386 ? ? NH2   A ARG 386 ? ? 116.75 120.30 -3.55  0.50 N 
99  1 CB    A ASP 388 ? ? CG    A ASP 388 ? ? OD2   A ASP 388 ? ? 125.01 118.30 6.71   0.90 N 
100 1 CB    A PHE 410 ? ? CG    A PHE 410 ? ? CD2   A PHE 410 ? ? 116.40 120.80 -4.40  0.70 N 
# 
loop_
_pdbx_validate_torsion.id 
_pdbx_validate_torsion.PDB_model_num 
_pdbx_validate_torsion.auth_comp_id 
_pdbx_validate_torsion.auth_asym_id 
_pdbx_validate_torsion.auth_seq_id 
_pdbx_validate_torsion.PDB_ins_code 
_pdbx_validate_torsion.label_alt_id 
_pdbx_validate_torsion.phi 
_pdbx_validate_torsion.psi 
1 1 GLU A 354 ? ? -84.84  -71.51  
2 1 ALA A 364 ? ? -110.57 -157.27 
# 
_pdbx_validate_chiral.id              1 
_pdbx_validate_chiral.PDB_model_num   1 
_pdbx_validate_chiral.auth_atom_id    CA 
_pdbx_validate_chiral.label_alt_id    ? 
_pdbx_validate_chiral.auth_asym_id    A 
_pdbx_validate_chiral.auth_comp_id    SER 
_pdbx_validate_chiral.auth_seq_id     326 
_pdbx_validate_chiral.PDB_ins_code    ? 
_pdbx_validate_chiral.details         PLANAR 
_pdbx_validate_chiral.omega           . 
# 
loop_
_pdbx_validate_planes.id 
_pdbx_validate_planes.PDB_model_num 
_pdbx_validate_planes.auth_comp_id 
_pdbx_validate_planes.auth_asym_id 
_pdbx_validate_planes.auth_seq_id 
_pdbx_validate_planes.PDB_ins_code 
_pdbx_validate_planes.label_alt_id 
_pdbx_validate_planes.rmsd 
_pdbx_validate_planes.type 
1 1 DC  B 6   ? ? 0.059 'SIDE CHAIN' 
2 1 DA  B 8   ? ? 0.062 'SIDE CHAIN' 
3 1 DC  B 9   ? ? 0.076 'SIDE CHAIN' 
4 1 DC  B 12  ? ? 0.109 'SIDE CHAIN' 
5 1 GLN A 371 ? ? 0.073 'SIDE CHAIN' 
# 
loop_
_pdbx_validate_main_chain_plane.id 
_pdbx_validate_main_chain_plane.PDB_model_num 
_pdbx_validate_main_chain_plane.auth_comp_id 
_pdbx_validate_main_chain_plane.auth_asym_id 
_pdbx_validate_main_chain_plane.auth_seq_id 
_pdbx_validate_main_chain_plane.PDB_ins_code 
_pdbx_validate_main_chain_plane.label_alt_id 
_pdbx_validate_main_chain_plane.improper_torsion_angle 
1 1 ASN A 348 ? ? 13.08  
2 1 GLY A 381 ? ? 11.57  
3 1 LYS A 391 ? ? -10.60 
4 1 GLY A 403 ? ? 11.32  
5 1 ALA A 406 ? ? 12.53  
# 
_pdbx_database_remark.id     700 
_pdbx_database_remark.text   
;SHEET
THE PROTEIN FORMS A DIMERIC BARREL.  THE FOUR STRANDS OF
EACH BETA SHEET DESCRIBED BELOW COMPRISE A HALF BARREL.
THE OTHER HALF IS GENERATED BY A CRYSTALLOGRAPHIC TWO-FOLD.
;
# 
_pdbx_entry_details.entry_id                 2BOP 
_pdbx_entry_details.compound_details         ? 
_pdbx_entry_details.source_details           ? 
_pdbx_entry_details.nonpolymer_details       
'YTTERBIUM WAS USED IN THE CRYSTALLIZATION AND PHASING OF THIS STRUCTURE. IT HAS NO ROLE IN DNA-BINDING OR DNA SEQUENCE RECOGNITION.' 
_pdbx_entry_details.sequence_details         ? 
_pdbx_entry_details.has_ligand_of_interest   ? 
# 
loop_
_chem_comp_atom.comp_id 
_chem_comp_atom.atom_id 
_chem_comp_atom.type_symbol 
_chem_comp_atom.pdbx_aromatic_flag 
_chem_comp_atom.pdbx_stereo_config 
_chem_comp_atom.pdbx_ordinal 
ALA N      N  N N 1   
ALA CA     C  N S 2   
ALA C      C  N N 3   
ALA O      O  N N 4   
ALA CB     C  N N 5   
ALA OXT    O  N N 6   
ALA H      H  N N 7   
ALA H2     H  N N 8   
ALA HA     H  N N 9   
ALA HB1    H  N N 10  
ALA HB2    H  N N 11  
ALA HB3    H  N N 12  
ALA HXT    H  N N 13  
ARG N      N  N N 14  
ARG CA     C  N S 15  
ARG C      C  N N 16  
ARG O      O  N N 17  
ARG CB     C  N N 18  
ARG CG     C  N N 19  
ARG CD     C  N N 20  
ARG NE     N  N N 21  
ARG CZ     C  N N 22  
ARG NH1    N  N N 23  
ARG NH2    N  N N 24  
ARG OXT    O  N N 25  
ARG H      H  N N 26  
ARG H2     H  N N 27  
ARG HA     H  N N 28  
ARG HB2    H  N N 29  
ARG HB3    H  N N 30  
ARG HG2    H  N N 31  
ARG HG3    H  N N 32  
ARG HD2    H  N N 33  
ARG HD3    H  N N 34  
ARG HE     H  N N 35  
ARG HH11   H  N N 36  
ARG HH12   H  N N 37  
ARG HH21   H  N N 38  
ARG HH22   H  N N 39  
ARG HXT    H  N N 40  
ASN N      N  N N 41  
ASN CA     C  N S 42  
ASN C      C  N N 43  
ASN O      O  N N 44  
ASN CB     C  N N 45  
ASN CG     C  N N 46  
ASN OD1    O  N N 47  
ASN ND2    N  N N 48  
ASN OXT    O  N N 49  
ASN H      H  N N 50  
ASN H2     H  N N 51  
ASN HA     H  N N 52  
ASN HB2    H  N N 53  
ASN HB3    H  N N 54  
ASN HD21   H  N N 55  
ASN HD22   H  N N 56  
ASN HXT    H  N N 57  
ASP N      N  N N 58  
ASP CA     C  N S 59  
ASP C      C  N N 60  
ASP O      O  N N 61  
ASP CB     C  N N 62  
ASP CG     C  N N 63  
ASP OD1    O  N N 64  
ASP OD2    O  N N 65  
ASP OXT    O  N N 66  
ASP H      H  N N 67  
ASP H2     H  N N 68  
ASP HA     H  N N 69  
ASP HB2    H  N N 70  
ASP HB3    H  N N 71  
ASP HD2    H  N N 72  
ASP HXT    H  N N 73  
CYS N      N  N N 74  
CYS CA     C  N R 75  
CYS C      C  N N 76  
CYS O      O  N N 77  
CYS CB     C  N N 78  
CYS SG     S  N N 79  
CYS OXT    O  N N 80  
CYS H      H  N N 81  
CYS H2     H  N N 82  
CYS HA     H  N N 83  
CYS HB2    H  N N 84  
CYS HB3    H  N N 85  
CYS HG     H  N N 86  
CYS HXT    H  N N 87  
DA  OP3    O  N N 88  
DA  P      P  N N 89  
DA  OP1    O  N N 90  
DA  OP2    O  N N 91  
DA  "O5'"  O  N N 92  
DA  "C5'"  C  N N 93  
DA  "C4'"  C  N R 94  
DA  "O4'"  O  N N 95  
DA  "C3'"  C  N S 96  
DA  "O3'"  O  N N 97  
DA  "C2'"  C  N N 98  
DA  "C1'"  C  N R 99  
DA  N9     N  Y N 100 
DA  C8     C  Y N 101 
DA  N7     N  Y N 102 
DA  C5     C  Y N 103 
DA  C6     C  Y N 104 
DA  N6     N  N N 105 
DA  N1     N  Y N 106 
DA  C2     C  Y N 107 
DA  N3     N  Y N 108 
DA  C4     C  Y N 109 
DA  HOP3   H  N N 110 
DA  HOP2   H  N N 111 
DA  "H5'"  H  N N 112 
DA  "H5''" H  N N 113 
DA  "H4'"  H  N N 114 
DA  "H3'"  H  N N 115 
DA  "HO3'" H  N N 116 
DA  "H2'"  H  N N 117 
DA  "H2''" H  N N 118 
DA  "H1'"  H  N N 119 
DA  H8     H  N N 120 
DA  H61    H  N N 121 
DA  H62    H  N N 122 
DA  H2     H  N N 123 
DC  OP3    O  N N 124 
DC  P      P  N N 125 
DC  OP1    O  N N 126 
DC  OP2    O  N N 127 
DC  "O5'"  O  N N 128 
DC  "C5'"  C  N N 129 
DC  "C4'"  C  N R 130 
DC  "O4'"  O  N N 131 
DC  "C3'"  C  N S 132 
DC  "O3'"  O  N N 133 
DC  "C2'"  C  N N 134 
DC  "C1'"  C  N R 135 
DC  N1     N  N N 136 
DC  C2     C  N N 137 
DC  O2     O  N N 138 
DC  N3     N  N N 139 
DC  C4     C  N N 140 
DC  N4     N  N N 141 
DC  C5     C  N N 142 
DC  C6     C  N N 143 
DC  HOP3   H  N N 144 
DC  HOP2   H  N N 145 
DC  "H5'"  H  N N 146 
DC  "H5''" H  N N 147 
DC  "H4'"  H  N N 148 
DC  "H3'"  H  N N 149 
DC  "HO3'" H  N N 150 
DC  "H2'"  H  N N 151 
DC  "H2''" H  N N 152 
DC  "H1'"  H  N N 153 
DC  H41    H  N N 154 
DC  H42    H  N N 155 
DC  H5     H  N N 156 
DC  H6     H  N N 157 
DG  OP3    O  N N 158 
DG  P      P  N N 159 
DG  OP1    O  N N 160 
DG  OP2    O  N N 161 
DG  "O5'"  O  N N 162 
DG  "C5'"  C  N N 163 
DG  "C4'"  C  N R 164 
DG  "O4'"  O  N N 165 
DG  "C3'"  C  N S 166 
DG  "O3'"  O  N N 167 
DG  "C2'"  C  N N 168 
DG  "C1'"  C  N R 169 
DG  N9     N  Y N 170 
DG  C8     C  Y N 171 
DG  N7     N  Y N 172 
DG  C5     C  Y N 173 
DG  C6     C  N N 174 
DG  O6     O  N N 175 
DG  N1     N  N N 176 
DG  C2     C  N N 177 
DG  N2     N  N N 178 
DG  N3     N  N N 179 
DG  C4     C  Y N 180 
DG  HOP3   H  N N 181 
DG  HOP2   H  N N 182 
DG  "H5'"  H  N N 183 
DG  "H5''" H  N N 184 
DG  "H4'"  H  N N 185 
DG  "H3'"  H  N N 186 
DG  "HO3'" H  N N 187 
DG  "H2'"  H  N N 188 
DG  "H2''" H  N N 189 
DG  "H1'"  H  N N 190 
DG  H8     H  N N 191 
DG  H1     H  N N 192 
DG  H21    H  N N 193 
DG  H22    H  N N 194 
DT  OP3    O  N N 195 
DT  P      P  N N 196 
DT  OP1    O  N N 197 
DT  OP2    O  N N 198 
DT  "O5'"  O  N N 199 
DT  "C5'"  C  N N 200 
DT  "C4'"  C  N R 201 
DT  "O4'"  O  N N 202 
DT  "C3'"  C  N S 203 
DT  "O3'"  O  N N 204 
DT  "C2'"  C  N N 205 
DT  "C1'"  C  N R 206 
DT  N1     N  N N 207 
DT  C2     C  N N 208 
DT  O2     O  N N 209 
DT  N3     N  N N 210 
DT  C4     C  N N 211 
DT  O4     O  N N 212 
DT  C5     C  N N 213 
DT  C7     C  N N 214 
DT  C6     C  N N 215 
DT  HOP3   H  N N 216 
DT  HOP2   H  N N 217 
DT  "H5'"  H  N N 218 
DT  "H5''" H  N N 219 
DT  "H4'"  H  N N 220 
DT  "H3'"  H  N N 221 
DT  "HO3'" H  N N 222 
DT  "H2'"  H  N N 223 
DT  "H2''" H  N N 224 
DT  "H1'"  H  N N 225 
DT  H3     H  N N 226 
DT  H71    H  N N 227 
DT  H72    H  N N 228 
DT  H73    H  N N 229 
DT  H6     H  N N 230 
GLN N      N  N N 231 
GLN CA     C  N S 232 
GLN C      C  N N 233 
GLN O      O  N N 234 
GLN CB     C  N N 235 
GLN CG     C  N N 236 
GLN CD     C  N N 237 
GLN OE1    O  N N 238 
GLN NE2    N  N N 239 
GLN OXT    O  N N 240 
GLN H      H  N N 241 
GLN H2     H  N N 242 
GLN HA     H  N N 243 
GLN HB2    H  N N 244 
GLN HB3    H  N N 245 
GLN HG2    H  N N 246 
GLN HG3    H  N N 247 
GLN HE21   H  N N 248 
GLN HE22   H  N N 249 
GLN HXT    H  N N 250 
GLU N      N  N N 251 
GLU CA     C  N S 252 
GLU C      C  N N 253 
GLU O      O  N N 254 
GLU CB     C  N N 255 
GLU CG     C  N N 256 
GLU CD     C  N N 257 
GLU OE1    O  N N 258 
GLU OE2    O  N N 259 
GLU OXT    O  N N 260 
GLU H      H  N N 261 
GLU H2     H  N N 262 
GLU HA     H  N N 263 
GLU HB2    H  N N 264 
GLU HB3    H  N N 265 
GLU HG2    H  N N 266 
GLU HG3    H  N N 267 
GLU HE2    H  N N 268 
GLU HXT    H  N N 269 
GLY N      N  N N 270 
GLY CA     C  N N 271 
GLY C      C  N N 272 
GLY O      O  N N 273 
GLY OXT    O  N N 274 
GLY H      H  N N 275 
GLY H2     H  N N 276 
GLY HA2    H  N N 277 
GLY HA3    H  N N 278 
GLY HXT    H  N N 279 
HIS N      N  N N 280 
HIS CA     C  N S 281 
HIS C      C  N N 282 
HIS O      O  N N 283 
HIS CB     C  N N 284 
HIS CG     C  Y N 285 
HIS ND1    N  Y N 286 
HIS CD2    C  Y N 287 
HIS CE1    C  Y N 288 
HIS NE2    N  Y N 289 
HIS OXT    O  N N 290 
HIS H      H  N N 291 
HIS H2     H  N N 292 
HIS HA     H  N N 293 
HIS HB2    H  N N 294 
HIS HB3    H  N N 295 
HIS HD1    H  N N 296 
HIS HD2    H  N N 297 
HIS HE1    H  N N 298 
HIS HE2    H  N N 299 
HIS HXT    H  N N 300 
HOH O      O  N N 301 
HOH H1     H  N N 302 
HOH H2     H  N N 303 
ILE N      N  N N 304 
ILE CA     C  N S 305 
ILE C      C  N N 306 
ILE O      O  N N 307 
ILE CB     C  N S 308 
ILE CG1    C  N N 309 
ILE CG2    C  N N 310 
ILE CD1    C  N N 311 
ILE OXT    O  N N 312 
ILE H      H  N N 313 
ILE H2     H  N N 314 
ILE HA     H  N N 315 
ILE HB     H  N N 316 
ILE HG12   H  N N 317 
ILE HG13   H  N N 318 
ILE HG21   H  N N 319 
ILE HG22   H  N N 320 
ILE HG23   H  N N 321 
ILE HD11   H  N N 322 
ILE HD12   H  N N 323 
ILE HD13   H  N N 324 
ILE HXT    H  N N 325 
LEU N      N  N N 326 
LEU CA     C  N S 327 
LEU C      C  N N 328 
LEU O      O  N N 329 
LEU CB     C  N N 330 
LEU CG     C  N N 331 
LEU CD1    C  N N 332 
LEU CD2    C  N N 333 
LEU OXT    O  N N 334 
LEU H      H  N N 335 
LEU H2     H  N N 336 
LEU HA     H  N N 337 
LEU HB2    H  N N 338 
LEU HB3    H  N N 339 
LEU HG     H  N N 340 
LEU HD11   H  N N 341 
LEU HD12   H  N N 342 
LEU HD13   H  N N 343 
LEU HD21   H  N N 344 
LEU HD22   H  N N 345 
LEU HD23   H  N N 346 
LEU HXT    H  N N 347 
LYS N      N  N N 348 
LYS CA     C  N S 349 
LYS C      C  N N 350 
LYS O      O  N N 351 
LYS CB     C  N N 352 
LYS CG     C  N N 353 
LYS CD     C  N N 354 
LYS CE     C  N N 355 
LYS NZ     N  N N 356 
LYS OXT    O  N N 357 
LYS H      H  N N 358 
LYS H2     H  N N 359 
LYS HA     H  N N 360 
LYS HB2    H  N N 361 
LYS HB3    H  N N 362 
LYS HG2    H  N N 363 
LYS HG3    H  N N 364 
LYS HD2    H  N N 365 
LYS HD3    H  N N 366 
LYS HE2    H  N N 367 
LYS HE3    H  N N 368 
LYS HZ1    H  N N 369 
LYS HZ2    H  N N 370 
LYS HZ3    H  N N 371 
LYS HXT    H  N N 372 
MET N      N  N N 373 
MET CA     C  N S 374 
MET C      C  N N 375 
MET O      O  N N 376 
MET CB     C  N N 377 
MET CG     C  N N 378 
MET SD     S  N N 379 
MET CE     C  N N 380 
MET OXT    O  N N 381 
MET H      H  N N 382 
MET H2     H  N N 383 
MET HA     H  N N 384 
MET HB2    H  N N 385 
MET HB3    H  N N 386 
MET HG2    H  N N 387 
MET HG3    H  N N 388 
MET HE1    H  N N 389 
MET HE2    H  N N 390 
MET HE3    H  N N 391 
MET HXT    H  N N 392 
PHE N      N  N N 393 
PHE CA     C  N S 394 
PHE C      C  N N 395 
PHE O      O  N N 396 
PHE CB     C  N N 397 
PHE CG     C  Y N 398 
PHE CD1    C  Y N 399 
PHE CD2    C  Y N 400 
PHE CE1    C  Y N 401 
PHE CE2    C  Y N 402 
PHE CZ     C  Y N 403 
PHE OXT    O  N N 404 
PHE H      H  N N 405 
PHE H2     H  N N 406 
PHE HA     H  N N 407 
PHE HB2    H  N N 408 
PHE HB3    H  N N 409 
PHE HD1    H  N N 410 
PHE HD2    H  N N 411 
PHE HE1    H  N N 412 
PHE HE2    H  N N 413 
PHE HZ     H  N N 414 
PHE HXT    H  N N 415 
PRO N      N  N N 416 
PRO CA     C  N S 417 
PRO C      C  N N 418 
PRO O      O  N N 419 
PRO CB     C  N N 420 
PRO CG     C  N N 421 
PRO CD     C  N N 422 
PRO OXT    O  N N 423 
PRO H      H  N N 424 
PRO HA     H  N N 425 
PRO HB2    H  N N 426 
PRO HB3    H  N N 427 
PRO HG2    H  N N 428 
PRO HG3    H  N N 429 
PRO HD2    H  N N 430 
PRO HD3    H  N N 431 
PRO HXT    H  N N 432 
SER N      N  N N 433 
SER CA     C  N S 434 
SER C      C  N N 435 
SER O      O  N N 436 
SER CB     C  N N 437 
SER OG     O  N N 438 
SER OXT    O  N N 439 
SER H      H  N N 440 
SER H2     H  N N 441 
SER HA     H  N N 442 
SER HB2    H  N N 443 
SER HB3    H  N N 444 
SER HG     H  N N 445 
SER HXT    H  N N 446 
THR N      N  N N 447 
THR CA     C  N S 448 
THR C      C  N N 449 
THR O      O  N N 450 
THR CB     C  N R 451 
THR OG1    O  N N 452 
THR CG2    C  N N 453 
THR OXT    O  N N 454 
THR H      H  N N 455 
THR H2     H  N N 456 
THR HA     H  N N 457 
THR HB     H  N N 458 
THR HG1    H  N N 459 
THR HG21   H  N N 460 
THR HG22   H  N N 461 
THR HG23   H  N N 462 
THR HXT    H  N N 463 
TRP N      N  N N 464 
TRP CA     C  N S 465 
TRP C      C  N N 466 
TRP O      O  N N 467 
TRP CB     C  N N 468 
TRP CG     C  Y N 469 
TRP CD1    C  Y N 470 
TRP CD2    C  Y N 471 
TRP NE1    N  Y N 472 
TRP CE2    C  Y N 473 
TRP CE3    C  Y N 474 
TRP CZ2    C  Y N 475 
TRP CZ3    C  Y N 476 
TRP CH2    C  Y N 477 
TRP OXT    O  N N 478 
TRP H      H  N N 479 
TRP H2     H  N N 480 
TRP HA     H  N N 481 
TRP HB2    H  N N 482 
TRP HB3    H  N N 483 
TRP HD1    H  N N 484 
TRP HE1    H  N N 485 
TRP HE3    H  N N 486 
TRP HZ2    H  N N 487 
TRP HZ3    H  N N 488 
TRP HH2    H  N N 489 
TRP HXT    H  N N 490 
TYR N      N  N N 491 
TYR CA     C  N S 492 
TYR C      C  N N 493 
TYR O      O  N N 494 
TYR CB     C  N N 495 
TYR CG     C  Y N 496 
TYR CD1    C  Y N 497 
TYR CD2    C  Y N 498 
TYR CE1    C  Y N 499 
TYR CE2    C  Y N 500 
TYR CZ     C  Y N 501 
TYR OH     O  N N 502 
TYR OXT    O  N N 503 
TYR H      H  N N 504 
TYR H2     H  N N 505 
TYR HA     H  N N 506 
TYR HB2    H  N N 507 
TYR HB3    H  N N 508 
TYR HD1    H  N N 509 
TYR HD2    H  N N 510 
TYR HE1    H  N N 511 
TYR HE2    H  N N 512 
TYR HH     H  N N 513 
TYR HXT    H  N N 514 
VAL N      N  N N 515 
VAL CA     C  N S 516 
VAL C      C  N N 517 
VAL O      O  N N 518 
VAL CB     C  N N 519 
VAL CG1    C  N N 520 
VAL CG2    C  N N 521 
VAL OXT    O  N N 522 
VAL H      H  N N 523 
VAL H2     H  N N 524 
VAL HA     H  N N 525 
VAL HB     H  N N 526 
VAL HG11   H  N N 527 
VAL HG12   H  N N 528 
VAL HG13   H  N N 529 
VAL HG21   H  N N 530 
VAL HG22   H  N N 531 
VAL HG23   H  N N 532 
VAL HXT    H  N N 533 
YB  YB     YB N N 534 
# 
loop_
_chem_comp_bond.comp_id 
_chem_comp_bond.atom_id_1 
_chem_comp_bond.atom_id_2 
_chem_comp_bond.value_order 
_chem_comp_bond.pdbx_aromatic_flag 
_chem_comp_bond.pdbx_stereo_config 
_chem_comp_bond.pdbx_ordinal 
ALA N     CA     sing N N 1   
ALA N     H      sing N N 2   
ALA N     H2     sing N N 3   
ALA CA    C      sing N N 4   
ALA CA    CB     sing N N 5   
ALA CA    HA     sing N N 6   
ALA C     O      doub N N 7   
ALA C     OXT    sing N N 8   
ALA CB    HB1    sing N N 9   
ALA CB    HB2    sing N N 10  
ALA CB    HB3    sing N N 11  
ALA OXT   HXT    sing N N 12  
ARG N     CA     sing N N 13  
ARG N     H      sing N N 14  
ARG N     H2     sing N N 15  
ARG CA    C      sing N N 16  
ARG CA    CB     sing N N 17  
ARG CA    HA     sing N N 18  
ARG C     O      doub N N 19  
ARG C     OXT    sing N N 20  
ARG CB    CG     sing N N 21  
ARG CB    HB2    sing N N 22  
ARG CB    HB3    sing N N 23  
ARG CG    CD     sing N N 24  
ARG CG    HG2    sing N N 25  
ARG CG    HG3    sing N N 26  
ARG CD    NE     sing N N 27  
ARG CD    HD2    sing N N 28  
ARG CD    HD3    sing N N 29  
ARG NE    CZ     sing N N 30  
ARG NE    HE     sing N N 31  
ARG CZ    NH1    sing N N 32  
ARG CZ    NH2    doub N N 33  
ARG NH1   HH11   sing N N 34  
ARG NH1   HH12   sing N N 35  
ARG NH2   HH21   sing N N 36  
ARG NH2   HH22   sing N N 37  
ARG OXT   HXT    sing N N 38  
ASN N     CA     sing N N 39  
ASN N     H      sing N N 40  
ASN N     H2     sing N N 41  
ASN CA    C      sing N N 42  
ASN CA    CB     sing N N 43  
ASN CA    HA     sing N N 44  
ASN C     O      doub N N 45  
ASN C     OXT    sing N N 46  
ASN CB    CG     sing N N 47  
ASN CB    HB2    sing N N 48  
ASN CB    HB3    sing N N 49  
ASN CG    OD1    doub N N 50  
ASN CG    ND2    sing N N 51  
ASN ND2   HD21   sing N N 52  
ASN ND2   HD22   sing N N 53  
ASN OXT   HXT    sing N N 54  
ASP N     CA     sing N N 55  
ASP N     H      sing N N 56  
ASP N     H2     sing N N 57  
ASP CA    C      sing N N 58  
ASP CA    CB     sing N N 59  
ASP CA    HA     sing N N 60  
ASP C     O      doub N N 61  
ASP C     OXT    sing N N 62  
ASP CB    CG     sing N N 63  
ASP CB    HB2    sing N N 64  
ASP CB    HB3    sing N N 65  
ASP CG    OD1    doub N N 66  
ASP CG    OD2    sing N N 67  
ASP OD2   HD2    sing N N 68  
ASP OXT   HXT    sing N N 69  
CYS N     CA     sing N N 70  
CYS N     H      sing N N 71  
CYS N     H2     sing N N 72  
CYS CA    C      sing N N 73  
CYS CA    CB     sing N N 74  
CYS CA    HA     sing N N 75  
CYS C     O      doub N N 76  
CYS C     OXT    sing N N 77  
CYS CB    SG     sing N N 78  
CYS CB    HB2    sing N N 79  
CYS CB    HB3    sing N N 80  
CYS SG    HG     sing N N 81  
CYS OXT   HXT    sing N N 82  
DA  OP3   P      sing N N 83  
DA  OP3   HOP3   sing N N 84  
DA  P     OP1    doub N N 85  
DA  P     OP2    sing N N 86  
DA  P     "O5'"  sing N N 87  
DA  OP2   HOP2   sing N N 88  
DA  "O5'" "C5'"  sing N N 89  
DA  "C5'" "C4'"  sing N N 90  
DA  "C5'" "H5'"  sing N N 91  
DA  "C5'" "H5''" sing N N 92  
DA  "C4'" "O4'"  sing N N 93  
DA  "C4'" "C3'"  sing N N 94  
DA  "C4'" "H4'"  sing N N 95  
DA  "O4'" "C1'"  sing N N 96  
DA  "C3'" "O3'"  sing N N 97  
DA  "C3'" "C2'"  sing N N 98  
DA  "C3'" "H3'"  sing N N 99  
DA  "O3'" "HO3'" sing N N 100 
DA  "C2'" "C1'"  sing N N 101 
DA  "C2'" "H2'"  sing N N 102 
DA  "C2'" "H2''" sing N N 103 
DA  "C1'" N9     sing N N 104 
DA  "C1'" "H1'"  sing N N 105 
DA  N9    C8     sing Y N 106 
DA  N9    C4     sing Y N 107 
DA  C8    N7     doub Y N 108 
DA  C8    H8     sing N N 109 
DA  N7    C5     sing Y N 110 
DA  C5    C6     sing Y N 111 
DA  C5    C4     doub Y N 112 
DA  C6    N6     sing N N 113 
DA  C6    N1     doub Y N 114 
DA  N6    H61    sing N N 115 
DA  N6    H62    sing N N 116 
DA  N1    C2     sing Y N 117 
DA  C2    N3     doub Y N 118 
DA  C2    H2     sing N N 119 
DA  N3    C4     sing Y N 120 
DC  OP3   P      sing N N 121 
DC  OP3   HOP3   sing N N 122 
DC  P     OP1    doub N N 123 
DC  P     OP2    sing N N 124 
DC  P     "O5'"  sing N N 125 
DC  OP2   HOP2   sing N N 126 
DC  "O5'" "C5'"  sing N N 127 
DC  "C5'" "C4'"  sing N N 128 
DC  "C5'" "H5'"  sing N N 129 
DC  "C5'" "H5''" sing N N 130 
DC  "C4'" "O4'"  sing N N 131 
DC  "C4'" "C3'"  sing N N 132 
DC  "C4'" "H4'"  sing N N 133 
DC  "O4'" "C1'"  sing N N 134 
DC  "C3'" "O3'"  sing N N 135 
DC  "C3'" "C2'"  sing N N 136 
DC  "C3'" "H3'"  sing N N 137 
DC  "O3'" "HO3'" sing N N 138 
DC  "C2'" "C1'"  sing N N 139 
DC  "C2'" "H2'"  sing N N 140 
DC  "C2'" "H2''" sing N N 141 
DC  "C1'" N1     sing N N 142 
DC  "C1'" "H1'"  sing N N 143 
DC  N1    C2     sing N N 144 
DC  N1    C6     sing N N 145 
DC  C2    O2     doub N N 146 
DC  C2    N3     sing N N 147 
DC  N3    C4     doub N N 148 
DC  C4    N4     sing N N 149 
DC  C4    C5     sing N N 150 
DC  N4    H41    sing N N 151 
DC  N4    H42    sing N N 152 
DC  C5    C6     doub N N 153 
DC  C5    H5     sing N N 154 
DC  C6    H6     sing N N 155 
DG  OP3   P      sing N N 156 
DG  OP3   HOP3   sing N N 157 
DG  P     OP1    doub N N 158 
DG  P     OP2    sing N N 159 
DG  P     "O5'"  sing N N 160 
DG  OP2   HOP2   sing N N 161 
DG  "O5'" "C5'"  sing N N 162 
DG  "C5'" "C4'"  sing N N 163 
DG  "C5'" "H5'"  sing N N 164 
DG  "C5'" "H5''" sing N N 165 
DG  "C4'" "O4'"  sing N N 166 
DG  "C4'" "C3'"  sing N N 167 
DG  "C4'" "H4'"  sing N N 168 
DG  "O4'" "C1'"  sing N N 169 
DG  "C3'" "O3'"  sing N N 170 
DG  "C3'" "C2'"  sing N N 171 
DG  "C3'" "H3'"  sing N N 172 
DG  "O3'" "HO3'" sing N N 173 
DG  "C2'" "C1'"  sing N N 174 
DG  "C2'" "H2'"  sing N N 175 
DG  "C2'" "H2''" sing N N 176 
DG  "C1'" N9     sing N N 177 
DG  "C1'" "H1'"  sing N N 178 
DG  N9    C8     sing Y N 179 
DG  N9    C4     sing Y N 180 
DG  C8    N7     doub Y N 181 
DG  C8    H8     sing N N 182 
DG  N7    C5     sing Y N 183 
DG  C5    C6     sing N N 184 
DG  C5    C4     doub Y N 185 
DG  C6    O6     doub N N 186 
DG  C6    N1     sing N N 187 
DG  N1    C2     sing N N 188 
DG  N1    H1     sing N N 189 
DG  C2    N2     sing N N 190 
DG  C2    N3     doub N N 191 
DG  N2    H21    sing N N 192 
DG  N2    H22    sing N N 193 
DG  N3    C4     sing N N 194 
DT  OP3   P      sing N N 195 
DT  OP3   HOP3   sing N N 196 
DT  P     OP1    doub N N 197 
DT  P     OP2    sing N N 198 
DT  P     "O5'"  sing N N 199 
DT  OP2   HOP2   sing N N 200 
DT  "O5'" "C5'"  sing N N 201 
DT  "C5'" "C4'"  sing N N 202 
DT  "C5'" "H5'"  sing N N 203 
DT  "C5'" "H5''" sing N N 204 
DT  "C4'" "O4'"  sing N N 205 
DT  "C4'" "C3'"  sing N N 206 
DT  "C4'" "H4'"  sing N N 207 
DT  "O4'" "C1'"  sing N N 208 
DT  "C3'" "O3'"  sing N N 209 
DT  "C3'" "C2'"  sing N N 210 
DT  "C3'" "H3'"  sing N N 211 
DT  "O3'" "HO3'" sing N N 212 
DT  "C2'" "C1'"  sing N N 213 
DT  "C2'" "H2'"  sing N N 214 
DT  "C2'" "H2''" sing N N 215 
DT  "C1'" N1     sing N N 216 
DT  "C1'" "H1'"  sing N N 217 
DT  N1    C2     sing N N 218 
DT  N1    C6     sing N N 219 
DT  C2    O2     doub N N 220 
DT  C2    N3     sing N N 221 
DT  N3    C4     sing N N 222 
DT  N3    H3     sing N N 223 
DT  C4    O4     doub N N 224 
DT  C4    C5     sing N N 225 
DT  C5    C7     sing N N 226 
DT  C5    C6     doub N N 227 
DT  C7    H71    sing N N 228 
DT  C7    H72    sing N N 229 
DT  C7    H73    sing N N 230 
DT  C6    H6     sing N N 231 
GLN N     CA     sing N N 232 
GLN N     H      sing N N 233 
GLN N     H2     sing N N 234 
GLN CA    C      sing N N 235 
GLN CA    CB     sing N N 236 
GLN CA    HA     sing N N 237 
GLN C     O      doub N N 238 
GLN C     OXT    sing N N 239 
GLN CB    CG     sing N N 240 
GLN CB    HB2    sing N N 241 
GLN CB    HB3    sing N N 242 
GLN CG    CD     sing N N 243 
GLN CG    HG2    sing N N 244 
GLN CG    HG3    sing N N 245 
GLN CD    OE1    doub N N 246 
GLN CD    NE2    sing N N 247 
GLN NE2   HE21   sing N N 248 
GLN NE2   HE22   sing N N 249 
GLN OXT   HXT    sing N N 250 
GLU N     CA     sing N N 251 
GLU N     H      sing N N 252 
GLU N     H2     sing N N 253 
GLU CA    C      sing N N 254 
GLU CA    CB     sing N N 255 
GLU CA    HA     sing N N 256 
GLU C     O      doub N N 257 
GLU C     OXT    sing N N 258 
GLU CB    CG     sing N N 259 
GLU CB    HB2    sing N N 260 
GLU CB    HB3    sing N N 261 
GLU CG    CD     sing N N 262 
GLU CG    HG2    sing N N 263 
GLU CG    HG3    sing N N 264 
GLU CD    OE1    doub N N 265 
GLU CD    OE2    sing N N 266 
GLU OE2   HE2    sing N N 267 
GLU OXT   HXT    sing N N 268 
GLY N     CA     sing N N 269 
GLY N     H      sing N N 270 
GLY N     H2     sing N N 271 
GLY CA    C      sing N N 272 
GLY CA    HA2    sing N N 273 
GLY CA    HA3    sing N N 274 
GLY C     O      doub N N 275 
GLY C     OXT    sing N N 276 
GLY OXT   HXT    sing N N 277 
HIS N     CA     sing N N 278 
HIS N     H      sing N N 279 
HIS N     H2     sing N N 280 
HIS CA    C      sing N N 281 
HIS CA    CB     sing N N 282 
HIS CA    HA     sing N N 283 
HIS C     O      doub N N 284 
HIS C     OXT    sing N N 285 
HIS CB    CG     sing N N 286 
HIS CB    HB2    sing N N 287 
HIS CB    HB3    sing N N 288 
HIS CG    ND1    sing Y N 289 
HIS CG    CD2    doub Y N 290 
HIS ND1   CE1    doub Y N 291 
HIS ND1   HD1    sing N N 292 
HIS CD2   NE2    sing Y N 293 
HIS CD2   HD2    sing N N 294 
HIS CE1   NE2    sing Y N 295 
HIS CE1   HE1    sing N N 296 
HIS NE2   HE2    sing N N 297 
HIS OXT   HXT    sing N N 298 
HOH O     H1     sing N N 299 
HOH O     H2     sing N N 300 
ILE N     CA     sing N N 301 
ILE N     H      sing N N 302 
ILE N     H2     sing N N 303 
ILE CA    C      sing N N 304 
ILE CA    CB     sing N N 305 
ILE CA    HA     sing N N 306 
ILE C     O      doub N N 307 
ILE C     OXT    sing N N 308 
ILE CB    CG1    sing N N 309 
ILE CB    CG2    sing N N 310 
ILE CB    HB     sing N N 311 
ILE CG1   CD1    sing N N 312 
ILE CG1   HG12   sing N N 313 
ILE CG1   HG13   sing N N 314 
ILE CG2   HG21   sing N N 315 
ILE CG2   HG22   sing N N 316 
ILE CG2   HG23   sing N N 317 
ILE CD1   HD11   sing N N 318 
ILE CD1   HD12   sing N N 319 
ILE CD1   HD13   sing N N 320 
ILE OXT   HXT    sing N N 321 
LEU N     CA     sing N N 322 
LEU N     H      sing N N 323 
LEU N     H2     sing N N 324 
LEU CA    C      sing N N 325 
LEU CA    CB     sing N N 326 
LEU CA    HA     sing N N 327 
LEU C     O      doub N N 328 
LEU C     OXT    sing N N 329 
LEU CB    CG     sing N N 330 
LEU CB    HB2    sing N N 331 
LEU CB    HB3    sing N N 332 
LEU CG    CD1    sing N N 333 
LEU CG    CD2    sing N N 334 
LEU CG    HG     sing N N 335 
LEU CD1   HD11   sing N N 336 
LEU CD1   HD12   sing N N 337 
LEU CD1   HD13   sing N N 338 
LEU CD2   HD21   sing N N 339 
LEU CD2   HD22   sing N N 340 
LEU CD2   HD23   sing N N 341 
LEU OXT   HXT    sing N N 342 
LYS N     CA     sing N N 343 
LYS N     H      sing N N 344 
LYS N     H2     sing N N 345 
LYS CA    C      sing N N 346 
LYS CA    CB     sing N N 347 
LYS CA    HA     sing N N 348 
LYS C     O      doub N N 349 
LYS C     OXT    sing N N 350 
LYS CB    CG     sing N N 351 
LYS CB    HB2    sing N N 352 
LYS CB    HB3    sing N N 353 
LYS CG    CD     sing N N 354 
LYS CG    HG2    sing N N 355 
LYS CG    HG3    sing N N 356 
LYS CD    CE     sing N N 357 
LYS CD    HD2    sing N N 358 
LYS CD    HD3    sing N N 359 
LYS CE    NZ     sing N N 360 
LYS CE    HE2    sing N N 361 
LYS CE    HE3    sing N N 362 
LYS NZ    HZ1    sing N N 363 
LYS NZ    HZ2    sing N N 364 
LYS NZ    HZ3    sing N N 365 
LYS OXT   HXT    sing N N 366 
MET N     CA     sing N N 367 
MET N     H      sing N N 368 
MET N     H2     sing N N 369 
MET CA    C      sing N N 370 
MET CA    CB     sing N N 371 
MET CA    HA     sing N N 372 
MET C     O      doub N N 373 
MET C     OXT    sing N N 374 
MET CB    CG     sing N N 375 
MET CB    HB2    sing N N 376 
MET CB    HB3    sing N N 377 
MET CG    SD     sing N N 378 
MET CG    HG2    sing N N 379 
MET CG    HG3    sing N N 380 
MET SD    CE     sing N N 381 
MET CE    HE1    sing N N 382 
MET CE    HE2    sing N N 383 
MET CE    HE3    sing N N 384 
MET OXT   HXT    sing N N 385 
PHE N     CA     sing N N 386 
PHE N     H      sing N N 387 
PHE N     H2     sing N N 388 
PHE CA    C      sing N N 389 
PHE CA    CB     sing N N 390 
PHE CA    HA     sing N N 391 
PHE C     O      doub N N 392 
PHE C     OXT    sing N N 393 
PHE CB    CG     sing N N 394 
PHE CB    HB2    sing N N 395 
PHE CB    HB3    sing N N 396 
PHE CG    CD1    doub Y N 397 
PHE CG    CD2    sing Y N 398 
PHE CD1   CE1    sing Y N 399 
PHE CD1   HD1    sing N N 400 
PHE CD2   CE2    doub Y N 401 
PHE CD2   HD2    sing N N 402 
PHE CE1   CZ     doub Y N 403 
PHE CE1   HE1    sing N N 404 
PHE CE2   CZ     sing Y N 405 
PHE CE2   HE2    sing N N 406 
PHE CZ    HZ     sing N N 407 
PHE OXT   HXT    sing N N 408 
PRO N     CA     sing N N 409 
PRO N     CD     sing N N 410 
PRO N     H      sing N N 411 
PRO CA    C      sing N N 412 
PRO CA    CB     sing N N 413 
PRO CA    HA     sing N N 414 
PRO C     O      doub N N 415 
PRO C     OXT    sing N N 416 
PRO CB    CG     sing N N 417 
PRO CB    HB2    sing N N 418 
PRO CB    HB3    sing N N 419 
PRO CG    CD     sing N N 420 
PRO CG    HG2    sing N N 421 
PRO CG    HG3    sing N N 422 
PRO CD    HD2    sing N N 423 
PRO CD    HD3    sing N N 424 
PRO OXT   HXT    sing N N 425 
SER N     CA     sing N N 426 
SER N     H      sing N N 427 
SER N     H2     sing N N 428 
SER CA    C      sing N N 429 
SER CA    CB     sing N N 430 
SER CA    HA     sing N N 431 
SER C     O      doub N N 432 
SER C     OXT    sing N N 433 
SER CB    OG     sing N N 434 
SER CB    HB2    sing N N 435 
SER CB    HB3    sing N N 436 
SER OG    HG     sing N N 437 
SER OXT   HXT    sing N N 438 
THR N     CA     sing N N 439 
THR N     H      sing N N 440 
THR N     H2     sing N N 441 
THR CA    C      sing N N 442 
THR CA    CB     sing N N 443 
THR CA    HA     sing N N 444 
THR C     O      doub N N 445 
THR C     OXT    sing N N 446 
THR CB    OG1    sing N N 447 
THR CB    CG2    sing N N 448 
THR CB    HB     sing N N 449 
THR OG1   HG1    sing N N 450 
THR CG2   HG21   sing N N 451 
THR CG2   HG22   sing N N 452 
THR CG2   HG23   sing N N 453 
THR OXT   HXT    sing N N 454 
TRP N     CA     sing N N 455 
TRP N     H      sing N N 456 
TRP N     H2     sing N N 457 
TRP CA    C      sing N N 458 
TRP CA    CB     sing N N 459 
TRP CA    HA     sing N N 460 
TRP C     O      doub N N 461 
TRP C     OXT    sing N N 462 
TRP CB    CG     sing N N 463 
TRP CB    HB2    sing N N 464 
TRP CB    HB3    sing N N 465 
TRP CG    CD1    doub Y N 466 
TRP CG    CD2    sing Y N 467 
TRP CD1   NE1    sing Y N 468 
TRP CD1   HD1    sing N N 469 
TRP CD2   CE2    doub Y N 470 
TRP CD2   CE3    sing Y N 471 
TRP NE1   CE2    sing Y N 472 
TRP NE1   HE1    sing N N 473 
TRP CE2   CZ2    sing Y N 474 
TRP CE3   CZ3    doub Y N 475 
TRP CE3   HE3    sing N N 476 
TRP CZ2   CH2    doub Y N 477 
TRP CZ2   HZ2    sing N N 478 
TRP CZ3   CH2    sing Y N 479 
TRP CZ3   HZ3    sing N N 480 
TRP CH2   HH2    sing N N 481 
TRP OXT   HXT    sing N N 482 
TYR N     CA     sing N N 483 
TYR N     H      sing N N 484 
TYR N     H2     sing N N 485 
TYR CA    C      sing N N 486 
TYR CA    CB     sing N N 487 
TYR CA    HA     sing N N 488 
TYR C     O      doub N N 489 
TYR C     OXT    sing N N 490 
TYR CB    CG     sing N N 491 
TYR CB    HB2    sing N N 492 
TYR CB    HB3    sing N N 493 
TYR CG    CD1    doub Y N 494 
TYR CG    CD2    sing Y N 495 
TYR CD1   CE1    sing Y N 496 
TYR CD1   HD1    sing N N 497 
TYR CD2   CE2    doub Y N 498 
TYR CD2   HD2    sing N N 499 
TYR CE1   CZ     doub Y N 500 
TYR CE1   HE1    sing N N 501 
TYR CE2   CZ     sing Y N 502 
TYR CE2   HE2    sing N N 503 
TYR CZ    OH     sing N N 504 
TYR OH    HH     sing N N 505 
TYR OXT   HXT    sing N N 506 
VAL N     CA     sing N N 507 
VAL N     H      sing N N 508 
VAL N     H2     sing N N 509 
VAL CA    C      sing N N 510 
VAL CA    CB     sing N N 511 
VAL CA    HA     sing N N 512 
VAL C     O      doub N N 513 
VAL C     OXT    sing N N 514 
VAL CB    CG1    sing N N 515 
VAL CB    CG2    sing N N 516 
VAL CB    HB     sing N N 517 
VAL CG1   HG11   sing N N 518 
VAL CG1   HG12   sing N N 519 
VAL CG1   HG13   sing N N 520 
VAL CG2   HG21   sing N N 521 
VAL CG2   HG22   sing N N 522 
VAL CG2   HG23   sing N N 523 
VAL OXT   HXT    sing N N 524 
# 
_ndb_struct_conf_na.entry_id   2BOP 
_ndb_struct_conf_na.feature    'b-form double helix' 
# 
loop_
_ndb_struct_na_base_pair.model_number 
_ndb_struct_na_base_pair.i_label_asym_id 
_ndb_struct_na_base_pair.i_label_comp_id 
_ndb_struct_na_base_pair.i_label_seq_id 
_ndb_struct_na_base_pair.i_symmetry 
_ndb_struct_na_base_pair.j_label_asym_id 
_ndb_struct_na_base_pair.j_label_comp_id 
_ndb_struct_na_base_pair.j_label_seq_id 
_ndb_struct_na_base_pair.j_symmetry 
_ndb_struct_na_base_pair.shear 
_ndb_struct_na_base_pair.stretch 
_ndb_struct_na_base_pair.stagger 
_ndb_struct_na_base_pair.buckle 
_ndb_struct_na_base_pair.propeller 
_ndb_struct_na_base_pair.opening 
_ndb_struct_na_base_pair.pair_number 
_ndb_struct_na_base_pair.pair_name 
_ndb_struct_na_base_pair.i_auth_asym_id 
_ndb_struct_na_base_pair.i_auth_seq_id 
_ndb_struct_na_base_pair.i_PDB_ins_code 
_ndb_struct_na_base_pair.j_auth_asym_id 
_ndb_struct_na_base_pair.j_auth_seq_id 
_ndb_struct_na_base_pair.j_PDB_ins_code 
_ndb_struct_na_base_pair.hbond_type_28 
_ndb_struct_na_base_pair.hbond_type_12 
1 A DC 2  1_555 A DG 17 4_776 0.129  -0.237 0.241  -7.064  -4.297  -5.769 1  B_DC2:DG17_B B 2  ? B 17 ? 19 1 
1 A DG 3  1_555 A DC 16 4_776 -0.269 -0.063 0.182  10.504  -1.721  -0.144 2  B_DG3:DC16_B B 3  ? B 16 ? 19 1 
1 A DA 4  1_555 A DT 15 4_776 0.149  0.051  0.153  10.121  -12.326 -6.275 3  B_DA4:DT15_B B 4  ? B 15 ? 20 1 
1 A DC 5  1_555 A DG 14 4_776 0.202  -0.180 -0.011 9.571   -18.162 -2.572 4  B_DC5:DG14_B B 5  ? B 14 ? 19 1 
1 A DC 6  1_555 A DG 13 4_776 0.123  -0.192 -0.046 2.576   -8.856  -1.933 5  B_DC6:DG13_B B 6  ? B 13 ? 19 1 
1 A DG 7  1_555 A DC 12 4_776 -0.253 -0.129 0.274  15.520  -13.099 1.914  6  B_DG7:DC12_B B 7  ? B 12 ? 19 1 
1 A DA 8  1_555 A DT 11 4_776 0.104  -0.144 0.184  -0.851  -17.096 -3.189 7  B_DA8:DT11_B B 8  ? B 11 ? 20 1 
1 A DC 9  1_555 A DG 10 4_776 0.139  -0.214 0.009  -2.451  -3.174  -1.880 8  B_DC9:DG10_B B 9  ? B 10 ? 19 1 
1 A DG 10 1_555 A DC 9  4_776 -0.139 -0.214 0.009  2.451   -3.174  -1.880 9  B_DG10:DC9_B B 10 ? B 9  ? 19 1 
1 A DT 11 1_555 A DA 8  4_776 -0.104 -0.144 0.184  0.851   -17.096 -3.189 10 B_DT11:DA8_B B 11 ? B 8  ? 20 1 
1 A DC 12 1_555 A DG 7  4_776 0.253  -0.129 0.274  -15.520 -13.099 1.914  11 B_DC12:DG7_B B 12 ? B 7  ? 19 1 
1 A DG 13 1_555 A DC 6  4_776 -0.123 -0.192 -0.046 -2.576  -8.856  -1.933 12 B_DG13:DC6_B B 13 ? B 6  ? 19 1 
1 A DG 14 1_555 A DC 5  4_776 -0.202 -0.180 -0.011 -9.571  -18.162 -2.572 13 B_DG14:DC5_B B 14 ? B 5  ? 19 1 
1 A DT 15 1_555 A DA 4  4_776 -0.149 0.051  0.153  -10.121 -12.326 -6.275 14 B_DT15:DA4_B B 15 ? B 4  ? 20 1 
1 A DC 16 1_555 A DG 3  4_776 0.269  -0.063 0.182  -10.504 -1.721  -0.144 15 B_DC16:DG3_B B 16 ? B 3  ? 19 1 
1 A DG 17 1_555 A DC 2  4_776 -0.129 -0.237 0.241  7.064   -4.297  -5.769 16 B_DG17:DC2_B B 17 ? B 2  ? 19 1 
# 
loop_
_ndb_struct_na_base_pair_step.model_number 
_ndb_struct_na_base_pair_step.i_label_asym_id_1 
_ndb_struct_na_base_pair_step.i_label_comp_id_1 
_ndb_struct_na_base_pair_step.i_label_seq_id_1 
_ndb_struct_na_base_pair_step.i_symmetry_1 
_ndb_struct_na_base_pair_step.j_label_asym_id_1 
_ndb_struct_na_base_pair_step.j_label_comp_id_1 
_ndb_struct_na_base_pair_step.j_label_seq_id_1 
_ndb_struct_na_base_pair_step.j_symmetry_1 
_ndb_struct_na_base_pair_step.i_label_asym_id_2 
_ndb_struct_na_base_pair_step.i_label_comp_id_2 
_ndb_struct_na_base_pair_step.i_label_seq_id_2 
_ndb_struct_na_base_pair_step.i_symmetry_2 
_ndb_struct_na_base_pair_step.j_label_asym_id_2 
_ndb_struct_na_base_pair_step.j_label_comp_id_2 
_ndb_struct_na_base_pair_step.j_label_seq_id_2 
_ndb_struct_na_base_pair_step.j_symmetry_2 
_ndb_struct_na_base_pair_step.shift 
_ndb_struct_na_base_pair_step.slide 
_ndb_struct_na_base_pair_step.rise 
_ndb_struct_na_base_pair_step.tilt 
_ndb_struct_na_base_pair_step.roll 
_ndb_struct_na_base_pair_step.twist 
_ndb_struct_na_base_pair_step.x_displacement 
_ndb_struct_na_base_pair_step.y_displacement 
_ndb_struct_na_base_pair_step.helical_rise 
_ndb_struct_na_base_pair_step.inclination 
_ndb_struct_na_base_pair_step.tip 
_ndb_struct_na_base_pair_step.helical_twist 
_ndb_struct_na_base_pair_step.step_number 
_ndb_struct_na_base_pair_step.step_name 
_ndb_struct_na_base_pair_step.i_auth_asym_id_1 
_ndb_struct_na_base_pair_step.i_auth_seq_id_1 
_ndb_struct_na_base_pair_step.i_PDB_ins_code_1 
_ndb_struct_na_base_pair_step.j_auth_asym_id_1 
_ndb_struct_na_base_pair_step.j_auth_seq_id_1 
_ndb_struct_na_base_pair_step.j_PDB_ins_code_1 
_ndb_struct_na_base_pair_step.i_auth_asym_id_2 
_ndb_struct_na_base_pair_step.i_auth_seq_id_2 
_ndb_struct_na_base_pair_step.i_PDB_ins_code_2 
_ndb_struct_na_base_pair_step.j_auth_asym_id_2 
_ndb_struct_na_base_pair_step.j_auth_seq_id_2 
_ndb_struct_na_base_pair_step.j_PDB_ins_code_2 
1 A DC 2  1_555 A DG 17 4_776 A DG 3  1_555 A DC 16 4_776 0.648  1.057  3.046 3.245  5.842  26.098 0.806  -0.578 3.256 12.675 
-7.040 26.926 1  BB_DC2DG3:DC16DG17_BB B 2  ? B 17 ? B 3  ? B 16 ? 
1 A DG 3  1_555 A DC 16 4_776 A DA 4  1_555 A DT 15 4_776 -1.332 1.076  3.513 -2.819 2.074  40.504 1.297  1.575  3.642 2.989  
4.063  40.649 2  BB_DG3DA4:DT15DC16_BB B 3  ? B 16 ? B 4  ? B 15 ? 
1 A DA 4  1_555 A DT 15 4_776 A DC 5  1_555 A DG 14 4_776 0.878  -0.615 3.340 -0.027 1.713  32.457 -1.403 -1.573 3.303 3.062  
0.048  32.501 3  BB_DA4DC5:DG14DT15_BB B 4  ? B 15 ? B 5  ? B 14 ? 
1 A DC 5  1_555 A DG 14 4_776 A DC 6  1_555 A DG 13 4_776 -0.740 -0.434 3.439 -0.611 9.244  34.142 -2.132 1.125  3.228 15.396 
1.018  35.341 4  BB_DC5DC6:DG13DG14_BB B 5  ? B 14 ? B 6  ? B 13 ? 
1 A DC 6  1_555 A DG 13 4_776 A DG 7  1_555 A DC 12 4_776 0.283  1.017  3.192 -0.398 14.482 27.517 -1.039 -0.609 3.300 28.112 
0.773  31.032 5  BB_DC6DG7:DC12DG13_BB B 6  ? B 13 ? B 7  ? B 12 ? 
1 A DG 7  1_555 A DC 12 4_776 A DA 8  1_555 A DT 11 4_776 -0.225 -0.352 3.610 1.828  -0.115 42.780 -0.469 0.510  3.599 -0.157 
-2.505 42.818 6  BB_DG7DA8:DT11DC12_BB B 7  ? B 12 ? B 8  ? B 11 ? 
1 A DA 8  1_555 A DT 11 4_776 A DC 9  1_555 A DG 10 4_776 0.621  0.510  3.503 3.222  -6.008 36.575 1.653  -0.516 3.420 -9.472 
-5.080 37.184 7  BB_DA8DC9:DG10DT11_BB B 8  ? B 11 ? B 9  ? B 10 ? 
1 A DC 9  1_555 A DG 10 4_776 A DG 10 1_555 A DC 9  4_776 0.000  1.554  3.418 0.000  -5.620 40.249 2.871  0.000  3.182 -8.119 
0.000  40.624 8  BB_DC9DG10:DC9DG10_BB B 9  ? B 10 ? B 10 ? B 9  ? 
1 A DG 10 1_555 A DC 9  4_776 A DT 11 1_555 A DA 8  4_776 -0.621 0.510  3.503 -3.222 -6.008 36.575 1.653  0.516  3.420 -9.472 
5.080  37.184 9  BB_DG10DT11:DA8DC9_BB B 10 ? B 9  ? B 11 ? B 8  ? 
1 A DT 11 1_555 A DA 8  4_776 A DC 12 1_555 A DG 7  4_776 0.225  -0.352 3.610 -1.828 -0.115 42.780 -0.469 -0.510 3.599 -0.157 
2.505  42.818 10 BB_DT11DC12:DG7DA8_BB B 11 ? B 8  ? B 12 ? B 7  ? 
1 A DC 12 1_555 A DG 7  4_776 A DG 13 1_555 A DC 6  4_776 -0.283 1.017  3.192 0.398  14.482 27.517 -1.039 0.609  3.300 28.112 
-0.773 31.032 11 BB_DC12DG13:DC6DG7_BB B 12 ? B 7  ? B 13 ? B 6  ? 
1 A DG 13 1_555 A DC 6  4_776 A DG 14 1_555 A DC 5  4_776 0.740  -0.434 3.439 0.611  9.244  34.142 -2.132 -1.125 3.228 15.396 
-1.018 35.341 12 BB_DG13DG14:DC5DC6_BB B 13 ? B 6  ? B 14 ? B 5  ? 
1 A DG 14 1_555 A DC 5  4_776 A DT 15 1_555 A DA 4  4_776 -0.878 -0.615 3.340 0.027  1.713  32.457 -1.403 1.573  3.303 3.062  
-0.048 32.501 13 BB_DG14DT15:DA4DC5_BB B 14 ? B 5  ? B 15 ? B 4  ? 
1 A DT 15 1_555 A DA 4  4_776 A DC 16 1_555 A DG 3  4_776 1.332  1.076  3.513 2.819  2.074  40.504 1.297  -1.575 3.642 2.989  
-4.063 40.649 14 BB_DT15DC16:DG3DA4_BB B 15 ? B 4  ? B 16 ? B 3  ? 
1 A DC 16 1_555 A DG 3  4_776 A DG 17 1_555 A DC 2  4_776 -0.648 1.057  3.046 -3.245 5.842  26.098 0.806  0.578  3.256 12.675 
7.040  26.926 15 BB_DC16DG17:DC2DG3_BB B 16 ? B 3  ? B 17 ? B 2  ? 
# 
_atom_sites.entry_id                    2BOP 
_atom_sites.fract_transf_matrix[1][1]   -0.00776936 
_atom_sites.fract_transf_matrix[1][2]   -0.01062504 
_atom_sites.fract_transf_matrix[1][3]   -0.01306447 
_atom_sites.fract_transf_matrix[2][1]   0.01397954 
_atom_sites.fract_transf_matrix[2][2]   -0.00938828 
_atom_sites.fract_transf_matrix[2][3]   0.00777022 
_atom_sites.fract_transf_matrix[3][1]   -0.01268677 
_atom_sites.fract_transf_matrix[3][2]   0.00364653 
_atom_sites.fract_transf_matrix[3][3]   0.01302700 
_atom_sites.fract_transf_vector[1]      0.917443 
_atom_sites.fract_transf_vector[2]      0.934390 
_atom_sites.fract_transf_vector[3]      0.488577 
# 
_atom_sites_footnote.id     1 
_atom_sites_footnote.text   
'YTTERBIUM WAS USED IN THE CRYSTALLIZATION AND PHASING OF THIS STRUCTURE. IT HAS NO ROLE IN DNA-BINDING OR DNA SEQUENCE RECOGNITION.' 
# 
loop_
_atom_type.symbol 
C  
N  
O  
P  
S  
YB 
# 
loop_
_atom_site.group_PDB 
_atom_site.id 
_atom_site.type_symbol 
_atom_site.label_atom_id 
_atom_site.label_alt_id 
_atom_site.label_comp_id 
_atom_site.label_asym_id 
_atom_site.label_entity_id 
_atom_site.label_seq_id 
_atom_site.pdbx_PDB_ins_code 
_atom_site.Cartn_x 
_atom_site.Cartn_y 
_atom_site.Cartn_z 
_atom_site.occupancy 
_atom_site.B_iso_or_equiv 
_atom_site.pdbx_formal_charge 
_atom_site.auth_seq_id 
_atom_site.auth_comp_id 
_atom_site.auth_asym_id 
_atom_site.auth_atom_id 
_atom_site.pdbx_PDB_model_num 
ATOM   1    O  "O5'" . DC  A 1 1  ? -11.202 -31.224 5.750   1.00 24.37 ? 1   DC  B "O5'" 1 
ATOM   2    C  "C5'" . DC  A 1 1  ? -10.100 -32.118 5.761   1.00 22.47 ? 1   DC  B "C5'" 1 
ATOM   3    C  "C4'" . DC  A 1 1  ? -9.700  -32.225 4.298   1.00 21.09 ? 1   DC  B "C4'" 1 
ATOM   4    O  "O4'" . DC  A 1 1  ? -10.686 -32.921 3.558   1.00 20.61 ? 1   DC  B "O4'" 1 
ATOM   5    C  "C3'" . DC  A 1 1  ? -9.468  -30.899 3.550   1.00 19.84 ? 1   DC  B "C3'" 1 
ATOM   6    O  "O3'" . DC  A 1 1  ? -8.213  -31.027 2.856   1.00 18.93 ? 1   DC  B "O3'" 1 
ATOM   7    C  "C2'" . DC  A 1 1  ? -10.669 -30.812 2.636   1.00 19.54 ? 1   DC  B "C2'" 1 
ATOM   8    C  "C1'" . DC  A 1 1  ? -10.923 -32.313 2.299   1.00 19.78 ? 1   DC  B "C1'" 1 
ATOM   9    N  N1    . DC  A 1 1  ? -12.392 -32.507 2.087   1.00 19.33 ? 1   DC  B N1    1 
ATOM   10   C  C2    . DC  A 1 1  ? -12.750 -33.263 1.006   1.00 19.18 ? 1   DC  B C2    1 
ATOM   11   O  O2    . DC  A 1 1  ? -11.981 -33.623 0.167   1.00 20.04 ? 1   DC  B O2    1 
ATOM   12   N  N3    . DC  A 1 1  ? -14.072 -33.549 0.805   1.00 19.21 ? 1   DC  B N3    1 
ATOM   13   C  C4    . DC  A 1 1  ? -14.977 -33.178 1.728   1.00 18.89 ? 1   DC  B C4    1 
ATOM   14   N  N4    . DC  A 1 1  ? -16.288 -33.434 1.468   1.00 19.24 ? 1   DC  B N4    1 
ATOM   15   C  C5    . DC  A 1 1  ? -14.577 -32.414 2.837   1.00 19.20 ? 1   DC  B C5    1 
ATOM   16   C  C6    . DC  A 1 1  ? -13.265 -32.138 3.062   1.00 19.05 ? 1   DC  B C6    1 
ATOM   17   P  P     . DC  A 1 2  ? -7.496  -29.820 2.109   1.00 17.79 ? 2   DC  B P     1 
ATOM   18   O  OP1   . DC  A 1 2  ? -6.127  -30.158 2.149   1.00 17.94 ? 2   DC  B OP1   1 
ATOM   19   O  OP2   . DC  A 1 2  ? -8.047  -28.719 2.611   1.00 17.91 ? 2   DC  B OP2   1 
ATOM   20   O  "O5'" . DC  A 1 2  ? -8.023  -30.098 0.599   1.00 16.02 ? 2   DC  B "O5'" 1 
ATOM   21   C  "C5'" . DC  A 1 2  ? -7.531  -31.119 -0.250  1.00 14.66 ? 2   DC  B "C5'" 1 
ATOM   22   C  "C4'" . DC  A 1 2  ? -8.317  -31.172 -1.497  1.00 15.00 ? 2   DC  B "C4'" 1 
ATOM   23   O  "O4'" . DC  A 1 2  ? -9.647  -31.373 -1.200  1.00 14.38 ? 2   DC  B "O4'" 1 
ATOM   24   C  "C3'" . DC  A 1 2  ? -8.348  -29.780 -2.235  1.00 14.89 ? 2   DC  B "C3'" 1 
ATOM   25   O  "O3'" . DC  A 1 2  ? -7.307  -29.729 -3.171  1.00 15.56 ? 2   DC  B "O3'" 1 
ATOM   26   C  "C2'" . DC  A 1 2  ? -9.714  -29.651 -2.688  1.00 14.43 ? 2   DC  B "C2'" 1 
ATOM   27   C  "C1'" . DC  A 1 2  ? -10.448 -30.959 -2.294  1.00 14.15 ? 2   DC  B "C1'" 1 
ATOM   28   N  N1    . DC  A 1 2  ? -11.800 -30.757 -1.845  1.00 13.98 ? 2   DC  B N1    1 
ATOM   29   C  C2    . DC  A 1 2  ? -12.816 -31.372 -2.591  1.00 14.04 ? 2   DC  B C2    1 
ATOM   30   O  O2    . DC  A 1 2  ? -12.590 -31.994 -3.636  1.00 14.73 ? 2   DC  B O2    1 
ATOM   31   N  N3    . DC  A 1 2  ? -14.060 -31.286 -2.046  1.00 13.68 ? 2   DC  B N3    1 
ATOM   32   C  C4    . DC  A 1 2  ? -14.387 -30.710 -0.933  1.00 14.11 ? 2   DC  B C4    1 
ATOM   33   N  N4    . DC  A 1 2  ? -15.674 -30.720 -0.502  1.00 14.38 ? 2   DC  B N4    1 
ATOM   34   C  C5    . DC  A 1 2  ? -13.356 -30.066 -0.146  1.00 14.66 ? 2   DC  B C5    1 
ATOM   35   C  C6    . DC  A 1 2  ? -12.102 -30.137 -0.657  1.00 14.16 ? 2   DC  B C6    1 
ATOM   36   P  P     . DG  A 1 3  ? -6.852  -28.273 -3.885  1.00 17.15 ? 3   DG  B P     1 
ATOM   37   O  OP1   . DG  A 1 3  ? -5.513  -28.564 -4.283  1.00 17.80 ? 3   DG  B OP1   1 
ATOM   38   O  OP2   . DG  A 1 3  ? -6.996  -27.271 -2.907  1.00 13.97 ? 3   DG  B OP2   1 
ATOM   39   O  "O5'" . DG  A 1 3  ? -7.841  -28.305 -5.062  1.00 16.36 ? 3   DG  B "O5'" 1 
ATOM   40   C  "C5'" . DG  A 1 3  ? -7.933  -29.192 -6.157  1.00 14.71 ? 3   DG  B "C5'" 1 
ATOM   41   C  "C4'" . DG  A 1 3  ? -9.037  -28.731 -7.037  1.00 15.91 ? 3   DG  B "C4'" 1 
ATOM   42   O  "O4'" . DG  A 1 3  ? -10.314 -28.936 -6.383  1.00 14.95 ? 3   DG  B "O4'" 1 
ATOM   43   C  "C3'" . DG  A 1 3  ? -9.083  -27.251 -7.480  1.00 15.85 ? 3   DG  B "C3'" 1 
ATOM   44   O  "O3'" . DG  A 1 3  ? -9.752  -27.130 -8.808  1.00 17.44 ? 3   DG  B "O3'" 1 
ATOM   45   C  "C2'" . DG  A 1 3  ? -10.014 -26.638 -6.497  1.00 14.62 ? 3   DG  B "C2'" 1 
ATOM   46   C  "C1'" . DG  A 1 3  ? -11.072 -27.779 -6.349  1.00 14.61 ? 3   DG  B "C1'" 1 
ATOM   47   N  N9    . DG  A 1 3  ? -11.868 -27.687 -5.145  1.00 13.58 ? 3   DG  B N9    1 
ATOM   48   C  C8    . DG  A 1 3  ? -11.592 -27.001 -3.976  1.00 13.80 ? 3   DG  B C8    1 
ATOM   49   N  N7    . DG  A 1 3  ? -12.611 -27.002 -3.163  1.00 14.20 ? 3   DG  B N7    1 
ATOM   50   C  C5    . DG  A 1 3  ? -13.557 -27.824 -3.752  1.00 13.73 ? 3   DG  B C5    1 
ATOM   51   C  C6    . DG  A 1 3  ? -14.836 -28.278 -3.297  1.00 13.74 ? 3   DG  B C6    1 
ATOM   52   O  O6    . DG  A 1 3  ? -15.381 -27.918 -2.253  1.00 14.04 ? 3   DG  B O6    1 
ATOM   53   N  N1    . DG  A 1 3  ? -15.551 -28.969 -4.227  1.00 13.95 ? 3   DG  B N1    1 
ATOM   54   C  C2    . DG  A 1 3  ? -15.037 -29.274 -5.438  1.00 13.03 ? 3   DG  B C2    1 
ATOM   55   N  N2    . DG  A 1 3  ? -15.819 -30.020 -6.252  1.00 12.80 ? 3   DG  B N2    1 
ATOM   56   N  N3    . DG  A 1 3  ? -13.802 -29.048 -5.815  1.00 13.26 ? 3   DG  B N3    1 
ATOM   57   C  C4    . DG  A 1 3  ? -13.140 -28.190 -4.992  1.00 13.64 ? 3   DG  B C4    1 
ATOM   58   P  P     . DA  A 1 4  ? -8.962  -26.460 -10.050 1.00 14.02 ? 4   DA  B P     1 
ATOM   59   O  OP1   . DA  A 1 4  ? -7.702  -27.046 -10.144 1.00 13.96 ? 4   DA  B OP1   1 
ATOM   60   O  OP2   . DA  A 1 4  ? -9.021  -25.115 -9.710  1.00 14.07 ? 4   DA  B OP2   1 
ATOM   61   O  "O5'" . DA  A 1 4  ? -9.938  -26.995 -11.104 1.00 14.99 ? 4   DA  B "O5'" 1 
ATOM   62   C  "C5'" . DA  A 1 4  ? -10.152 -28.373 -11.449 1.00 14.62 ? 4   DA  B "C5'" 1 
ATOM   63   C  "C4'" . DA  A 1 4  ? -11.528 -28.456 -12.064 1.00 14.47 ? 4   DA  B "C4'" 1 
ATOM   64   O  "O4'" . DA  A 1 4  ? -12.482 -28.472 -11.045 1.00 14.72 ? 4   DA  B "O4'" 1 
ATOM   65   C  "C3'" . DA  A 1 4  ? -12.003 -27.520 -13.104 1.00 15.22 ? 4   DA  B "C3'" 1 
ATOM   66   O  "O3'" . DA  A 1 4  ? -12.800 -28.157 -14.150 1.00 15.67 ? 4   DA  B "O3'" 1 
ATOM   67   C  "C2'" . DA  A 1 4  ? -12.915 -26.512 -12.341 1.00 14.45 ? 4   DA  B "C2'" 1 
ATOM   68   C  "C1'" . DA  A 1 4  ? -13.469 -27.469 -11.224 1.00 13.51 ? 4   DA  B "C1'" 1 
ATOM   69   N  N9    . DA  A 1 4  ? -13.580 -26.749 -9.949  1.00 13.45 ? 4   DA  B N9    1 
ATOM   70   C  C8    . DA  A 1 4  ? -12.589 -26.044 -9.319  1.00 12.89 ? 4   DA  B C8    1 
ATOM   71   N  N7    . DA  A 1 4  ? -12.932 -25.538 -8.130  1.00 12.65 ? 4   DA  B N7    1 
ATOM   72   C  C5    . DA  A 1 4  ? -14.230 -26.086 -7.976  1.00 12.88 ? 4   DA  B C5    1 
ATOM   73   C  C6    . DA  A 1 4  ? -15.139 -25.959 -6.895  1.00 13.29 ? 4   DA  B C6    1 
ATOM   74   N  N6    . DA  A 1 4  ? -14.915 -25.270 -5.789  1.00 12.05 ? 4   DA  B N6    1 
ATOM   75   N  N1    . DA  A 1 4  ? -16.333 -26.657 -7.042  1.00 13.15 ? 4   DA  B N1    1 
ATOM   76   C  C2    . DA  A 1 4  ? -16.613 -27.291 -8.218  1.00 12.81 ? 4   DA  B C2    1 
ATOM   77   N  N3    . DA  A 1 4  ? -15.800 -27.417 -9.222  1.00 12.45 ? 4   DA  B N3    1 
ATOM   78   C  C4    . DA  A 1 4  ? -14.626 -26.776 -9.075  1.00 12.97 ? 4   DA  B C4    1 
ATOM   79   P  P     . DC  A 1 5  ? -13.460 -27.388 -15.330 1.00 17.17 ? 5   DC  B P     1 
ATOM   80   O  OP1   . DC  A 1 5  ? -13.678 -28.422 -16.332 1.00 17.47 ? 5   DC  B OP1   1 
ATOM   81   O  OP2   . DC  A 1 5  ? -12.655 -26.186 -15.737 1.00 17.18 ? 5   DC  B OP2   1 
ATOM   82   O  "O5'" . DC  A 1 5  ? -14.826 -26.738 -14.833 1.00 17.01 ? 5   DC  B "O5'" 1 
ATOM   83   C  "C5'" . DC  A 1 5  ? -15.958 -27.445 -14.494 1.00 18.67 ? 5   DC  B "C5'" 1 
ATOM   84   C  "C4'" . DC  A 1 5  ? -16.947 -26.504 -13.782 1.00 18.58 ? 5   DC  B "C4'" 1 
ATOM   85   O  "O4'" . DC  A 1 5  ? -16.412 -26.200 -12.485 1.00 18.18 ? 5   DC  B "O4'" 1 
ATOM   86   C  "C3'" . DC  A 1 5  ? -17.467 -25.235 -14.347 1.00 19.49 ? 5   DC  B "C3'" 1 
ATOM   87   O  "O3'" . DC  A 1 5  ? -18.703 -25.446 -15.044 1.00 21.43 ? 5   DC  B "O3'" 1 
ATOM   88   C  "C2'" . DC  A 1 5  ? -17.712 -24.366 -13.129 1.00 18.99 ? 5   DC  B "C2'" 1 
ATOM   89   C  "C1'" . DC  A 1 5  ? -17.281 -25.179 -11.978 1.00 16.85 ? 5   DC  B "C1'" 1 
ATOM   90   N  N1    . DC  A 1 5  ? -16.453 -24.390 -10.969 1.00 16.22 ? 5   DC  B N1    1 
ATOM   91   C  C2    . DC  A 1 5  ? -17.082 -24.217 -9.755  1.00 15.05 ? 5   DC  B C2    1 
ATOM   92   O  O2    . DC  A 1 5  ? -18.232 -24.646 -9.623  1.00 15.87 ? 5   DC  B O2    1 
ATOM   93   N  N3    . DC  A 1 5  ? -16.440 -23.547 -8.796  1.00 14.45 ? 5   DC  B N3    1 
ATOM   94   C  C4    . DC  A 1 5  ? -15.209 -23.004 -9.005  1.00 14.81 ? 5   DC  B C4    1 
ATOM   95   N  N4    . DC  A 1 5  ? -14.546 -22.475 -8.011  1.00 13.90 ? 5   DC  B N4    1 
ATOM   96   C  C5    . DC  A 1 5  ? -14.531 -23.254 -10.257 1.00 15.04 ? 5   DC  B C5    1 
ATOM   97   C  C6    . DC  A 1 5  ? -15.213 -23.888 -11.215 1.00 14.94 ? 5   DC  B C6    1 
ATOM   98   P  P     . DC  A 1 6  ? -19.408 -24.218 -15.902 1.00 23.46 ? 6   DC  B P     1 
ATOM   99   O  OP1   . DC  A 1 6  ? -20.208 -25.017 -16.989 1.00 26.31 ? 6   DC  B OP1   1 
ATOM   100  O  OP2   . DC  A 1 6  ? -18.502 -23.365 -16.370 1.00 23.67 ? 6   DC  B OP2   1 
ATOM   101  O  "O5'" . DC  A 1 6  ? -20.527 -23.699 -14.857 1.00 21.86 ? 6   DC  B "O5'" 1 
ATOM   102  C  "C5'" . DC  A 1 6  ? -21.561 -24.435 -14.269 1.00 20.61 ? 6   DC  B "C5'" 1 
ATOM   103  C  "C4'" . DC  A 1 6  ? -22.292 -23.481 -13.333 1.00 20.09 ? 6   DC  B "C4'" 1 
ATOM   104  O  "O4'" . DC  A 1 6  ? -21.472 -23.377 -12.197 1.00 19.61 ? 6   DC  B "O4'" 1 
ATOM   105  C  "C3'" . DC  A 1 6  ? -22.586 -22.090 -13.782 1.00 20.62 ? 6   DC  B "C3'" 1 
ATOM   106  O  "O3'" . DC  A 1 6  ? -23.897 -21.992 -14.433 1.00 24.06 ? 6   DC  B "O3'" 1 
ATOM   107  C  "C2'" . DC  A 1 6  ? -22.476 -21.261 -12.557 1.00 19.70 ? 6   DC  B "C2'" 1 
ATOM   108  C  "C1'" . DC  A 1 6  ? -21.711 -22.053 -11.587 1.00 18.21 ? 6   DC  B "C1'" 1 
ATOM   109  N  N1    . DC  A 1 6  ? -20.382 -21.485 -11.239 1.00 17.20 ? 6   DC  B N1    1 
ATOM   110  C  C2    . DC  A 1 6  ? -20.287 -20.966 -9.971  1.00 16.23 ? 6   DC  B C2    1 
ATOM   111  O  O2    . DC  A 1 6  ? -21.284 -20.874 -9.234  1.00 16.78 ? 6   DC  B O2    1 
ATOM   112  N  N3    . DC  A 1 6  ? -19.037 -20.633 -9.545  1.00 15.40 ? 6   DC  B N3    1 
ATOM   113  C  C4    . DC  A 1 6  ? -17.942 -20.748 -10.302 1.00 14.80 ? 6   DC  B C4    1 
ATOM   114  N  N4    . DC  A 1 6  ? -16.759 -20.385 -9.763  1.00 14.61 ? 6   DC  B N4    1 
ATOM   115  C  C5    . DC  A 1 6  ? -18.037 -21.251 -11.602 1.00 15.27 ? 6   DC  B C5    1 
ATOM   116  C  C6    . DC  A 1 6  ? -19.275 -21.591 -12.051 1.00 16.08 ? 6   DC  B C6    1 
ATOM   117  P  P     . DG  A 1 7  ? -24.247 -20.918 -15.482 1.00 28.09 ? 7   DG  B P     1 
ATOM   118  O  OP1   . DG  A 1 7  ? -25.321 -21.195 -16.680 1.00 29.06 ? 7   DG  B OP1   1 
ATOM   119  O  OP2   . DG  A 1 7  ? -23.080 -20.414 -16.276 1.00 27.80 ? 7   DG  B OP2   1 
ATOM   120  O  "O5'" . DG  A 1 7  ? -24.605 -19.488 -14.746 1.00 25.48 ? 7   DG  B "O5'" 1 
ATOM   121  C  "C5'" . DG  A 1 7  ? -25.622 -19.745 -13.733 1.00 23.66 ? 7   DG  B "C5'" 1 
ATOM   122  C  "C4'" . DG  A 1 7  ? -25.584 -18.493 -12.899 1.00 23.29 ? 7   DG  B "C4'" 1 
ATOM   123  O  "O4'" . DG  A 1 7  ? -24.353 -18.469 -12.223 1.00 22.64 ? 7   DG  B "O4'" 1 
ATOM   124  C  "C3'" . DG  A 1 7  ? -25.732 -17.155 -13.578 1.00 23.00 ? 7   DG  B "C3'" 1 
ATOM   125  O  "O3'" . DG  A 1 7  ? -26.492 -16.331 -12.694 1.00 24.44 ? 7   DG  B "O3'" 1 
ATOM   126  C  "C2'" . DG  A 1 7  ? -24.285 -16.676 -13.726 1.00 21.76 ? 7   DG  B "C2'" 1 
ATOM   127  C  "C1'" . DG  A 1 7  ? -23.702 -17.225 -12.453 1.00 20.67 ? 7   DG  B "C1'" 1 
ATOM   128  N  N9    . DG  A 1 7  ? -22.256 -17.442 -12.544 1.00 19.33 ? 7   DG  B N9    1 
ATOM   129  C  C8    . DG  A 1 7  ? -21.507 -17.871 -13.626 1.00 18.82 ? 7   DG  B C8    1 
ATOM   130  N  N7    . DG  A 1 7  ? -20.246 -18.084 -13.336 1.00 18.41 ? 7   DG  B N7    1 
ATOM   131  C  C5    . DG  A 1 7  ? -20.128 -17.670 -12.019 1.00 17.61 ? 7   DG  B C5    1 
ATOM   132  C  C6    . DG  A 1 7  ? -18.999 -17.530 -11.172 1.00 16.46 ? 7   DG  B C6    1 
ATOM   133  O  O6    . DG  A 1 7  ? -17.847 -17.782 -11.537 1.00 16.37 ? 7   DG  B O6    1 
ATOM   134  N  N1    . DG  A 1 7  ? -19.291 -16.941 -9.981  1.00 16.83 ? 7   DG  B N1    1 
ATOM   135  C  C2    . DG  A 1 7  ? -20.521 -16.658 -9.552  1.00 16.46 ? 7   DG  B C2    1 
ATOM   136  N  N2    . DG  A 1 7  ? -20.746 -16.192 -8.303  1.00 15.95 ? 7   DG  B N2    1 
ATOM   137  N  N3    . DG  A 1 7  ? -21.608 -16.774 -10.286 1.00 17.30 ? 7   DG  B N3    1 
ATOM   138  C  C4    . DG  A 1 7  ? -21.351 -17.326 -11.490 1.00 17.76 ? 7   DG  B C4    1 
ATOM   139  P  P     . DA  A 1 8  ? -26.636 -14.802 -12.991 1.00 27.15 ? 8   DA  B P     1 
ATOM   140  O  OP1   . DA  A 1 8  ? -28.029 -14.692 -12.279 1.00 25.23 ? 8   DA  B OP1   1 
ATOM   141  O  OP2   . DA  A 1 8  ? -26.444 -14.331 -14.185 1.00 25.92 ? 8   DA  B OP2   1 
ATOM   142  O  "O5'" . DA  A 1 8  ? -25.678 -14.004 -11.835 1.00 25.02 ? 8   DA  B "O5'" 1 
ATOM   143  C  "C5'" . DA  A 1 8  ? -25.982 -14.507 -10.494 1.00 23.35 ? 8   DA  B "C5'" 1 
ATOM   144  C  "C4'" . DA  A 1 8  ? -25.118 -13.651 -9.616  1.00 22.57 ? 8   DA  B "C4'" 1 
ATOM   145  O  "O4'" . DA  A 1 8  ? -23.773 -13.959 -9.730  1.00 22.38 ? 8   DA  B "O4'" 1 
ATOM   146  C  "C3'" . DA  A 1 8  ? -25.289 -12.163 -9.959  1.00 22.41 ? 8   DA  B "C3'" 1 
ATOM   147  O  "O3'" . DA  A 1 8  ? -25.460 -11.520 -8.652  1.00 24.38 ? 8   DA  B "O3'" 1 
ATOM   148  C  "C2'" . DA  A 1 8  ? -24.048 -11.812 -10.735 1.00 21.96 ? 8   DA  B "C2'" 1 
ATOM   149  C  "C1'" . DA  A 1 8  ? -23.033 -12.754 -10.147 1.00 20.55 ? 8   DA  B "C1'" 1 
ATOM   150  N  N9    . DA  A 1 8  ? -22.042 -13.224 -11.151 1.00 19.26 ? 8   DA  B N9    1 
ATOM   151  C  C8    . DA  A 1 8  ? -22.187 -13.529 -12.447 1.00 18.69 ? 8   DA  B C8    1 
ATOM   152  N  N7    . DA  A 1 8  ? -21.132 -14.076 -12.940 1.00 18.62 ? 8   DA  B N7    1 
ATOM   153  C  C5    . DA  A 1 8  ? -20.113 -13.799 -12.017 1.00 16.92 ? 8   DA  B C5    1 
ATOM   154  C  C6    . DA  A 1 8  ? -18.735 -14.078 -12.052 1.00 17.03 ? 8   DA  B C6    1 
ATOM   155  N  N6    . DA  A 1 8  ? -18.117 -14.643 -13.055 1.00 16.52 ? 8   DA  B N6    1 
ATOM   156  N  N1    . DA  A 1 8  ? -18.035 -13.735 -10.893 1.00 16.18 ? 8   DA  B N1    1 
ATOM   157  C  C2    . DA  A 1 8  ? -18.714 -13.187 -9.860  1.00 17.11 ? 8   DA  B C2    1 
ATOM   158  N  N3    . DA  A 1 8  ? -20.046 -13.044 -9.703  1.00 17.01 ? 8   DA  B N3    1 
ATOM   159  C  C4    . DA  A 1 8  ? -20.666 -13.298 -10.874 1.00 17.66 ? 8   DA  B C4    1 
ATOM   160  P  P     . DC  A 1 9  ? -25.801 -10.016 -8.424  1.00 27.03 ? 9   DC  B P     1 
ATOM   161  O  OP1   . DC  A 1 9  ? -25.972 -9.961  -6.935  1.00 26.75 ? 9   DC  B OP1   1 
ATOM   162  O  OP2   . DC  A 1 9  ? -26.513 -9.316  -9.339  1.00 25.91 ? 9   DC  B OP2   1 
ATOM   163  O  "O5'" . DC  A 1 9  ? -24.118 -9.312  -8.359  1.00 22.53 ? 9   DC  B "O5'" 1 
ATOM   164  C  "C5'" . DC  A 1 9  ? -23.334 -9.672  -7.187  1.00 20.55 ? 9   DC  B "C5'" 1 
ATOM   165  C  "C4'" . DC  A 1 9  ? -22.010 -8.915  -7.462  1.00 20.25 ? 9   DC  B "C4'" 1 
ATOM   166  O  "O4'" . DC  A 1 9  ? -21.292 -9.538  -8.460  1.00 20.12 ? 9   DC  B "O4'" 1 
ATOM   167  C  "C3'" . DC  A 1 9  ? -22.111 -7.466  -7.916  1.00 19.68 ? 9   DC  B "C3'" 1 
ATOM   168  O  "O3'" . DC  A 1 9  ? -21.118 -6.631  -7.305  1.00 21.58 ? 9   DC  B "O3'" 1 
ATOM   169  C  "C2'" . DC  A 1 9  ? -21.800 -7.507  -9.387  1.00 19.52 ? 9   DC  B "C2'" 1 
ATOM   170  C  "C1'" . DC  A 1 9  ? -20.751 -8.599  -9.397  1.00 18.88 ? 9   DC  B "C1'" 1 
ATOM   171  N  N1    . DC  A 1 9  ? -20.611 -9.155  -10.727 1.00 19.48 ? 9   DC  B N1    1 
ATOM   172  C  C2    . DC  A 1 9  ? -19.373 -9.722  -11.035 1.00 17.88 ? 9   DC  B C2    1 
ATOM   173  O  O2    . DC  A 1 9  ? -18.507 -9.727  -10.151 1.00 17.08 ? 9   DC  B O2    1 
ATOM   174  N  N3    . DC  A 1 9  ? -19.194 -10.204 -12.242 1.00 17.99 ? 9   DC  B N3    1 
ATOM   175  C  C4    . DC  A 1 9  ? -20.142 -10.185 -13.222 1.00 18.76 ? 9   DC  B C4    1 
ATOM   176  N  N4    . DC  A 1 9  ? -19.924 -10.782 -14.376 1.00 18.09 ? 9   DC  B N4    1 
ATOM   177  C  C5    . DC  A 1 9  ? -21.494 -9.923  -12.828 1.00 18.89 ? 9   DC  B C5    1 
ATOM   178  C  C6    . DC  A 1 9  ? -21.618 -9.229  -11.648 1.00 19.04 ? 9   DC  B C6    1 
ATOM   179  P  P     . DG  A 1 10 ? -21.176 -6.014  -5.671  1.00 20.07 ? 10  DG  B P     1 
ATOM   180  O  OP1   . DG  A 1 10 ? -21.356 -7.100  -4.820  1.00 22.25 ? 10  DG  B OP1   1 
ATOM   181  O  OP2   . DG  A 1 10 ? -21.852 -4.784  -5.897  1.00 20.44 ? 10  DG  B OP2   1 
ATOM   182  O  "O5'" . DG  A 1 10 ? -19.560 -5.665  -5.586  1.00 17.59 ? 10  DG  B "O5'" 1 
ATOM   183  C  "C5'" . DG  A 1 10 ? -18.665 -6.747  -5.215  1.00 16.11 ? 10  DG  B "C5'" 1 
ATOM   184  C  "C4'" . DG  A 1 10 ? -17.371 -6.361  -5.861  1.00 14.81 ? 10  DG  B "C4'" 1 
ATOM   185  O  "O4'" . DG  A 1 10 ? -17.317 -6.690  -7.216  1.00 14.54 ? 10  DG  B "O4'" 1 
ATOM   186  C  "C3'" . DG  A 1 10 ? -16.987 -4.884  -5.823  1.00 15.72 ? 10  DG  B "C3'" 1 
ATOM   187  O  "O3'" . DG  A 1 10 ? -15.516 -4.775  -5.738  1.00 16.95 ? 10  DG  B "O3'" 1 
ATOM   188  C  "C2'" . DG  A 1 10 ? -17.441 -4.362  -7.193  1.00 13.47 ? 10  DG  B "C2'" 1 
ATOM   189  C  "C1'" . DG  A 1 10 ? -17.032 -5.517  -8.041  1.00 13.75 ? 10  DG  B "C1'" 1 
ATOM   190  N  N9    . DG  A 1 10 ? -17.793 -5.613  -9.261  1.00 12.93 ? 10  DG  B N9    1 
ATOM   191  C  C8    . DG  A 1 10 ? -19.061 -5.195  -9.563  1.00 13.32 ? 10  DG  B C8    1 
ATOM   192  N  N7    . DG  A 1 10 ? -19.413 -5.474  -10.781 1.00 13.47 ? 10  DG  B N7    1 
ATOM   193  C  C5    . DG  A 1 10 ? -18.360 -6.187  -11.324 1.00 13.32 ? 10  DG  B C5    1 
ATOM   194  C  C6    . DG  A 1 10 ? -18.115 -6.690  -12.630 1.00 13.47 ? 10  DG  B C6    1 
ATOM   195  O  O6    . DG  A 1 10 ? -18.904 -6.885  -13.548 1.00 14.76 ? 10  DG  B O6    1 
ATOM   196  N  N1    . DG  A 1 10 ? -16.884 -7.275  -12.820 1.00 13.44 ? 10  DG  B N1    1 
ATOM   197  C  C2    . DG  A 1 10 ? -15.982 -7.285  -11.812 1.00 12.85 ? 10  DG  B C2    1 
ATOM   198  N  N2    . DG  A 1 10 ? -14.803 -7.791  -12.109 1.00 13.03 ? 10  DG  B N2    1 
ATOM   199  N  N3    . DG  A 1 10 ? -16.101 -6.733  -10.607 1.00 13.21 ? 10  DG  B N3    1 
ATOM   200  C  C4    . DG  A 1 10 ? -17.339 -6.219  -10.427 1.00 13.03 ? 10  DG  B C4    1 
ATOM   201  P  P     . DT  A 1 11 ? -14.773 -3.853  -4.841  1.00 19.00 ? 11  DT  B P     1 
ATOM   202  O  OP1   . DT  A 1 11 ? -14.753 -4.093  -3.606  1.00 22.24 ? 11  DT  B OP1   1 
ATOM   203  O  OP2   . DT  A 1 11 ? -15.058 -2.566  -5.413  1.00 18.98 ? 11  DT  B OP2   1 
ATOM   204  O  "O5'" . DT  A 1 11 ? -13.189 -4.219  -5.335  1.00 17.28 ? 11  DT  B "O5'" 1 
ATOM   205  C  "C5'" . DT  A 1 11 ? -12.738 -5.553  -5.629  1.00 14.65 ? 11  DT  B "C5'" 1 
ATOM   206  C  "C4'" . DT  A 1 11 ? -12.023 -5.536  -6.902  1.00 12.87 ? 11  DT  B "C4'" 1 
ATOM   207  O  "O4'" . DT  A 1 11 ? -12.925 -5.486  -7.991  1.00 13.39 ? 11  DT  B "O4'" 1 
ATOM   208  C  "C3'" . DT  A 1 11 ? -11.015 -4.394  -7.165  1.00 11.63 ? 11  DT  B "C3'" 1 
ATOM   209  O  "O3'" . DT  A 1 11 ? -9.689  -4.925  -7.494  1.00 10.44 ? 11  DT  B "O3'" 1 
ATOM   210  C  "C2'" . DT  A 1 11 ? -11.566 -3.650  -8.383  1.00 11.86 ? 11  DT  B "C2'" 1 
ATOM   211  C  "C1'" . DT  A 1 11 ? -12.401 -4.705  -9.062  1.00 12.56 ? 11  DT  B "C1'" 1 
ATOM   212  N  N1    . DT  A 1 11 ? -13.572 -4.140  -9.800  1.00 12.78 ? 11  DT  B N1    1 
ATOM   213  C  C2    . DT  A 1 11 ? -13.689 -4.453  -11.135 1.00 12.24 ? 11  DT  B C2    1 
ATOM   214  O  O2    . DT  A 1 11 ? -12.968 -5.277  -11.641 1.00 12.98 ? 11  DT  B O2    1 
ATOM   215  N  N3    . DT  A 1 11 ? -14.784 -3.985  -11.778 1.00 12.97 ? 11  DT  B N3    1 
ATOM   216  C  C4    . DT  A 1 11 ? -15.667 -3.134  -11.225 1.00 12.41 ? 11  DT  B C4    1 
ATOM   217  O  O4    . DT  A 1 11 ? -16.746 -2.853  -11.898 1.00 14.23 ? 11  DT  B O4    1 
ATOM   218  C  C5    . DT  A 1 11 ? -15.556 -2.816  -9.840  1.00 13.69 ? 11  DT  B C5    1 
ATOM   219  C  C7    . DT  A 1 11 ? -16.433 -1.794  -9.231  1.00 13.40 ? 11  DT  B C7    1 
ATOM   220  C  C6    . DT  A 1 11 ? -14.458 -3.275  -9.214  1.00 12.88 ? 11  DT  B C6    1 
ATOM   221  P  P     . DC  A 1 12 ? -8.437  -4.129  -7.947  1.00 10.01 ? 12  DC  B P     1 
ATOM   222  O  OP1   . DC  A 1 12 ? -7.260  -4.879  -7.512  1.00 9.41  ? 12  DC  B OP1   1 
ATOM   223  O  OP2   . DC  A 1 12 ? -8.570  -2.816  -7.531  1.00 10.07 ? 12  DC  B OP2   1 
ATOM   224  O  "O5'" . DC  A 1 12 ? -8.554  -4.085  -9.560  1.00 10.08 ? 12  DC  B "O5'" 1 
ATOM   225  C  "C5'" . DC  A 1 12 ? -8.142  -5.381  -10.235 1.00 9.40  ? 12  DC  B "C5'" 1 
ATOM   226  C  "C4'" . DC  A 1 12 ? -8.370  -5.169  -11.676 1.00 10.44 ? 12  DC  B "C4'" 1 
ATOM   227  O  "O4'" . DC  A 1 12 ? -9.684  -4.962  -12.023 1.00 12.03 ? 12  DC  B "O4'" 1 
ATOM   228  C  "C3'" . DC  A 1 12 ? -7.622  -4.007  -12.339 1.00 10.58 ? 12  DC  B "C3'" 1 
ATOM   229  O  "O3'" . DC  A 1 12 ? -6.204  -4.249  -12.459 1.00 10.48 ? 12  DC  B "O3'" 1 
ATOM   230  C  "C2'" . DC  A 1 12 ? -8.406  -3.738  -13.615 1.00 10.26 ? 12  DC  B "C2'" 1 
ATOM   231  C  "C1'" . DC  A 1 12 ? -9.848  -4.127  -13.208 1.00 10.59 ? 12  DC  B "C1'" 1 
ATOM   232  N  N1    . DC  A 1 12 ? -10.741 -3.053  -12.978 1.00 11.34 ? 12  DC  B N1    1 
ATOM   233  C  C2    . DC  A 1 12 ? -11.627 -2.667  -13.986 1.00 11.88 ? 12  DC  B C2    1 
ATOM   234  O  O2    . DC  A 1 12 ? -11.299 -3.026  -15.120 1.00 13.44 ? 12  DC  B O2    1 
ATOM   235  N  N3    . DC  A 1 12 ? -12.574 -1.780  -13.760 1.00 11.65 ? 12  DC  B N3    1 
ATOM   236  C  C4    . DC  A 1 12 ? -12.894 -1.391  -12.494 1.00 11.35 ? 12  DC  B C4    1 
ATOM   237  N  N4    . DC  A 1 12 ? -13.918 -0.616  -12.244 1.00 11.80 ? 12  DC  B N4    1 
ATOM   238  C  C5    . DC  A 1 12 ? -11.937 -1.648  -11.413 1.00 10.42 ? 12  DC  B C5    1 
ATOM   239  C  C6    . DC  A 1 12 ? -10.955 -2.514  -11.729 1.00 12.18 ? 12  DC  B C6    1 
ATOM   240  P  P     . DG  A 1 13 ? -5.059  -3.109  -12.394 1.00 10.62 ? 13  DG  B P     1 
ATOM   241  O  OP1   . DG  A 1 13 ? -3.820  -3.839  -12.308 1.00 11.32 ? 13  DG  B OP1   1 
ATOM   242  O  OP2   . DG  A 1 13 ? -5.434  -2.106  -11.378 1.00 9.48  ? 13  DG  B OP2   1 
ATOM   243  O  "O5'" . DG  A 1 13 ? -5.235  -2.499  -13.854 1.00 11.40 ? 13  DG  B "O5'" 1 
ATOM   244  C  "C5'" . DG  A 1 13 ? -5.045  -3.299  -15.039 1.00 11.65 ? 13  DG  B "C5'" 1 
ATOM   245  C  "C4'" . DG  A 1 13 ? -5.330  -2.499  -16.238 1.00 12.61 ? 13  DG  B "C4'" 1 
ATOM   246  O  "O4'" . DG  A 1 13 ? -6.678  -2.126  -16.393 1.00 12.37 ? 13  DG  B "O4'" 1 
ATOM   247  C  "C3'" . DG  A 1 13 ? -4.496  -1.242  -16.471 1.00 12.75 ? 13  DG  B "C3'" 1 
ATOM   248  O  "O3'" . DG  A 1 13 ? -4.226  -1.075  -17.915 1.00 14.03 ? 13  DG  B "O3'" 1 
ATOM   249  C  "C2'" . DG  A 1 13 ? -5.443  -0.136  -15.927 1.00 12.19 ? 13  DG  B "C2'" 1 
ATOM   250  C  "C1'" . DG  A 1 13 ? -6.801  -0.696  -16.363 1.00 11.63 ? 13  DG  B "C1'" 1 
ATOM   251  N  N9    . DG  A 1 13 ? -7.807  -0.174  -15.466 1.00 12.12 ? 13  DG  B N9    1 
ATOM   252  C  C8    . DG  A 1 13 ? -7.724  -0.147  -14.078 1.00 12.50 ? 13  DG  B C8    1 
ATOM   253  N  N7    . DG  A 1 13 ? -8.819  0.209   -13.500 1.00 12.03 ? 13  DG  B N7    1 
ATOM   254  C  C5    . DG  A 1 13 ? -9.692  0.508   -14.537 1.00 13.09 ? 13  DG  B C5    1 
ATOM   255  C  C6    . DG  A 1 13 ? -10.990 1.075   -14.539 1.00 12.35 ? 13  DG  B C6    1 
ATOM   256  O  O6    . DG  A 1 13 ? -11.652 1.509   -13.590 1.00 12.36 ? 13  DG  B O6    1 
ATOM   257  N  N1    . DG  A 1 13 ? -11.534 1.291   -15.801 1.00 13.63 ? 13  DG  B N1    1 
ATOM   258  C  C2    . DG  A 1 13 ? -10.890 0.849   -16.907 1.00 13.81 ? 13  DG  B C2    1 
ATOM   259  N  N2    . DG  A 1 13 ? -11.481 1.044   -18.088 1.00 14.94 ? 13  DG  B N2    1 
ATOM   260  N  N3    . DG  A 1 13 ? -9.682  0.291   -16.953 1.00 14.01 ? 13  DG  B N3    1 
ATOM   261  C  C4    . DG  A 1 13 ? -9.092  0.183   -15.721 1.00 12.75 ? 13  DG  B C4    1 
ATOM   262  P  P     . DG  A 1 14 ? -3.327  0.079   -18.524 1.00 14.77 ? 14  DG  B P     1 
ATOM   263  O  OP1   . DG  A 1 14 ? -2.798  -0.564  -19.749 1.00 16.18 ? 14  DG  B OP1   1 
ATOM   264  O  OP2   . DG  A 1 14 ? -2.293  0.466   -17.638 1.00 14.47 ? 14  DG  B OP2   1 
ATOM   265  O  "O5'" . DG  A 1 14 ? -4.361  1.155   -18.898 1.00 16.51 ? 14  DG  B "O5'" 1 
ATOM   266  C  "C5'" . DG  A 1 14 ? -5.380  0.937   -19.864 1.00 15.80 ? 14  DG  B "C5'" 1 
ATOM   267  C  "C4'" . DG  A 1 14 ? -6.317  2.052   -19.787 1.00 16.49 ? 14  DG  B "C4'" 1 
ATOM   268  O  "O4'" . DG  A 1 14 ? -7.061  2.020   -18.584 1.00 16.31 ? 14  DG  B "O4'" 1 
ATOM   269  C  "C3'" . DG  A 1 14 ? -5.733  3.496   -19.876 1.00 17.58 ? 14  DG  B "C3'" 1 
ATOM   270  O  "O3'" . DG  A 1 14 ? -6.173  4.005   -21.129 1.00 20.33 ? 14  DG  B "O3'" 1 
ATOM   271  C  "C2'" . DG  A 1 14 ? -6.345  4.234   -18.701 1.00 16.87 ? 14  DG  B "C2'" 1 
ATOM   272  C  "C1'" . DG  A 1 14 ? -7.594  3.319   -18.405 1.00 14.98 ? 14  DG  B "C1'" 1 
ATOM   273  N  N9    . DG  A 1 14 ? -7.942  3.470   -16.968 1.00 13.24 ? 14  DG  B N9    1 
ATOM   274  C  C8    . DG  A 1 14 ? -7.176  3.133   -15.901 1.00 13.08 ? 14  DG  B C8    1 
ATOM   275  N  N7    . DG  A 1 14 ? -7.693  3.455   -14.793 1.00 13.47 ? 14  DG  B N7    1 
ATOM   276  C  C5    . DG  A 1 14 ? -9.019  3.871   -15.111 1.00 12.79 ? 14  DG  B C5    1 
ATOM   277  C  C6    . DG  A 1 14 ? -10.101 4.306   -14.332 1.00 12.75 ? 14  DG  B C6    1 
ATOM   278  O  O6    . DG  A 1 14 ? -10.125 4.391   -13.073 1.00 12.55 ? 14  DG  B O6    1 
ATOM   279  N  N1    . DG  A 1 14 ? -11.209 4.750   -15.044 1.00 12.10 ? 14  DG  B N1    1 
ATOM   280  C  C2    . DG  A 1 14 ? -11.194 4.665   -16.396 1.00 11.74 ? 14  DG  B C2    1 
ATOM   281  N  N2    . DG  A 1 14 ? -12.253 5.218   -16.975 1.00 13.36 ? 14  DG  B N2    1 
ATOM   282  N  N3    . DG  A 1 14 ? -10.192 4.334   -17.177 1.00 12.52 ? 14  DG  B N3    1 
ATOM   283  C  C4    . DG  A 1 14 ? -9.107  3.935   -16.494 1.00 12.69 ? 14  DG  B C4    1 
ATOM   284  P  P     . DT  A 1 15 ? -5.914  5.577   -21.664 1.00 22.65 ? 15  DT  B P     1 
ATOM   285  O  OP1   . DT  A 1 15 ? -6.110  5.105   -23.105 1.00 23.60 ? 15  DT  B OP1   1 
ATOM   286  O  OP2   . DT  A 1 15 ? -4.818  5.933   -20.896 1.00 23.03 ? 15  DT  B OP2   1 
ATOM   287  O  "O5'" . DT  A 1 15 ? -7.242  6.321   -21.369 1.00 19.44 ? 15  DT  B "O5'" 1 
ATOM   288  C  "C5'" . DT  A 1 15 ? -8.440  5.811   -21.913 1.00 18.71 ? 15  DT  B "C5'" 1 
ATOM   289  C  "C4'" . DT  A 1 15 ? -9.505  6.772   -21.458 1.00 18.17 ? 15  DT  B "C4'" 1 
ATOM   290  O  "O4'" . DT  A 1 15 ? -9.638  6.764   -20.072 1.00 17.12 ? 15  DT  B "O4'" 1 
ATOM   291  C  "C3'" . DT  A 1 15 ? -9.189  8.274   -21.820 1.00 18.35 ? 15  DT  B "C3'" 1 
ATOM   292  O  "O3'" . DT  A 1 15 ? -10.303 8.744   -22.571 1.00 20.12 ? 15  DT  B "O3'" 1 
ATOM   293  C  "C2'" . DT  A 1 15 ? -8.985  8.936   -20.480 1.00 16.97 ? 15  DT  B "C2'" 1 
ATOM   294  C  "C1'" . DT  A 1 15 ? -9.855  8.073   -19.558 1.00 16.53 ? 15  DT  B "C1'" 1 
ATOM   295  N  N1    . DT  A 1 15 ? -9.379  8.020   -18.173 1.00 15.26 ? 15  DT  B N1    1 
ATOM   296  C  C2    . DT  A 1 15 ? -10.295 8.317   -17.214 1.00 15.23 ? 15  DT  B C2    1 
ATOM   297  O  O2    . DT  A 1 15 ? -11.471 8.599   -17.448 1.00 16.31 ? 15  DT  B O2    1 
ATOM   298  N  N3    . DT  A 1 15 ? -9.996  8.069   -15.895 1.00 14.87 ? 15  DT  B N3    1 
ATOM   299  C  C4    . DT  A 1 15 ? -8.752  7.631   -15.558 1.00 14.33 ? 15  DT  B C4    1 
ATOM   300  O  O4    . DT  A 1 15 ? -8.577  7.486   -14.297 1.00 14.69 ? 15  DT  B O4    1 
ATOM   301  C  C5    . DT  A 1 15 ? -7.760  7.458   -16.566 1.00 15.42 ? 15  DT  B C5    1 
ATOM   302  C  C7    . DT  A 1 15 ? -6.393  6.956   -16.211 1.00 14.47 ? 15  DT  B C7    1 
ATOM   303  C  C6    . DT  A 1 15 ? -8.132  7.514   -17.879 1.00 14.65 ? 15  DT  B C6    1 
ATOM   304  P  P     . DC  A 1 16 ? -10.193 10.292  -23.178 1.00 21.91 ? 16  DC  B P     1 
ATOM   305  O  OP1   . DC  A 1 16 ? -11.257 10.074  -24.203 1.00 22.09 ? 16  DC  B OP1   1 
ATOM   306  O  OP2   . DC  A 1 16 ? -8.933  10.336  -23.702 1.00 21.16 ? 16  DC  B OP2   1 
ATOM   307  O  "O5'" . DC  A 1 16 ? -10.719 11.248  -22.197 1.00 20.88 ? 16  DC  B "O5'" 1 
ATOM   308  C  "C5'" . DC  A 1 16 ? -11.998 11.125  -21.616 1.00 20.39 ? 16  DC  B "C5'" 1 
ATOM   309  C  "C4'" . DC  A 1 16 ? -12.049 12.177  -20.583 1.00 21.01 ? 16  DC  B "C4'" 1 
ATOM   310  O  "O4'" . DC  A 1 16 ? -11.498 11.782  -19.381 1.00 21.13 ? 16  DC  B "O4'" 1 
ATOM   311  C  "C3'" . DC  A 1 16 ? -11.433 13.557  -20.883 1.00 21.58 ? 16  DC  B "C3'" 1 
ATOM   312  O  "O3'" . DC  A 1 16 ? -12.320 14.521  -20.286 1.00 25.87 ? 16  DC  B "O3'" 1 
ATOM   313  C  "C2'" . DC  A 1 16 ? -10.169 13.584  -20.067 1.00 21.32 ? 16  DC  B "C2'" 1 
ATOM   314  C  "C1'" . DC  A 1 16 ? -10.757 12.866  -18.772 1.00 19.72 ? 16  DC  B "C1'" 1 
ATOM   315  N  N1    . DC  A 1 16 ? -9.593  12.301  -18.090 1.00 18.59 ? 16  DC  B N1    1 
ATOM   316  C  C2    . DC  A 1 16 ? -9.749  12.132  -16.703 1.00 17.95 ? 16  DC  B C2    1 
ATOM   317  O  O2    . DC  A 1 16 ? -10.837 12.397  -16.165 1.00 18.39 ? 16  DC  B O2    1 
ATOM   318  N  N3    . DC  A 1 16 ? -8.690  11.637  -16.026 1.00 17.34 ? 16  DC  B N3    1 
ATOM   319  C  C4    . DC  A 1 16 ? -7.518  11.286  -16.596 1.00 16.66 ? 16  DC  B C4    1 
ATOM   320  N  N4    . DC  A 1 16 ? -6.640  10.639  -15.892 1.00 16.25 ? 16  DC  B N4    1 
ATOM   321  C  C5    . DC  A 1 16 ? -7.395  11.446  -18.024 1.00 17.76 ? 16  DC  B C5    1 
ATOM   322  C  C6    . DC  A 1 16 ? -8.418  11.994  -18.691 1.00 17.68 ? 16  DC  B C6    1 
ATOM   323  P  P     . DG  A 1 17 ? -13.234 15.718  -21.107 1.00 27.98 ? 17  DG  B P     1 
ATOM   324  O  OP1   . DG  A 1 17 ? -14.636 14.893  -21.411 1.00 28.96 ? 17  DG  B OP1   1 
ATOM   325  O  OP2   . DG  A 1 17 ? -12.544 15.724  -22.401 1.00 27.57 ? 17  DG  B OP2   1 
ATOM   326  O  "O5'" . DG  A 1 17 ? -13.343 16.556  -19.989 1.00 26.16 ? 17  DG  B "O5'" 1 
ATOM   327  C  "C5'" . DG  A 1 17 ? -14.544 16.391  -19.168 1.00 25.22 ? 17  DG  B "C5'" 1 
ATOM   328  C  "C4'" . DG  A 1 17 ? -14.105 17.078  -17.909 1.00 24.34 ? 17  DG  B "C4'" 1 
ATOM   329  O  "O4'" . DG  A 1 17 ? -12.960 16.320  -17.397 1.00 24.36 ? 17  DG  B "O4'" 1 
ATOM   330  C  "C3'" . DG  A 1 17 ? -13.615 18.484  -18.095 1.00 24.62 ? 17  DG  B "C3'" 1 
ATOM   331  O  "O3'" . DG  A 1 17 ? -14.080 19.299  -16.987 1.00 26.54 ? 17  DG  B "O3'" 1 
ATOM   332  C  "C2'" . DG  A 1 17 ? -12.068 18.281  -18.152 1.00 23.75 ? 17  DG  B "C2'" 1 
ATOM   333  C  "C1'" . DG  A 1 17 ? -11.921 17.210  -17.082 1.00 22.08 ? 17  DG  B "C1'" 1 
ATOM   334  N  N9    . DG  A 1 17 ? -10.599 16.571  -17.058 1.00 21.02 ? 17  DG  B N9    1 
ATOM   335  C  C8    . DG  A 1 17 ? -9.632  16.439  -17.955 1.00 19.45 ? 17  DG  B C8    1 
ATOM   336  N  N7    . DG  A 1 17 ? -8.610  15.689  -17.588 1.00 19.95 ? 17  DG  B N7    1 
ATOM   337  C  C5    . DG  A 1 17 ? -8.909  15.468  -16.227 1.00 20.06 ? 17  DG  B C5    1 
ATOM   338  C  C6    . DG  A 1 17 ? -8.128  14.858  -15.195 1.00 18.89 ? 17  DG  B C6    1 
ATOM   339  O  O6    . DG  A 1 17 ? -7.000  14.421  -15.352 1.00 18.64 ? 17  DG  B O6    1 
ATOM   340  N  N1    . DG  A 1 17 ? -8.729  14.886  -13.998 1.00 18.84 ? 17  DG  B N1    1 
ATOM   341  C  C2    . DG  A 1 17 ? -9.941  15.432  -13.725 1.00 18.86 ? 17  DG  B C2    1 
ATOM   342  N  N2    . DG  A 1 17 ? -10.442 15.356  -12.481 1.00 18.54 ? 17  DG  B N2    1 
ATOM   343  N  N3    . DG  A 1 17 ? -10.741 15.988  -14.660 1.00 19.84 ? 17  DG  B N3    1 
ATOM   344  C  C4    . DG  A 1 17 ? -10.099 16.022  -15.875 1.00 19.99 ? 17  DG  B C4    1 
ATOM   345  N  N     . SER B 2 1  ? 10.599  -7.840  3.727   1.00 21.58 ? 326 SER A N     1 
ATOM   346  C  CA    . SER B 2 1  ? 11.240  -7.077  4.730   1.00 18.59 ? 326 SER A CA    1 
ATOM   347  C  C     . SER B 2 1  ? 10.676  -5.700  4.998   1.00 17.75 ? 326 SER A C     1 
ATOM   348  O  O     . SER B 2 1  ? 10.033  -5.640  6.068   1.00 18.51 ? 326 SER A O     1 
ATOM   349  C  CB    . SER B 2 1  ? 12.387  -7.547  5.462   1.00 20.28 ? 326 SER A CB    1 
ATOM   350  O  OG    . SER B 2 1  ? 13.766  -7.107  5.062   1.00 24.53 ? 326 SER A OG    1 
ATOM   351  N  N     . CYS B 2 2  ? 10.927  -4.669  4.274   1.00 16.74 ? 327 CYS A N     1 
ATOM   352  C  CA    . CYS B 2 2  ? 10.416  -3.296  4.556   1.00 14.30 ? 327 CYS A CA    1 
ATOM   353  C  C     . CYS B 2 2  ? 9.178   -3.035  3.669   1.00 12.49 ? 327 CYS A C     1 
ATOM   354  O  O     . CYS B 2 2  ? 9.285   -3.232  2.435   1.00 12.79 ? 327 CYS A O     1 
ATOM   355  C  CB    . CYS B 2 2  ? 11.577  -2.362  4.168   1.00 15.26 ? 327 CYS A CB    1 
ATOM   356  S  SG    . CYS B 2 2  ? 11.194  -0.661  4.466   1.00 19.56 ? 327 CYS A SG    1 
ATOM   357  N  N     . PHE B 2 3  ? 8.054   -2.684  4.267   1.00 11.37 ? 328 PHE A N     1 
ATOM   358  C  CA    . PHE B 2 3  ? 6.829   -2.554  3.459   1.00 10.68 ? 328 PHE A CA    1 
ATOM   359  C  C     . PHE B 2 3  ? 5.914   -1.428  4.050   1.00 11.08 ? 328 PHE A C     1 
ATOM   360  O  O     . PHE B 2 3  ? 6.127   -0.956  5.167   1.00 10.79 ? 328 PHE A O     1 
ATOM   361  C  CB    . PHE B 2 3  ? 6.087   -3.837  3.190   1.00 11.55 ? 328 PHE A CB    1 
ATOM   362  C  CG    . PHE B 2 3  ? 5.454   -4.512  4.413   1.00 13.28 ? 328 PHE A CG    1 
ATOM   363  C  CD1   . PHE B 2 3  ? 6.196   -5.365  5.211   1.00 12.58 ? 328 PHE A CD1   1 
ATOM   364  C  CD2   . PHE B 2 3  ? 4.115   -4.260  4.715   1.00 12.68 ? 328 PHE A CD2   1 
ATOM   365  C  CE1   . PHE B 2 3  ? 5.611   -6.009  6.317   1.00 14.07 ? 328 PHE A CE1   1 
ATOM   366  C  CE2   . PHE B 2 3  ? 3.478   -4.956  5.776   1.00 13.44 ? 328 PHE A CE2   1 
ATOM   367  C  CZ    . PHE B 2 3  ? 4.263   -5.848  6.571   1.00 13.72 ? 328 PHE A CZ    1 
ATOM   368  N  N     . ALA B 2 4  ? 4.935   -1.098  3.263   1.00 10.78 ? 329 ALA A N     1 
ATOM   369  C  CA    . ALA B 2 4  ? 3.875   -0.168  3.782   1.00 10.59 ? 329 ALA A CA    1 
ATOM   370  C  C     . ALA B 2 4  ? 2.509   -0.669  3.328   1.00 10.94 ? 329 ALA A C     1 
ATOM   371  O  O     . ALA B 2 4  ? 2.356   -1.434  2.340   1.00 11.57 ? 329 ALA A O     1 
ATOM   372  C  CB    . ALA B 2 4  ? 4.117   1.253   3.358   1.00 10.13 ? 329 ALA A CB    1 
ATOM   373  N  N     . LEU B 2 5  ? 1.540   -0.357  4.114   1.00 11.58 ? 330 LEU A N     1 
ATOM   374  C  CA    . LEU B 2 5  ? 0.097   -0.631  3.829   1.00 10.82 ? 330 LEU A CA    1 
ATOM   375  C  C     . LEU B 2 5  ? -0.575  0.714   3.570   1.00 10.98 ? 330 LEU A C     1 
ATOM   376  O  O     . LEU B 2 5  ? -0.385  1.626   4.404   1.00 11.02 ? 330 LEU A O     1 
ATOM   377  C  CB    . LEU B 2 5  ? -0.482  -1.282  5.075   1.00 14.42 ? 330 LEU A CB    1 
ATOM   378  C  CG    . LEU B 2 5  ? -1.208  -2.530  4.986   1.00 19.43 ? 330 LEU A CG    1 
ATOM   379  C  CD1   . LEU B 2 5  ? -0.498  -3.520  4.008   1.00 23.05 ? 330 LEU A CD1   1 
ATOM   380  C  CD2   . LEU B 2 5  ? -1.097  -3.172  6.382   1.00 21.76 ? 330 LEU A CD2   1 
ATOM   381  N  N     . ILE B 2 6  ? -1.200  0.805   2.407   1.00 11.01 ? 331 ILE A N     1 
ATOM   382  C  CA    . ILE B 2 6  ? -1.881  2.102   2.057   1.00 11.99 ? 331 ILE A CA    1 
ATOM   383  C  C     . ILE B 2 6  ? -3.390  1.788   2.052   1.00 12.33 ? 331 ILE A C     1 
ATOM   384  O  O     . ILE B 2 6  ? -3.733  0.753   1.412   1.00 12.48 ? 331 ILE A O     1 
ATOM   385  C  CB    . ILE B 2 6  ? -1.338  2.644   0.704   1.00 13.23 ? 331 ILE A CB    1 
ATOM   386  C  CG1   . ILE B 2 6  ? 0.086   3.220   0.916   1.00 15.70 ? 331 ILE A CG1   1 
ATOM   387  C  CG2   . ILE B 2 6  ? -2.189  3.757   0.009   1.00 15.49 ? 331 ILE A CG2   1 
ATOM   388  C  CD1   . ILE B 2 6  ? 1.231   2.471   0.393   1.00 20.22 ? 331 ILE A CD1   1 
ATOM   389  N  N     . SER B 2 7  ? -4.189  2.623   2.663   1.00 11.41 ? 332 SER A N     1 
ATOM   390  C  CA    . SER B 2 7  ? -5.653  2.284   2.705   1.00 12.00 ? 332 SER A CA    1 
ATOM   391  C  C     . SER B 2 7  ? -6.519  3.404   2.221   1.00 11.70 ? 332 SER A C     1 
ATOM   392  O  O     . SER B 2 7  ? -6.069  4.575   2.283   1.00 12.36 ? 332 SER A O     1 
ATOM   393  C  CB    . SER B 2 7  ? -6.067  1.818   4.116   1.00 12.81 ? 332 SER A CB    1 
ATOM   394  O  OG    . SER B 2 7  ? -5.714  2.761   5.016   1.00 16.68 ? 332 SER A OG    1 
ATOM   395  N  N     . GLY B 2 8  ? -7.688  3.139   1.725   1.00 11.39 ? 333 GLY A N     1 
ATOM   396  C  CA    . GLY B 2 8  ? -8.614  4.228   1.259   1.00 10.66 ? 333 GLY A CA    1 
ATOM   397  C  C     . GLY B 2 8  ? -9.846  3.492   0.830   1.00 9.95  ? 333 GLY A C     1 
ATOM   398  O  O     . GLY B 2 8  ? -9.989  2.292   1.139   1.00 10.60 ? 333 GLY A O     1 
ATOM   399  N  N     . THR B 2 9  ? -10.618 4.158   -0.026  1.00 10.52 ? 334 THR A N     1 
ATOM   400  C  CA    . THR B 2 9  ? -11.748 3.457   -0.691  1.00 10.56 ? 334 THR A CA    1 
ATOM   401  C  C     . THR B 2 9  ? -11.170 2.505   -1.714  1.00 10.69 ? 334 THR A C     1 
ATOM   402  O  O     . THR B 2 9  ? -10.005 2.678   -2.122  1.00 10.54 ? 334 THR A O     1 
ATOM   403  C  CB    . THR B 2 9  ? -12.770 4.470   -1.303  1.00 11.20 ? 334 THR A CB    1 
ATOM   404  O  OG1   . THR B 2 9  ? -12.234 4.946   -2.523  1.00 9.50  ? 334 THR A OG1   1 
ATOM   405  C  CG2   . THR B 2 9  ? -13.153 5.600   -0.279  1.00 13.20 ? 334 THR A CG2   1 
ATOM   406  N  N     . ALA B 2 10 ? -11.919 1.484   -2.145  1.00 10.10 ? 335 ALA A N     1 
ATOM   407  C  CA    . ALA B 2 10 ? -11.381 0.578   -3.186  1.00 9.97  ? 335 ALA A CA    1 
ATOM   408  C  C     . ALA B 2 10 ? -11.026 1.422   -4.455  1.00 8.39  ? 335 ALA A C     1 
ATOM   409  O  O     . ALA B 2 10 ? -9.971  1.129   -5.017  1.00 10.00 ? 335 ALA A O     1 
ATOM   410  C  CB    . ALA B 2 10 ? -12.427 -0.522  -3.564  1.00 10.92 ? 335 ALA A CB    1 
ATOM   411  N  N     . ASN B 2 11 ? -11.869 2.295   -4.912  1.00 9.91  ? 336 ASN A N     1 
ATOM   412  C  CA    . ASN B 2 11 ? -11.590 3.013   -6.205  1.00 10.14 ? 336 ASN A CA    1 
ATOM   413  C  C     . ASN B 2 11 ? -10.355 3.898   -6.042  1.00 10.03 ? 336 ASN A C     1 
ATOM   414  O  O     . ASN B 2 11 ? -9.514  4.042   -6.928  1.00 10.20 ? 336 ASN A O     1 
ATOM   415  C  CB    . ASN B 2 11 ? -12.822 3.764   -6.671  1.00 11.32 ? 336 ASN A CB    1 
ATOM   416  C  CG    . ASN B 2 11 ? -12.608 4.327   -8.059  1.00 10.43 ? 336 ASN A CG    1 
ATOM   417  O  OD1   . ASN B 2 11 ? -12.384 3.551   -9.017  1.00 12.36 ? 336 ASN A OD1   1 
ATOM   418  N  ND2   . ASN B 2 11 ? -12.584 5.650   -8.082  1.00 10.98 ? 336 ASN A ND2   1 
ATOM   419  N  N     . GLN B 2 12 ? -10.276 4.542   -4.911  1.00 10.74 ? 337 GLN A N     1 
ATOM   420  C  CA    . GLN B 2 12 ? -9.198  5.444   -4.490  1.00 12.00 ? 337 GLN A CA    1 
ATOM   421  C  C     . GLN B 2 12 ? -7.854  4.730   -4.541  1.00 11.21 ? 337 GLN A C     1 
ATOM   422  O  O     . GLN B 2 12 ? -6.955  5.267   -5.174  1.00 9.84  ? 337 GLN A O     1 
ATOM   423  C  CB    . GLN B 2 12 ? -9.303  5.991   -3.077  1.00 14.47 ? 337 GLN A CB    1 
ATOM   424  C  CG    . GLN B 2 12 ? -8.980  7.323   -2.823  1.00 16.71 ? 337 GLN A CG    1 
ATOM   425  C  CD    . GLN B 2 12 ? -9.377  7.822   -1.423  1.00 17.46 ? 337 GLN A CD    1 
ATOM   426  O  OE1   . GLN B 2 12 ? -9.737  7.023   -0.593  1.00 17.46 ? 337 GLN A OE1   1 
ATOM   427  N  NE2   . GLN B 2 12 ? -8.967  9.092   -1.170  1.00 16.77 ? 337 GLN A NE2   1 
ATOM   428  N  N     . VAL B 2 13 ? -7.836  3.581   -3.902  1.00 10.77 ? 338 VAL A N     1 
ATOM   429  C  CA    . VAL B 2 13 ? -6.569  2.802   -3.873  1.00 11.71 ? 338 VAL A CA    1 
ATOM   430  C  C     . VAL B 2 13 ? -6.168  2.204   -5.196  1.00 9.72  ? 338 VAL A C     1 
ATOM   431  O  O     . VAL B 2 13 ? -5.003  2.321   -5.577  1.00 9.21  ? 338 VAL A O     1 
ATOM   432  C  CB    . VAL B 2 13 ? -6.746  1.688   -2.747  1.00 13.66 ? 338 VAL A CB    1 
ATOM   433  C  CG1   . VAL B 2 13 ? -5.735  0.619   -3.001  1.00 15.74 ? 338 VAL A CG1   1 
ATOM   434  C  CG2   . VAL B 2 13 ? -6.656  2.364   -1.405  1.00 13.45 ? 338 VAL A CG2   1 
ATOM   435  N  N     . LYS B 2 14 ? -7.130  1.796   -6.016  1.00 9.15  ? 339 LYS A N     1 
ATOM   436  C  CA    . LYS B 2 14 ? -6.842  1.340   -7.373  1.00 10.01 ? 339 LYS A CA    1 
ATOM   437  C  C     . LYS B 2 14 ? -6.213  2.448   -8.218  1.00 10.00 ? 339 LYS A C     1 
ATOM   438  O  O     . LYS B 2 14 ? -5.190  2.242   -8.985  1.00 9.84  ? 339 LYS A O     1 
ATOM   439  C  CB    . LYS B 2 14 ? -8.160  0.765   -7.962  1.00 9.88  ? 339 LYS A CB    1 
ATOM   440  C  CG    . LYS B 2 14 ? -8.043  0.207   -9.378  1.00 10.83 ? 339 LYS A CG    1 
ATOM   441  C  CD    . LYS B 2 14 ? -9.405  0.029   -9.995  1.00 9.45  ? 339 LYS A CD    1 
ATOM   442  C  CE    . LYS B 2 14 ? -10.135 1.284   -10.315 1.00 11.15 ? 339 LYS A CE    1 
ATOM   443  N  NZ    . LYS B 2 14 ? -9.503  2.050   -11.382 1.00 9.20  ? 339 LYS A NZ    1 
ATOM   444  N  N     . CYS B 2 15 ? -6.830  3.604   -8.202  1.00 9.88  ? 340 CYS A N     1 
ATOM   445  C  CA    . CYS B 2 15 ? -6.352  4.781   -9.062  1.00 10.45 ? 340 CYS A CA    1 
ATOM   446  C  C     . CYS B 2 15 ? -5.013  5.255   -8.553  1.00 9.86  ? 340 CYS A C     1 
ATOM   447  O  O     . CYS B 2 15 ? -4.196  5.684   -9.347  1.00 11.25 ? 340 CYS A O     1 
ATOM   448  C  CB    . CYS B 2 15 ? -7.424  5.883   -9.022  1.00 9.29  ? 340 CYS A CB    1 
ATOM   449  S  SG    . CYS B 2 15 ? -8.954  5.380   -9.869  1.00 10.12 ? 340 CYS A SG    1 
ATOM   450  N  N     . TYR B 2 16 ? -4.795  5.234   -7.278  1.00 9.68  ? 341 TYR A N     1 
ATOM   451  C  CA    . TYR B 2 16 ? -3.492  5.516   -6.649  1.00 10.20 ? 341 TYR A CA    1 
ATOM   452  C  C     . TYR B 2 16 ? -2.419  4.565   -7.129  1.00 9.96  ? 341 TYR A C     1 
ATOM   453  O  O     . TYR B 2 16 ? -1.326  5.037   -7.505  1.00 9.94  ? 341 TYR A O     1 
ATOM   454  C  CB    . TYR B 2 16 ? -3.676  5.555   -5.163  1.00 11.46 ? 341 TYR A CB    1 
ATOM   455  C  CG    . TYR B 2 16 ? -2.391  5.709   -4.355  1.00 11.63 ? 341 TYR A CG    1 
ATOM   456  C  CD1   . TYR B 2 16 ? -1.664  4.567   -4.074  1.00 13.34 ? 341 TYR A CD1   1 
ATOM   457  C  CD2   . TYR B 2 16 ? -1.922  6.900   -3.890  1.00 14.47 ? 341 TYR A CD2   1 
ATOM   458  C  CE1   . TYR B 2 16 ? -0.479  4.598   -3.374  1.00 13.82 ? 341 TYR A CE1   1 
ATOM   459  C  CE2   . TYR B 2 16 ? -0.704  6.955   -3.174  1.00 13.25 ? 341 TYR A CE2   1 
ATOM   460  C  CZ    . TYR B 2 16 ? 0.009   5.812   -2.931  1.00 14.23 ? 341 TYR A CZ    1 
ATOM   461  O  OH    . TYR B 2 16 ? 1.144   5.713   -2.169  1.00 15.99 ? 341 TYR A OH    1 
ATOM   462  N  N     . ARG B 2 17 ? -2.730  3.271   -7.145  1.00 9.77  ? 342 ARG A N     1 
ATOM   463  C  CA    . ARG B 2 17 ? -1.727  2.294   -7.757  1.00 9.43  ? 342 ARG A CA    1 
ATOM   464  C  C     . ARG B 2 17 ? -1.356  2.659   -9.203  1.00 10.32 ? 342 ARG A C     1 
ATOM   465  O  O     . ARG B 2 17 ? -0.188  2.651   -9.569  1.00 9.61  ? 342 ARG A O     1 
ATOM   466  C  CB    . ARG B 2 17 ? -2.293  0.875   -7.715  1.00 8.82  ? 342 ARG A CB    1 
ATOM   467  C  CG    . ARG B 2 17 ? -1.476  -0.144  -8.546  1.00 9.47  ? 342 ARG A CG    1 
ATOM   468  C  CD    . ARG B 2 17 ? -1.868  -1.580  -8.246  1.00 8.76  ? 342 ARG A CD    1 
ATOM   469  N  NE    . ARG B 2 17 ? -3.196  -1.955  -8.662  1.00 8.30  ? 342 ARG A NE    1 
ATOM   470  C  CZ    . ARG B 2 17 ? -4.276  -2.254  -7.949  1.00 7.88  ? 342 ARG A CZ    1 
ATOM   471  N  NH1   . ARG B 2 17 ? -4.239  -2.228  -6.642  1.00 6.96  ? 342 ARG A NH1   1 
ATOM   472  N  NH2   . ARG B 2 17 ? -5.456  -2.266  -8.610  1.00 8.84  ? 342 ARG A NH2   1 
ATOM   473  N  N     . PHE B 2 18 ? -2.341  2.985   -10.026 1.00 10.54 ? 343 PHE A N     1 
ATOM   474  C  CA    . PHE B 2 18 ? -2.158  3.401   -11.436 1.00 10.29 ? 343 PHE A CA    1 
ATOM   475  C  C     . PHE B 2 18 ? -1.095  4.522   -11.506 1.00 11.47 ? 343 PHE A C     1 
ATOM   476  O  O     . PHE B 2 18 ? -0.170  4.411   -12.327 1.00 12.36 ? 343 PHE A O     1 
ATOM   477  C  CB    . PHE B 2 18 ? -3.495  3.873   -12.072 1.00 10.46 ? 343 PHE A CB    1 
ATOM   478  C  CG    . PHE B 2 18 ? -3.384  4.204   -13.536 1.00 11.32 ? 343 PHE A CG    1 
ATOM   479  C  CD1   . PHE B 2 18 ? -3.347  3.259   -14.494 1.00 12.41 ? 343 PHE A CD1   1 
ATOM   480  C  CD2   . PHE B 2 18 ? -3.248  5.567   -13.918 1.00 12.25 ? 343 PHE A CD2   1 
ATOM   481  C  CE1   . PHE B 2 18 ? -3.270  3.582   -15.867 1.00 15.28 ? 343 PHE A CE1   1 
ATOM   482  C  CE2   . PHE B 2 18 ? -3.158  5.898   -15.276 1.00 13.52 ? 343 PHE A CE2   1 
ATOM   483  C  CZ    . PHE B 2 18 ? -3.080  4.882   -16.256 1.00 12.09 ? 343 PHE A CZ    1 
ATOM   484  N  N     . ARG B 2 19 ? -1.342  5.578   -10.782 1.00 11.49 ? 344 ARG A N     1 
ATOM   485  C  CA    . ARG B 2 19 ? -0.354  6.729   -10.854 1.00 12.62 ? 344 ARG A CA    1 
ATOM   486  C  C     . ARG B 2 19 ? 0.997   6.474   -10.276 1.00 12.80 ? 344 ARG A C     1 
ATOM   487  O  O     . ARG B 2 19 ? 2.012   7.018   -10.762 1.00 12.64 ? 344 ARG A O     1 
ATOM   488  C  CB    . ARG B 2 19 ? -0.971  7.939   -10.137 1.00 13.13 ? 344 ARG A CB    1 
ATOM   489  C  CG    . ARG B 2 19 ? -2.258  8.466   -10.598 1.00 14.36 ? 344 ARG A CG    1 
ATOM   490  C  CD    . ARG B 2 19 ? -2.671  9.733   -9.839  1.00 15.79 ? 344 ARG A CD    1 
ATOM   491  N  NE    . ARG B 2 19 ? -2.966  9.608   -8.443  1.00 15.92 ? 344 ARG A NE    1 
ATOM   492  C  CZ    . ARG B 2 19 ? -4.111  9.301   -7.791  1.00 15.67 ? 344 ARG A CZ    1 
ATOM   493  N  NH1   . ARG B 2 19 ? -5.101  8.825   -8.494  1.00 15.42 ? 344 ARG A NH1   1 
ATOM   494  N  NH2   . ARG B 2 19 ? -4.239  9.408   -6.460  1.00 17.87 ? 344 ARG A NH2   1 
ATOM   495  N  N     . VAL B 2 20 ? 1.129   5.726   -9.189  1.00 12.16 ? 345 VAL A N     1 
ATOM   496  C  CA    . VAL B 2 20 ? 2.387   5.327   -8.543  1.00 12.83 ? 345 VAL A CA    1 
ATOM   497  C  C     . VAL B 2 20 ? 3.196   4.489   -9.468  1.00 12.67 ? 345 VAL A C     1 
ATOM   498  O  O     . VAL B 2 20 ? 4.405   4.720   -9.639  1.00 12.73 ? 345 VAL A O     1 
ATOM   499  C  CB    . VAL B 2 20 ? 2.064   4.669   -7.200  1.00 14.77 ? 345 VAL A CB    1 
ATOM   500  C  CG1   . VAL B 2 20 ? 2.408   3.245   -7.008  1.00 17.71 ? 345 VAL A CG1   1 
ATOM   501  C  CG2   . VAL B 2 20 ? 2.129   5.549   -6.039  1.00 16.84 ? 345 VAL A CG2   1 
ATOM   502  N  N     . LYS B 2 21 ? 2.571   3.560   -10.183 1.00 12.42 ? 346 LYS A N     1 
ATOM   503  C  CA    . LYS B 2 21 ? 3.216   2.668   -11.124 1.00 12.21 ? 346 LYS A CA    1 
ATOM   504  C  C     . LYS B 2 21 ? 3.695   3.539   -12.336 1.00 13.84 ? 346 LYS A C     1 
ATOM   505  O  O     . LYS B 2 21 ? 4.759   3.264   -12.852 1.00 13.88 ? 346 LYS A O     1 
ATOM   506  C  CB    . LYS B 2 21 ? 2.229   1.625   -11.592 1.00 13.20 ? 346 LYS A CB    1 
ATOM   507  C  CG    . LYS B 2 21 ? 2.609   0.421   -12.347 1.00 15.93 ? 346 LYS A CG    1 
ATOM   508  C  CD    . LYS B 2 21 ? 1.344   -0.564  -12.331 1.00 16.45 ? 346 LYS A CD    1 
ATOM   509  C  CE    . LYS B 2 21 ? 1.716   -1.944  -12.584 1.00 15.57 ? 346 LYS A CE    1 
ATOM   510  N  NZ    . LYS B 2 21 ? 0.607   -2.667  -13.171 1.00 14.25 ? 346 LYS A NZ    1 
ATOM   511  N  N     . LYS B 2 22 ? 2.909   4.489   -12.706 1.00 13.31 ? 347 LYS A N     1 
ATOM   512  C  CA    . LYS B 2 22 ? 3.152   5.342   -13.883 1.00 15.81 ? 347 LYS A CA    1 
ATOM   513  C  C     . LYS B 2 22 ? 4.251   6.354   -13.612 1.00 16.07 ? 347 LYS A C     1 
ATOM   514  O  O     . LYS B 2 22 ? 5.214   6.418   -14.445 1.00 17.79 ? 347 LYS A O     1 
ATOM   515  C  CB    . LYS B 2 22 ? 1.925   6.063   -14.379 1.00 16.42 ? 347 LYS A CB    1 
ATOM   516  C  CG    . LYS B 2 22 ? 2.121   6.690   -15.777 1.00 20.12 ? 347 LYS A CG    1 
ATOM   517  C  CD    . LYS B 2 22 ? 0.924   7.553   -16.162 1.00 23.13 ? 347 LYS A CD    1 
ATOM   518  C  CE    . LYS B 2 22 ? 0.252   8.104   -14.883 1.00 23.41 ? 347 LYS A CE    1 
ATOM   519  N  NZ    . LYS B 2 22 ? -0.309  9.455   -15.074 1.00 26.69 ? 347 LYS A NZ    1 
ATOM   520  N  N     . ASN B 2 23 ? 4.252   6.985   -12.473 1.00 15.68 ? 348 ASN A N     1 
ATOM   521  C  CA    . ASN B 2 23 ? 5.131   8.133   -12.235 1.00 16.19 ? 348 ASN A CA    1 
ATOM   522  C  C     . ASN B 2 23 ? 6.277   7.894   -11.294 1.00 16.34 ? 348 ASN A C     1 
ATOM   523  O  O     . ASN B 2 23 ? 7.092   8.886   -11.091 1.00 15.96 ? 348 ASN A O     1 
ATOM   524  C  CB    . ASN B 2 23 ? 4.207   9.296   -11.720 1.00 17.64 ? 348 ASN A CB    1 
ATOM   525  C  CG    . ASN B 2 23 ? 3.112   9.666   -12.690 1.00 20.55 ? 348 ASN A CG    1 
ATOM   526  O  OD1   . ASN B 2 23 ? 3.230   9.812   -13.924 1.00 22.25 ? 348 ASN A OD1   1 
ATOM   527  N  ND2   . ASN B 2 23 ? 1.951   10.012  -12.094 1.00 22.73 ? 348 ASN A ND2   1 
ATOM   528  N  N     . HIS B 2 24 ? 6.139   6.917   -10.399 1.00 14.06 ? 349 HIS A N     1 
ATOM   529  C  CA    . HIS B 2 24 ? 7.084   6.762   -9.279  1.00 14.06 ? 349 HIS A CA    1 
ATOM   530  C  C     . HIS B 2 24 ? 7.570   5.337   -9.212  1.00 14.03 ? 349 HIS A C     1 
ATOM   531  O  O     . HIS B 2 24 ? 7.938   4.851   -8.146  1.00 13.37 ? 349 HIS A O     1 
ATOM   532  C  CB    . HIS B 2 24 ? 6.398   7.121   -7.912  1.00 15.35 ? 349 HIS A CB    1 
ATOM   533  C  CG    . HIS B 2 24 ? 5.840   8.501   -7.979  1.00 15.85 ? 349 HIS A CG    1 
ATOM   534  N  ND1   . HIS B 2 24 ? 6.569   9.644   -7.733  1.00 17.17 ? 349 HIS A ND1   1 
ATOM   535  C  CD2   . HIS B 2 24 ? 4.535   8.919   -8.135  1.00 16.38 ? 349 HIS A CD2   1 
ATOM   536  C  CE1   . HIS B 2 24 ? 5.751   10.661  -7.609  1.00 17.08 ? 349 HIS A CE1   1 
ATOM   537  N  NE2   . HIS B 2 24 ? 4.538   10.277  -7.984  1.00 17.45 ? 349 HIS A NE2   1 
ATOM   538  N  N     . ARG B 2 25 ? 7.757   4.732   -10.404 1.00 13.04 ? 350 ARG A N     1 
ATOM   539  C  CA    . ARG B 2 25 ? 8.120   3.267   -10.369 1.00 14.75 ? 350 ARG A CA    1 
ATOM   540  C  C     . ARG B 2 25 ? 9.421   2.981   -9.678  1.00 14.78 ? 350 ARG A C     1 
ATOM   541  O  O     . ARG B 2 25 ? 9.611   1.868   -9.138  1.00 15.44 ? 350 ARG A O     1 
ATOM   542  C  CB    . ARG B 2 25 ? 8.053   2.718   -11.801 1.00 14.59 ? 350 ARG A CB    1 
ATOM   543  C  CG    . ARG B 2 25 ? 8.165   1.195   -11.919 1.00 16.30 ? 350 ARG A CG    1 
ATOM   544  C  CD    . ARG B 2 25 ? 7.202   0.404   -11.200 1.00 15.16 ? 350 ARG A CD    1 
ATOM   545  N  NE    . ARG B 2 25 ? 7.478   -0.980  -11.075 1.00 16.40 ? 350 ARG A NE    1 
ATOM   546  C  CZ    . ARG B 2 25 ? 8.032   -1.584  -9.997  1.00 16.06 ? 350 ARG A CZ    1 
ATOM   547  N  NH1   . ARG B 2 25 ? 8.627   -0.792  -9.077  1.00 13.95 ? 350 ARG A NH1   1 
ATOM   548  N  NH2   . ARG B 2 25 ? 8.107   -2.888  -9.954  1.00 15.78 ? 350 ARG A NH2   1 
ATOM   549  N  N     . HIS B 2 26 ? 10.365  3.920   -9.757  1.00 15.05 ? 351 HIS A N     1 
ATOM   550  C  CA    . HIS B 2 26 ? 11.720  3.694   -9.180  1.00 16.89 ? 351 HIS A CA    1 
ATOM   551  C  C     . HIS B 2 26 ? 11.719  3.875   -7.675  1.00 15.99 ? 351 HIS A C     1 
ATOM   552  O  O     . HIS B 2 26 ? 12.715  3.551   -7.045  1.00 17.84 ? 351 HIS A O     1 
ATOM   553  C  CB    . HIS B 2 26 ? 12.769  4.641   -9.771  1.00 18.19 ? 351 HIS A CB    1 
ATOM   554  C  CG    . HIS B 2 26 ? 12.345  6.075   -9.769  1.00 19.67 ? 351 HIS A CG    1 
ATOM   555  N  ND1   . HIS B 2 26 ? 11.158  6.628   -10.322 1.00 20.89 ? 351 HIS A ND1   1 
ATOM   556  C  CD2   . HIS B 2 26 ? 12.990  7.105   -9.229  1.00 20.93 ? 351 HIS A CD2   1 
ATOM   557  C  CE1   . HIS B 2 26 ? 11.063  7.866   -9.882  1.00 20.86 ? 351 HIS A CE1   1 
ATOM   558  N  NE2   . HIS B 2 26 ? 12.223  8.225   -9.358  1.00 19.72 ? 351 HIS A NE2   1 
ATOM   559  N  N     . ARG B 2 27 ? 10.646  4.366   -7.097  1.00 14.78 ? 352 ARG A N     1 
ATOM   560  C  CA    . ARG B 2 27 ? 10.558  4.631   -5.674  1.00 14.27 ? 352 ARG A CA    1 
ATOM   561  C  C     . ARG B 2 27 ? 10.047  3.442   -4.844  1.00 13.85 ? 352 ARG A C     1 
ATOM   562  O  O     . ARG B 2 27 ? 9.879   3.641   -3.656  1.00 14.13 ? 352 ARG A O     1 
ATOM   563  C  CB    . ARG B 2 27 ? 9.656   5.844   -5.490  1.00 14.97 ? 352 ARG A CB    1 
ATOM   564  C  CG    . ARG B 2 27 ? 10.152  7.081   -6.233  1.00 16.83 ? 352 ARG A CG    1 
ATOM   565  C  CD    . ARG B 2 27 ? 9.570   8.282   -5.616  1.00 17.88 ? 352 ARG A CD    1 
ATOM   566  N  NE    . ARG B 2 27 ? 9.365   9.296   -6.699  1.00 23.36 ? 352 ARG A NE    1 
ATOM   567  C  CZ    . ARG B 2 27 ? 10.310  10.240  -6.763  1.00 23.48 ? 352 ARG A CZ    1 
ATOM   568  N  NH1   . ARG B 2 27 ? 11.413  10.040  -6.044  1.00 25.12 ? 352 ARG A NH1   1 
ATOM   569  N  NH2   . ARG B 2 27 ? 10.269  11.166  -7.726  1.00 25.79 ? 352 ARG A NH2   1 
ATOM   570  N  N     . TYR B 2 28 ? 9.754   2.292   -5.447  1.00 13.09 ? 353 TYR A N     1 
ATOM   571  C  CA    . TYR B 2 28 ? 9.232   1.142   -4.697  1.00 11.65 ? 353 TYR A CA    1 
ATOM   572  C  C     . TYR B 2 28 ? 9.645   -0.141  -5.372  1.00 11.68 ? 353 TYR A C     1 
ATOM   573  O  O     . TYR B 2 28 ? 10.061  -0.032  -6.559  1.00 11.84 ? 353 TYR A O     1 
ATOM   574  C  CB    . TYR B 2 28 ? 7.733   1.234   -4.381  1.00 11.48 ? 353 TYR A CB    1 
ATOM   575  C  CG    . TYR B 2 28 ? 6.851   1.078   -5.635  1.00 12.34 ? 353 TYR A CG    1 
ATOM   576  C  CD1   . TYR B 2 28 ? 6.623   2.141   -6.501  1.00 10.54 ? 353 TYR A CD1   1 
ATOM   577  C  CD2   . TYR B 2 28 ? 6.371   -0.202  -5.960  1.00 11.10 ? 353 TYR A CD2   1 
ATOM   578  C  CE1   . TYR B 2 28 ? 5.868   1.892   -7.660  1.00 13.60 ? 353 TYR A CE1   1 
ATOM   579  C  CE2   . TYR B 2 28 ? 5.549   -0.423  -7.070  1.00 11.28 ? 353 TYR A CE2   1 
ATOM   580  C  CZ    . TYR B 2 28 ? 5.328   0.647   -7.935  1.00 11.17 ? 353 TYR A CZ    1 
ATOM   581  O  OH    . TYR B 2 28 ? 4.619   0.411   -9.077  1.00 12.82 ? 353 TYR A OH    1 
ATOM   582  N  N     . GLU B 2 29 ? 9.554   -1.242  -4.630  1.00 11.40 ? 354 GLU A N     1 
ATOM   583  C  CA    . GLU B 2 29 ? 9.910   -2.543  -5.203  1.00 10.63 ? 354 GLU A CA    1 
ATOM   584  C  C     . GLU B 2 29 ? 8.730   -3.110  -5.934  1.00 10.48 ? 354 GLU A C     1 
ATOM   585  O  O     . GLU B 2 29 ? 8.809   -3.235  -7.179  1.00 11.26 ? 354 GLU A O     1 
ATOM   586  C  CB    . GLU B 2 29 ? 10.509  -3.469  -4.158  1.00 11.98 ? 354 GLU A CB    1 
ATOM   587  C  CG    . GLU B 2 29 ? 10.889  -4.925  -4.600  1.00 14.36 ? 354 GLU A CG    1 
ATOM   588  C  CD    . GLU B 2 29 ? 12.333  -4.980  -5.029  1.00 14.82 ? 354 GLU A CD    1 
ATOM   589  O  OE1   . GLU B 2 29 ? 13.022  -3.959  -4.867  1.00 16.43 ? 354 GLU A OE1   1 
ATOM   590  O  OE2   . GLU B 2 29 ? 12.704  -5.922  -5.726  1.00 16.71 ? 354 GLU A OE2   1 
ATOM   591  N  N     . ASN B 2 30 ? 7.701   -3.552  -5.277  1.00 10.45 ? 355 ASN A N     1 
ATOM   592  C  CA    . ASN B 2 30 ? 6.514   -4.124  -5.876  1.00 10.31 ? 355 ASN A CA    1 
ATOM   593  C  C     . ASN B 2 30 ? 5.265   -3.551  -5.188  1.00 10.50 ? 355 ASN A C     1 
ATOM   594  O  O     . ASN B 2 30 ? 5.368   -3.059  -4.028  1.00 10.69 ? 355 ASN A O     1 
ATOM   595  C  CB    . ASN B 2 30 ? 6.544   -5.685  -5.676  1.00 12.51 ? 355 ASN A CB    1 
ATOM   596  C  CG    . ASN B 2 30 ? 7.377   -6.250  -6.806  1.00 15.49 ? 355 ASN A CG    1 
ATOM   597  O  OD1   . ASN B 2 30 ? 7.235   -5.880  -8.012  1.00 15.83 ? 355 ASN A OD1   1 
ATOM   598  N  ND2   . ASN B 2 30 ? 8.384   -6.969  -6.327  1.00 19.06 ? 355 ASN A ND2   1 
ATOM   599  N  N     . CYS B 2 31 ? 4.134   -3.844  -5.796  1.00 10.10 ? 356 CYS A N     1 
ATOM   600  C  CA    . CYS B 2 31 ? 2.839   -3.360  -5.253  1.00 11.67 ? 356 CYS A CA    1 
ATOM   601  C  C     . CYS B 2 31 ? 1.856   -4.481  -5.569  1.00 10.61 ? 356 CYS A C     1 
ATOM   602  O  O     . CYS B 2 31 ? 2.048   -5.251  -6.537  1.00 9.63  ? 356 CYS A O     1 
ATOM   603  C  CB    . CYS B 2 31 ? 2.475   -2.056  -6.024  1.00 15.00 ? 356 CYS A CB    1 
ATOM   604  S  SG    . CYS B 2 31 ? 0.953   -1.308  -5.593  1.00 28.91 ? 356 CYS A SG    1 
ATOM   605  N  N     . THR B 2 32 ? 0.776   -4.510  -4.766  1.00 10.51 ? 357 THR A N     1 
ATOM   606  C  CA    . THR B 2 32 ? -0.270  -5.537  -4.919  1.00 8.65  ? 357 THR A CA    1 
ATOM   607  C  C     . THR B 2 32 ? -1.533  -5.038  -5.540  1.00 8.56  ? 357 THR A C     1 
ATOM   608  O  O     . THR B 2 32 ? -1.725  -3.787  -5.606  1.00 8.57  ? 357 THR A O     1 
ATOM   609  C  CB    . THR B 2 32 ? -0.617  -6.242  -3.539  1.00 8.48  ? 357 THR A CB    1 
ATOM   610  O  OG1   . THR B 2 32 ? -1.347  -5.262  -2.719  1.00 8.88  ? 357 THR A OG1   1 
ATOM   611  C  CG2   . THR B 2 32 ? 0.632   -6.782  -2.844  1.00 9.15  ? 357 THR A CG2   1 
ATOM   612  N  N     . THR B 2 33 ? -2.349  -5.929  -5.940  1.00 6.95  ? 358 THR A N     1 
ATOM   613  C  CA    . THR B 2 33 ? -3.792  -5.656  -6.212  1.00 7.98  ? 358 THR A CA    1 
ATOM   614  C  C     . THR B 2 33 ? -4.445  -5.201  -4.895  1.00 6.90  ? 358 THR A C     1 
ATOM   615  O  O     . THR B 2 33 ? -3.919  -5.360  -3.802  1.00 7.27  ? 358 THR A O     1 
ATOM   616  C  CB    . THR B 2 33 ? -4.526  -6.874  -6.878  1.00 7.86  ? 358 THR A CB    1 
ATOM   617  O  OG1   . THR B 2 33 ? -4.417  -7.987  -5.970  1.00 9.45  ? 358 THR A OG1   1 
ATOM   618  C  CG2   . THR B 2 33 ? -3.968  -7.191  -8.278  1.00 10.13 ? 358 THR A CG2   1 
ATOM   619  N  N     . THR B 2 34 ? -5.692  -4.800  -5.025  1.00 7.67  ? 359 THR A N     1 
ATOM   620  C  CA    . THR B 2 34 ? -6.457  -4.264  -3.873  1.00 7.57  ? 359 THR A CA    1 
ATOM   621  C  C     . THR B 2 34 ? -7.092  -5.421  -3.132  1.00 8.94  ? 359 THR A C     1 
ATOM   622  O  O     . THR B 2 34 ? -7.767  -6.298  -3.715  1.00 9.88  ? 359 THR A O     1 
ATOM   623  C  CB    . THR B 2 34 ? -7.582  -3.255  -4.338  1.00 9.57  ? 359 THR A CB    1 
ATOM   624  O  OG1   . THR B 2 34 ? -6.984  -2.331  -5.254  1.00 6.45  ? 359 THR A OG1   1 
ATOM   625  C  CG2   . THR B 2 34 ? -8.302  -2.600  -3.179  1.00 10.22 ? 359 THR A CG2   1 
ATOM   626  N  N     . TRP B 2 35 ? -6.944  -5.398  -1.788  1.00 9.46  ? 360 TRP A N     1 
ATOM   627  C  CA    . TRP B 2 35 ? -7.520  -6.445  -0.946  1.00 9.08  ? 360 TRP A CA    1 
ATOM   628  C  C     . TRP B 2 35 ? -8.254  -5.919  0.254   1.00 8.25  ? 360 TRP A C     1 
ATOM   629  O  O     . TRP B 2 35 ? -8.103  -4.693  0.551   1.00 8.89  ? 360 TRP A O     1 
ATOM   630  C  CB    . TRP B 2 35 ? -6.489  -7.510  -0.604  1.00 8.55  ? 360 TRP A CB    1 
ATOM   631  C  CG    . TRP B 2 35 ? -5.219  -6.961  -0.055  1.00 9.86  ? 360 TRP A CG    1 
ATOM   632  C  CD1   . TRP B 2 35 ? -4.103  -6.598  -0.774  1.00 10.57 ? 360 TRP A CD1   1 
ATOM   633  C  CD2   . TRP B 2 35 ? -4.949  -6.694  1.303   1.00 11.28 ? 360 TRP A CD2   1 
ATOM   634  N  NE1   . TRP B 2 35 ? -3.124  -6.273  0.110   1.00 12.09 ? 360 TRP A NE1   1 
ATOM   635  C  CE2   . TRP B 2 35 ? -3.608  -6.235  1.370   1.00 12.28 ? 360 TRP A CE2   1 
ATOM   636  C  CE3   . TRP B 2 35 ? -5.631  -6.924  2.516   1.00 11.78 ? 360 TRP A CE3   1 
ATOM   637  C  CZ2   . TRP B 2 35 ? -2.977  -5.991  2.597   1.00 13.12 ? 360 TRP A CZ2   1 
ATOM   638  C  CZ3   . TRP B 2 35 ? -4.994  -6.702  3.735   1.00 12.45 ? 360 TRP A CZ3   1 
ATOM   639  C  CH2   . TRP B 2 35 ? -3.666  -6.221  3.745   1.00 14.06 ? 360 TRP A CH2   1 
ATOM   640  N  N     . PHE B 2 36 ? -9.028  -6.748  0.880   1.00 7.35  ? 361 PHE A N     1 
ATOM   641  C  CA    . PHE B 2 36 ? -9.777  -6.358  2.133   1.00 8.57  ? 361 PHE A CA    1 
ATOM   642  C  C     . PHE B 2 36 ? -9.618  -7.544  3.136   1.00 9.07  ? 361 PHE A C     1 
ATOM   643  O  O     . PHE B 2 36 ? -9.424  -8.675  2.669   1.00 9.34  ? 361 PHE A O     1 
ATOM   644  C  CB    . PHE B 2 36 ? -11.309 -6.370  1.759   1.00 10.13 ? 361 PHE A CB    1 
ATOM   645  C  CG    . PHE B 2 36 ? -11.667 -5.321  0.759   1.00 11.78 ? 361 PHE A CG    1 
ATOM   646  C  CD1   . PHE B 2 36 ? -11.502 -5.601  -0.605  1.00 15.80 ? 361 PHE A CD1   1 
ATOM   647  C  CD2   . PHE B 2 36 ? -12.160 -4.130  1.180   1.00 14.82 ? 361 PHE A CD2   1 
ATOM   648  C  CE1   . PHE B 2 36 ? -11.883 -4.647  -1.589  1.00 16.10 ? 361 PHE A CE1   1 
ATOM   649  C  CE2   . PHE B 2 36 ? -12.601 -3.179  0.176   1.00 14.42 ? 361 PHE A CE2   1 
ATOM   650  C  CZ    . PHE B 2 36 ? -12.397 -3.504  -1.112  1.00 12.88 ? 361 PHE A CZ    1 
ATOM   651  N  N     . THR B 2 37 ? -9.861  -7.201  4.364   1.00 9.64  ? 362 THR A N     1 
ATOM   652  C  CA    . THR B 2 37 ? -10.018 -8.269  5.421   1.00 9.78  ? 362 THR A CA    1 
ATOM   653  C  C     . THR B 2 37 ? -11.464 -8.706  5.286   1.00 9.72  ? 362 THR A C     1 
ATOM   654  O  O     . THR B 2 37 ? -12.369 -7.870  5.097   1.00 10.56 ? 362 THR A O     1 
ATOM   655  C  CB    . THR B 2 37 ? -9.800  -7.597  6.834   1.00 12.53 ? 362 THR A CB    1 
ATOM   656  O  OG1   . THR B 2 37 ? -8.384  -7.250  6.841   1.00 14.40 ? 362 THR A OG1   1 
ATOM   657  C  CG2   . THR B 2 37 ? -10.042 -8.628  7.980   1.00 13.72 ? 362 THR A CG2   1 
ATOM   658  N  N     . VAL B 2 38 ? -11.766 -10.000 5.227   1.00 9.35  ? 363 VAL A N     1 
ATOM   659  C  CA    . VAL B 2 38 ? -13.154 -10.453 5.055   1.00 10.03 ? 363 VAL A CA    1 
ATOM   660  C  C     . VAL B 2 38 ? -13.887 -10.437 6.422   1.00 10.73 ? 363 VAL A C     1 
ATOM   661  O  O     . VAL B 2 38 ? -13.238 -10.576 7.441   1.00 10.24 ? 363 VAL A O     1 
ATOM   662  C  CB    . VAL B 2 38 ? -13.204 -11.847 4.402   1.00 10.56 ? 363 VAL A CB    1 
ATOM   663  C  CG1   . VAL B 2 38 ? -12.523 -11.890 3.047   1.00 9.53  ? 363 VAL A CG1   1 
ATOM   664  C  CG2   . VAL B 2 38 ? -12.716 -12.919 5.387   1.00 11.41 ? 363 VAL A CG2   1 
ATOM   665  N  N     . ALA B 2 39 ? -15.231 -10.376 6.326   1.00 11.47 ? 364 ALA A N     1 
ATOM   666  C  CA    . ALA B 2 39 ? -16.040 -10.451 7.592   1.00 12.25 ? 364 ALA A CA    1 
ATOM   667  C  C     . ALA B 2 39 ? -16.759 -11.796 7.566   1.00 12.79 ? 364 ALA A C     1 
ATOM   668  O  O     . ALA B 2 39 ? -16.345 -12.746 6.875   1.00 14.58 ? 364 ALA A O     1 
ATOM   669  C  CB    . ALA B 2 39 ? -16.968 -9.261  7.740   1.00 12.37 ? 364 ALA A CB    1 
ATOM   670  N  N     . ASP B 2 40 ? -17.847 -11.875 8.309   1.00 12.68 ? 365 ASP A N     1 
ATOM   671  C  CA    . ASP B 2 40 ? -18.442 -13.177 8.676   1.00 14.83 ? 365 ASP A CA    1 
ATOM   672  C  C     . ASP B 2 40 ? -19.535 -13.694 7.857   1.00 15.43 ? 365 ASP A C     1 
ATOM   673  O  O     . ASP B 2 40 ? -19.713 -14.995 7.889   1.00 18.92 ? 365 ASP A O     1 
ATOM   674  C  CB    . ASP B 2 40 ? -18.843 -13.144 10.160  1.00 17.00 ? 365 ASP A CB    1 
ATOM   675  C  CG    . ASP B 2 40 ? -20.017 -12.168 10.349  1.00 17.88 ? 365 ASP A CG    1 
ATOM   676  O  OD1   . ASP B 2 40 ? -20.222 -11.321 9.481   1.00 18.17 ? 365 ASP A OD1   1 
ATOM   677  O  OD2   . ASP B 2 40 ? -20.575 -12.317 11.442  1.00 20.67 ? 365 ASP A OD2   1 
ATOM   678  N  N     . ASN B 2 41 ? -20.203 -12.914 7.047   1.00 15.34 ? 366 ASN A N     1 
ATOM   679  C  CA    . ASN B 2 41 ? -21.329 -13.280 6.250   1.00 15.28 ? 366 ASN A CA    1 
ATOM   680  C  C     . ASN B 2 41 ? -21.107 -12.973 4.786   1.00 15.62 ? 366 ASN A C     1 
ATOM   681  O  O     . ASN B 2 41 ? -20.512 -11.899 4.488   1.00 16.74 ? 366 ASN A O     1 
ATOM   682  C  CB    . ASN B 2 41 ? -22.657 -12.600 6.671   1.00 16.87 ? 366 ASN A CB    1 
ATOM   683  C  CG    . ASN B 2 41 ? -22.881 -12.435 8.114   1.00 17.31 ? 366 ASN A CG    1 
ATOM   684  O  OD1   . ASN B 2 41 ? -22.737 -11.324 8.723   1.00 18.81 ? 366 ASN A OD1   1 
ATOM   685  N  ND2   . ASN B 2 41 ? -23.134 -13.565 8.715   1.00 19.34 ? 366 ASN A ND2   1 
ATOM   686  N  N     . GLY B 2 42 ? -21.495 -13.908 3.963   1.00 15.35 ? 367 GLY A N     1 
ATOM   687  C  CA    . GLY B 2 42 ? -21.386 -13.787 2.496   1.00 15.36 ? 367 GLY A CA    1 
ATOM   688  C  C     . GLY B 2 42 ? -20.089 -13.126 2.061   1.00 15.06 ? 367 GLY A C     1 
ATOM   689  O  O     . GLY B 2 42 ? -18.993 -13.687 2.350   1.00 15.12 ? 367 GLY A O     1 
ATOM   690  N  N     . ALA B 2 43 ? -20.249 -12.062 1.251   1.00 14.66 ? 368 ALA A N     1 
ATOM   691  C  CA    . ALA B 2 43 ? -19.121 -11.303 0.732   1.00 13.86 ? 368 ALA A CA    1 
ATOM   692  C  C     . ALA B 2 43 ? -18.841 -10.048 1.519   1.00 14.56 ? 368 ALA A C     1 
ATOM   693  O  O     . ALA B 2 43 ? -18.177 -9.123  0.947   1.00 14.90 ? 368 ALA A O     1 
ATOM   694  C  CB    . ALA B 2 43 ? -19.299 -10.980 -0.747  1.00 14.34 ? 368 ALA A CB    1 
ATOM   695  N  N     . GLU B 2 44 ? -19.253 -10.002 2.770   1.00 13.99 ? 369 GLU A N     1 
ATOM   696  C  CA    . GLU B 2 44 ? -18.986 -8.844  3.616   1.00 13.95 ? 369 GLU A CA    1 
ATOM   697  C  C     . GLU B 2 44 ? -17.495 -8.597  3.807   1.00 13.69 ? 369 GLU A C     1 
ATOM   698  O  O     . GLU B 2 44 ? -16.742 -9.575  3.979   1.00 14.13 ? 369 GLU A O     1 
ATOM   699  C  CB    . GLU B 2 44 ? -19.486 -9.040  5.059   1.00 14.14 ? 369 GLU A CB    1 
ATOM   700  C  CG    . GLU B 2 44 ? -20.960 -8.848  5.322   1.00 17.05 ? 369 GLU A CG    1 
ATOM   701  C  CD    . GLU B 2 44 ? -21.215 -9.233  6.750   1.00 17.58 ? 369 GLU A CD    1 
ATOM   702  O  OE1   . GLU B 2 44 ? -20.467 -10.023 7.305   1.00 19.14 ? 369 GLU A OE1   1 
ATOM   703  O  OE2   . GLU B 2 44 ? -22.207 -8.684  7.264   1.00 22.17 ? 369 GLU A OE2   1 
ATOM   704  N  N     . ARG B 2 45 ? -17.086 -7.343  3.738   1.00 13.07 ? 370 ARG A N     1 
ATOM   705  C  CA    . ARG B 2 45 ? -15.685 -6.993  4.060   1.00 13.99 ? 370 ARG A CA    1 
ATOM   706  C  C     . ARG B 2 45 ? -15.571 -6.171  5.301   1.00 14.90 ? 370 ARG A C     1 
ATOM   707  O  O     . ARG B 2 45 ? -16.613 -5.545  5.625   1.00 16.78 ? 370 ARG A O     1 
ATOM   708  C  CB    . ARG B 2 45 ? -15.078 -6.236  2.876   1.00 11.74 ? 370 ARG A CB    1 
ATOM   709  C  CG    . ARG B 2 45 ? -15.324 -6.840  1.478   1.00 11.44 ? 370 ARG A CG    1 
ATOM   710  C  CD    . ARG B 2 45 ? -14.692 -8.232  1.420   1.00 10.38 ? 370 ARG A CD    1 
ATOM   711  N  NE    . ARG B 2 45 ? -14.856 -8.872  0.122   1.00 11.85 ? 370 ARG A NE    1 
ATOM   712  C  CZ    . ARG B 2 45 ? -15.128 -10.179 -0.015  1.00 10.53 ? 370 ARG A CZ    1 
ATOM   713  N  NH1   . ARG B 2 45 ? -15.399 -11.072 0.985   1.00 11.46 ? 370 ARG A NH1   1 
ATOM   714  N  NH2   . ARG B 2 45 ? -15.005 -10.648 -1.203  1.00 12.69 ? 370 ARG A NH2   1 
ATOM   715  N  N     . GLN B 2 46 ? -14.520 -6.132  6.013   1.00 14.92 ? 371 GLN A N     1 
ATOM   716  C  CA    . GLN B 2 46 ? -14.353 -5.221  7.164   1.00 16.28 ? 371 GLN A CA    1 
ATOM   717  C  C     . GLN B 2 46 ? -13.191 -4.253  6.870   1.00 15.90 ? 371 GLN A C     1 
ATOM   718  O  O     . GLN B 2 46 ? -12.250 -4.687  6.251   1.00 17.15 ? 371 GLN A O     1 
ATOM   719  C  CB    . GLN B 2 46 ? -14.007 -5.842  8.507   1.00 18.58 ? 371 GLN A CB    1 
ATOM   720  C  CG    . GLN B 2 46 ? -14.051 -7.315  8.554   1.00 22.35 ? 371 GLN A CG    1 
ATOM   721  C  CD    . GLN B 2 46 ? -13.624 -7.866  9.881   1.00 21.72 ? 371 GLN A CD    1 
ATOM   722  O  OE1   . GLN B 2 46 ? -12.957 -7.041  10.610  1.00 25.82 ? 371 GLN A OE1   1 
ATOM   723  N  NE2   . GLN B 2 46 ? -13.526 -9.159  10.007  1.00 23.54 ? 371 GLN A NE2   1 
ATOM   724  N  N     . GLY B 2 47 ? -13.444 -2.995  7.188   1.00 15.04 ? 372 GLY A N     1 
ATOM   725  C  CA    . GLY B 2 47 ? -12.364 -1.986  7.107   1.00 14.63 ? 372 GLY A CA    1 
ATOM   726  C  C     . GLY B 2 47 ? -12.288 -1.431  5.692   1.00 14.83 ? 372 GLY A C     1 
ATOM   727  O  O     . GLY B 2 47 ? -13.207 -1.566  4.882   1.00 16.29 ? 372 GLY A O     1 
ATOM   728  N  N     . GLN B 2 48 ? -11.232 -0.706  5.483   1.00 14.39 ? 373 GLN A N     1 
ATOM   729  C  CA    . GLN B 2 48 ? -10.962 -0.027  4.158   1.00 13.75 ? 373 GLN A CA    1 
ATOM   730  C  C     . GLN B 2 48 ? -10.198 -0.916  3.254   1.00 11.58 ? 373 GLN A C     1 
ATOM   731  O  O     . GLN B 2 48 ? -9.647  -1.960  3.663   1.00 11.67 ? 373 GLN A O     1 
ATOM   732  C  CB    . GLN B 2 48 ? -10.166 1.270   4.407   1.00 16.68 ? 373 GLN A CB    1 
ATOM   733  C  CG    . GLN B 2 48 ? -11.073 2.405   4.973   1.00 20.58 ? 373 GLN A CG    1 
ATOM   734  C  CD    . GLN B 2 48 ? -10.077 3.466   5.410   1.00 22.80 ? 373 GLN A CD    1 
ATOM   735  O  OE1   . GLN B 2 48 ? -9.928  4.517   4.795   1.00 25.77 ? 373 GLN A OE1   1 
ATOM   736  N  NE2   . GLN B 2 48 ? -9.168  3.043   6.301   1.00 26.36 ? 373 GLN A NE2   1 
ATOM   737  N  N     . ALA B 2 49 ? -10.247 -0.598  1.932   1.00 10.33 ? 374 ALA A N     1 
ATOM   738  C  CA    . ALA B 2 49 ? -9.419  -1.251  0.934   1.00 9.22  ? 374 ALA A CA    1 
ATOM   739  C  C     . ALA B 2 49 ? -7.951  -0.968  1.209   1.00 10.37 ? 374 ALA A C     1 
ATOM   740  O  O     . ALA B 2 49 ? -7.555  0.101   1.714   1.00 9.91  ? 374 ALA A O     1 
ATOM   741  C  CB    . ALA B 2 49 ? -9.852  -0.772  -0.464  1.00 9.24  ? 374 ALA A CB    1 
ATOM   742  N  N     . GLN B 2 50 ? -7.111  -1.955  0.844   1.00 9.22  ? 375 GLN A N     1 
ATOM   743  C  CA    . GLN B 2 50 ? -5.671  -1.862  1.117   1.00 10.02 ? 375 GLN A CA    1 
ATOM   744  C  C     . GLN B 2 50 ? -4.874  -2.281  -0.115  1.00 9.40  ? 375 GLN A C     1 
ATOM   745  O  O     . GLN B 2 50 ? -5.319  -3.116  -0.854  1.00 9.38  ? 375 GLN A O     1 
ATOM   746  C  CB    . GLN B 2 50 ? -5.194  -2.870  2.193   1.00 12.67 ? 375 GLN A CB    1 
ATOM   747  C  CG    . GLN B 2 50 ? -6.049  -2.977  3.409   1.00 18.67 ? 375 GLN A CG    1 
ATOM   748  C  CD    . GLN B 2 50 ? -5.618  -2.046  4.482   1.00 20.95 ? 375 GLN A CD    1 
ATOM   749  O  OE1   . GLN B 2 50 ? -4.542  -1.438  4.448   1.00 25.81 ? 375 GLN A OE1   1 
ATOM   750  N  NE2   . GLN B 2 50 ? -6.378  -1.936  5.547   1.00 25.30 ? 375 GLN A NE2   1 
ATOM   751  N  N     . ILE B 2 51 ? -3.682  -1.702  -0.229  1.00 10.24 ? 376 ILE A N     1 
ATOM   752  C  CA    . ILE B 2 51 ? -2.615  -2.246  -1.040  1.00 9.90  ? 376 ILE A CA    1 
ATOM   753  C  C     . ILE B 2 51 ? -1.374  -2.386  -0.173  1.00 10.15 ? 376 ILE A C     1 
ATOM   754  O  O     . ILE B 2 51 ? -1.197  -1.635  0.775   1.00 9.74  ? 376 ILE A O     1 
ATOM   755  C  CB    . ILE B 2 51 ? -2.288  -1.534  -2.379  1.00 11.98 ? 376 ILE A CB    1 
ATOM   756  C  CG1   . ILE B 2 51 ? -1.983  -0.042  -2.065  1.00 11.29 ? 376 ILE A CG1   1 
ATOM   757  C  CG2   . ILE B 2 51 ? -3.561  -1.697  -3.353  1.00 14.36 ? 376 ILE A CG2   1 
ATOM   758  C  CD1   . ILE B 2 51 ? -1.327  0.560   -3.417  1.00 14.66 ? 376 ILE A CD1   1 
ATOM   759  N  N     . LEU B 2 52 ? -0.547  -3.377  -0.532  1.00 9.03  ? 377 LEU A N     1 
ATOM   760  C  CA    . LEU B 2 52 ? 0.791   -3.514  0.121   1.00 10.19 ? 377 LEU A CA    1 
ATOM   761  C  C     . LEU B 2 52 ? 1.858   -3.088  -0.897  1.00 10.15 ? 377 LEU A C     1 
ATOM   762  O  O     . LEU B 2 52 ? 1.767   -3.427  -2.096  1.00 9.90  ? 377 LEU A O     1 
ATOM   763  C  CB    . LEU B 2 52 ? 0.880   -4.973  0.501   1.00 11.86 ? 377 LEU A CB    1 
ATOM   764  C  CG    . LEU B 2 52 ? 1.908   -5.224  1.656   1.00 14.80 ? 377 LEU A CG    1 
ATOM   765  C  CD1   . LEU B 2 52 ? 1.494   -6.429  2.456   1.00 17.08 ? 377 LEU A CD1   1 
ATOM   766  C  CD2   . LEU B 2 52 ? 3.190   -5.497  0.839   1.00 15.01 ? 377 LEU A CD2   1 
ATOM   767  N  N     . ILE B 2 53 ? 2.769   -2.278  -0.493  1.00 10.74 ? 378 ILE A N     1 
ATOM   768  C  CA    . ILE B 2 53 ? 3.918   -1.799  -1.255  1.00 10.33 ? 378 ILE A CA    1 
ATOM   769  C  C     . ILE B 2 53 ? 5.187   -2.247  -0.537  1.00 10.68 ? 378 ILE A C     1 
ATOM   770  O  O     . ILE B 2 53 ? 5.350   -1.972  0.679   1.00 11.40 ? 378 ILE A O     1 
ATOM   771  C  CB    . ILE B 2 53 ? 3.849   -0.229  -1.465  1.00 10.85 ? 378 ILE A CB    1 
ATOM   772  C  CG1   . ILE B 2 53 ? 2.570   0.085   -2.248  1.00 14.18 ? 378 ILE A CG1   1 
ATOM   773  C  CG2   . ILE B 2 53 ? 5.134   0.186   -2.307  1.00 11.24 ? 378 ILE A CG2   1 
ATOM   774  C  CD1   . ILE B 2 53 ? 2.667   1.388   -3.121  1.00 16.48 ? 378 ILE A CD1   1 
ATOM   775  N  N     . THR B 2 54 ? 6.112   -2.917  -1.235  1.00 10.07 ? 379 THR A N     1 
ATOM   776  C  CA    . THR B 2 54 ? 7.357   -3.344  -0.618  1.00 10.67 ? 379 THR A CA    1 
ATOM   777  C  C     . THR B 2 54 ? 8.442   -2.395  -1.104  1.00 9.96  ? 379 THR A C     1 
ATOM   778  O  O     . THR B 2 54 ? 8.331   -1.811  -2.182  1.00 9.63  ? 379 THR A O     1 
ATOM   779  C  CB    . THR B 2 54 ? 7.735   -4.859  -0.979  1.00 11.34 ? 379 THR A CB    1 
ATOM   780  O  OG1   . THR B 2 54 ? 7.693   -4.818  -2.423  1.00 13.07 ? 379 THR A OG1   1 
ATOM   781  C  CG2   . THR B 2 54 ? 6.591   -5.789  -0.433  1.00 11.89 ? 379 THR A CG2   1 
ATOM   782  N  N     . PHE B 2 55 ? 9.494   -2.326  -0.339  1.00 11.41 ? 380 PHE A N     1 
ATOM   783  C  CA    . PHE B 2 55 ? 10.675  -1.471  -0.639  1.00 12.24 ? 380 PHE A CA    1 
ATOM   784  C  C     . PHE B 2 55 ? 11.923  -2.372  -0.664  1.00 12.87 ? 380 PHE A C     1 
ATOM   785  O  O     . PHE B 2 55 ? 11.989  -3.279  0.151   1.00 13.26 ? 380 PHE A O     1 
ATOM   786  C  CB    . PHE B 2 55 ? 10.753  -0.321  0.350   1.00 11.70 ? 380 PHE A CB    1 
ATOM   787  C  CG    . PHE B 2 55 ? 9.503   0.517   0.279   1.00 10.80 ? 380 PHE A CG    1 
ATOM   788  C  CD1   . PHE B 2 55 ? 9.417   1.526   -0.678  1.00 11.48 ? 380 PHE A CD1   1 
ATOM   789  C  CD2   . PHE B 2 55 ? 8.434   0.281   1.144   1.00 11.49 ? 380 PHE A CD2   1 
ATOM   790  C  CE1   . PHE B 2 55 ? 8.248   2.253   -0.887  1.00 12.31 ? 380 PHE A CE1   1 
ATOM   791  C  CE2   . PHE B 2 55 ? 7.245   1.033   1.014   1.00 10.30 ? 380 PHE A CE2   1 
ATOM   792  C  CZ    . PHE B 2 55 ? 7.158   1.925   -0.041  1.00 9.78  ? 380 PHE A CZ    1 
ATOM   793  N  N     . GLY B 2 56 ? 12.877  -1.875  -1.437  1.00 14.28 ? 381 GLY A N     1 
ATOM   794  C  CA    . GLY B 2 56 ? 14.232  -2.566  -1.432  1.00 16.34 ? 381 GLY A CA    1 
ATOM   795  C  C     . GLY B 2 56 ? 14.977  -2.331  -0.132  1.00 16.22 ? 381 GLY A C     1 
ATOM   796  O  O     . GLY B 2 56 ? 15.986  -3.074  0.068   1.00 16.68 ? 381 GLY A O     1 
ATOM   797  N  N     . SER B 2 57 ? 14.836  -1.193  0.506   1.00 16.19 ? 382 SER A N     1 
ATOM   798  C  CA    . SER B 2 57 ? 15.493  -0.788  1.723   1.00 17.08 ? 382 SER A CA    1 
ATOM   799  C  C     . SER B 2 57 ? 14.663  0.327   2.400   1.00 17.55 ? 382 SER A C     1 
ATOM   800  O  O     . SER B 2 57 ? 13.801  0.962   1.712   1.00 18.50 ? 382 SER A O     1 
ATOM   801  C  CB    . SER B 2 57 ? 16.874  -0.153  1.360   1.00 18.13 ? 382 SER A CB    1 
ATOM   802  O  OG    . SER B 2 57 ? 16.635  1.038   0.580   1.00 18.49 ? 382 SER A OG    1 
ATOM   803  N  N     . PRO B 2 58 ? 14.960  0.645   3.664   1.00 16.88 ? 383 PRO A N     1 
ATOM   804  C  CA    . PRO B 2 58 ? 14.275  1.672   4.411   1.00 17.17 ? 383 PRO A CA    1 
ATOM   805  C  C     . PRO B 2 58 ? 14.534  3.062   3.847   1.00 16.80 ? 383 PRO A C     1 
ATOM   806  O  O     . PRO B 2 58 ? 13.645  3.930   3.944   1.00 17.91 ? 383 PRO A O     1 
ATOM   807  C  CB    . PRO B 2 58 ? 14.699  1.473   5.842   1.00 17.24 ? 383 PRO A CB    1 
ATOM   808  C  CG    . PRO B 2 58 ? 15.150  0.015   5.881   1.00 17.51 ? 383 PRO A CG    1 
ATOM   809  C  CD    . PRO B 2 58 ? 15.815  -0.172  4.550   1.00 17.26 ? 383 PRO A CD    1 
ATOM   810  N  N     . SER B 2 59 ? 15.754  3.282   3.303   1.00 17.15 ? 384 SER A N     1 
ATOM   811  C  CA    . SER B 2 59 ? 16.035  4.505   2.588   1.00 16.83 ? 384 SER A CA    1 
ATOM   812  C  C     . SER B 2 59 ? 15.092  4.740   1.429   1.00 15.96 ? 384 SER A C     1 
ATOM   813  O  O     . SER B 2 59 ? 14.601  5.843   1.213   1.00 15.76 ? 384 SER A O     1 
ATOM   814  C  CB    . SER B 2 59 ? 17.503  4.826   2.260   1.00 18.68 ? 384 SER A CB    1 
ATOM   815  O  OG    . SER B 2 59 ? 18.002  3.765   1.446   1.00 23.52 ? 384 SER A OG    1 
ATOM   816  N  N     . GLN B 2 60 ? 14.902  3.743   0.571   1.00 15.69 ? 385 GLN A N     1 
ATOM   817  C  CA    . GLN B 2 60 ? 13.853  3.772   -0.463  1.00 15.25 ? 385 GLN A CA    1 
ATOM   818  C  C     . GLN B 2 60 ? 12.468  4.141   0.031   1.00 15.01 ? 385 GLN A C     1 
ATOM   819  O  O     . GLN B 2 60 ? 11.738  4.932   -0.577  1.00 15.29 ? 385 GLN A O     1 
ATOM   820  C  CB    . GLN B 2 60 ? 13.906  2.592   -1.363  1.00 15.48 ? 385 GLN A CB    1 
ATOM   821  C  CG    . GLN B 2 60 ? 12.970  2.777   -2.566  1.00 16.95 ? 385 GLN A CG    1 
ATOM   822  C  CD    . GLN B 2 60 ? 12.885  1.488   -3.328  1.00 18.27 ? 385 GLN A CD    1 
ATOM   823  O  OE1   . GLN B 2 60 ? 12.455  0.467   -2.828  1.00 18.50 ? 385 GLN A OE1   1 
ATOM   824  N  NE2   . GLN B 2 60 ? 13.123  1.590   -4.619  1.00 19.84 ? 385 GLN A NE2   1 
ATOM   825  N  N     . ARG B 2 61 ? 12.029  3.656   1.182   1.00 14.69 ? 386 ARG A N     1 
ATOM   826  C  CA    . ARG B 2 61 ? 10.740  3.893   1.790   1.00 14.53 ? 386 ARG A CA    1 
ATOM   827  C  C     . ARG B 2 61 ? 10.660  5.363   2.161   1.00 13.53 ? 386 ARG A C     1 
ATOM   828  O  O     . ARG B 2 61 ? 9.612   6.019   2.031   1.00 14.67 ? 386 ARG A O     1 
ATOM   829  C  CB    . ARG B 2 61 ? 10.445  2.961   3.008   1.00 12.57 ? 386 ARG A CB    1 
ATOM   830  C  CG    . ARG B 2 61 ? 9.056   3.175   3.588   1.00 14.94 ? 386 ARG A CG    1 
ATOM   831  C  CD    . ARG B 2 61 ? 8.680   2.121   4.572   1.00 12.28 ? 386 ARG A CD    1 
ATOM   832  N  NE    . ARG B 2 61 ? 9.600   2.132   5.706   1.00 13.30 ? 386 ARG A NE    1 
ATOM   833  C  CZ    . ARG B 2 61 ? 9.420   1.324   6.790   1.00 11.39 ? 386 ARG A CZ    1 
ATOM   834  N  NH1   . ARG B 2 61 ? 8.515   0.372   6.756   1.00 12.36 ? 386 ARG A NH1   1 
ATOM   835  N  NH2   . ARG B 2 61 ? 10.321  1.379   7.710   1.00 11.72 ? 386 ARG A NH2   1 
ATOM   836  N  N     . GLN B 2 62 ? 11.732  5.857   2.785   1.00 14.78 ? 387 GLN A N     1 
ATOM   837  C  CA    . GLN B 2 62 ? 11.871  7.297   3.053   1.00 16.39 ? 387 GLN A CA    1 
ATOM   838  C  C     . GLN B 2 62 ? 11.821  8.156   1.802   1.00 15.12 ? 387 GLN A C     1 
ATOM   839  O  O     . GLN B 2 62 ? 11.039  9.110   1.929   1.00 17.68 ? 387 GLN A O     1 
ATOM   840  C  CB    . GLN B 2 62 ? 13.193  7.587   3.777   1.00 17.92 ? 387 GLN A CB    1 
ATOM   841  C  CG    . GLN B 2 62 ? 13.175  6.995   5.147   1.00 22.29 ? 387 GLN A CG    1 
ATOM   842  C  CD    . GLN B 2 62 ? 14.518  7.180   5.810   1.00 25.19 ? 387 GLN A CD    1 
ATOM   843  O  OE1   . GLN B 2 62 ? 15.497  6.467   5.463   1.00 29.58 ? 387 GLN A OE1   1 
ATOM   844  N  NE2   . GLN B 2 62 ? 14.644  8.334   6.503   1.00 28.39 ? 387 GLN A NE2   1 
ATOM   845  N  N     . ASP B 2 63 ? 12.387  7.784   0.724   1.00 15.82 ? 388 ASP A N     1 
ATOM   846  C  CA    . ASP B 2 63 ? 12.332  8.501   -0.577  1.00 16.62 ? 388 ASP A CA    1 
ATOM   847  C  C     . ASP B 2 63 ? 10.863  8.610   -1.015  1.00 16.54 ? 388 ASP A C     1 
ATOM   848  O  O     . ASP B 2 63 ? 10.311  9.635   -1.347  1.00 16.43 ? 388 ASP A O     1 
ATOM   849  C  CB    . ASP B 2 63 ? 13.132  7.818   -1.694  1.00 19.61 ? 388 ASP A CB    1 
ATOM   850  C  CG    . ASP B 2 63 ? 13.054  8.698   -2.949  1.00 22.27 ? 388 ASP A CG    1 
ATOM   851  O  OD1   . ASP B 2 63 ? 13.360  9.938   -2.779  1.00 25.60 ? 388 ASP A OD1   1 
ATOM   852  O  OD2   . ASP B 2 63 ? 12.403  8.425   -3.969  1.00 24.72 ? 388 ASP A OD2   1 
ATOM   853  N  N     . PHE B 2 64 ? 10.201  7.441   -0.955  1.00 16.53 ? 389 PHE A N     1 
ATOM   854  C  CA    . PHE B 2 64 ? 8.756   7.322   -1.217  1.00 15.73 ? 389 PHE A CA    1 
ATOM   855  C  C     . PHE B 2 64 ? 7.962   8.241   -0.363  1.00 16.25 ? 389 PHE A C     1 
ATOM   856  O  O     . PHE B 2 64 ? 7.048   8.903   -0.942  1.00 17.40 ? 389 PHE A O     1 
ATOM   857  C  CB    . PHE B 2 64 ? 8.332   5.816   -1.092  1.00 14.50 ? 389 PHE A CB    1 
ATOM   858  C  CG    . PHE B 2 64 ? 6.919   5.561   -1.635  1.00 15.24 ? 389 PHE A CG    1 
ATOM   859  C  CD1   . PHE B 2 64 ? 5.829   5.695   -0.796  1.00 15.56 ? 389 PHE A CD1   1 
ATOM   860  C  CD2   . PHE B 2 64 ? 6.803   4.878   -2.851  1.00 14.95 ? 389 PHE A CD2   1 
ATOM   861  C  CE1   . PHE B 2 64 ? 4.555   5.388   -1.309  1.00 14.97 ? 389 PHE A CE1   1 
ATOM   862  C  CE2   . PHE B 2 64 ? 5.547   4.686   -3.410  1.00 15.96 ? 389 PHE A CE2   1 
ATOM   863  C  CZ    . PHE B 2 64 ? 4.423   4.856   -2.570  1.00 14.23 ? 389 PHE A CZ    1 
ATOM   864  N  N     . LEU B 2 65 ? 8.055   8.247   0.952   1.00 15.89 ? 390 LEU A N     1 
ATOM   865  C  CA    . LEU B 2 65 ? 7.280   9.074   1.845   1.00 17.43 ? 390 LEU A CA    1 
ATOM   866  C  C     . LEU B 2 65 ? 7.453   10.596  1.566   1.00 18.26 ? 390 LEU A C     1 
ATOM   867  O  O     . LEU B 2 65 ? 6.471   11.291  1.620   1.00 19.00 ? 390 LEU A O     1 
ATOM   868  C  CB    . LEU B 2 65 ? 7.824   8.746   3.252   1.00 17.95 ? 390 LEU A CB    1 
ATOM   869  C  CG    . LEU B 2 65 ? 7.365   7.421   3.841   1.00 18.91 ? 390 LEU A CG    1 
ATOM   870  C  CD1   . LEU B 2 65 ? 7.875   7.216   5.235   1.00 20.82 ? 390 LEU A CD1   1 
ATOM   871  C  CD2   . LEU B 2 65 ? 5.817   7.456   3.810   1.00 19.92 ? 390 LEU A CD2   1 
ATOM   872  N  N     . LYS B 2 66 ? 8.644   10.936  1.179   1.00 19.29 ? 391 LYS A N     1 
ATOM   873  C  CA    . LYS B 2 66 ? 8.984   12.358  0.865   1.00 19.95 ? 391 LYS A CA    1 
ATOM   874  C  C     . LYS B 2 66 ? 8.505   12.812  -0.486  1.00 20.55 ? 391 LYS A C     1 
ATOM   875  O  O     . LYS B 2 66 ? 7.835   13.913  -0.538  1.00 21.75 ? 391 LYS A O     1 
ATOM   876  C  CB    . LYS B 2 66 ? 10.521  12.498  0.935   1.00 22.26 ? 391 LYS A CB    1 
ATOM   877  C  CG    . LYS B 2 66 ? 10.931  12.581  2.471   1.00 23.75 ? 391 LYS A CG    1 
ATOM   878  C  CD    . LYS B 2 66 ? 12.439  12.314  2.613   1.00 25.42 ? 391 LYS A CD    1 
ATOM   879  C  CE    . LYS B 2 66 ? 12.709  12.578  4.149   1.00 26.82 ? 391 LYS A CE    1 
ATOM   880  N  NZ    . LYS B 2 66 ? 11.599  11.698  4.821   1.00 28.77 ? 391 LYS A NZ    1 
ATOM   881  N  N     . HIS B 2 67 ? 8.438   11.971  -1.493  1.00 20.04 ? 392 HIS A N     1 
ATOM   882  C  CA    . HIS B 2 67 ? 8.130   12.326  -2.851  1.00 19.55 ? 392 HIS A CA    1 
ATOM   883  C  C     . HIS B 2 67 ? 6.760   11.979  -3.360  1.00 19.56 ? 392 HIS A C     1 
ATOM   884  O  O     . HIS B 2 67 ? 6.465   12.529  -4.418  1.00 20.19 ? 392 HIS A O     1 
ATOM   885  C  CB    . HIS B 2 67 ? 9.183   11.792  -3.875  1.00 21.17 ? 392 HIS A CB    1 
ATOM   886  C  CG    . HIS B 2 67 ? 10.503  12.421  -3.477  1.00 22.61 ? 392 HIS A CG    1 
ATOM   887  N  ND1   . HIS B 2 67 ? 10.875  13.697  -3.818  1.00 24.80 ? 392 HIS A ND1   1 
ATOM   888  C  CD2   . HIS B 2 67 ? 11.402  11.970  -2.625  1.00 24.44 ? 392 HIS A CD2   1 
ATOM   889  C  CE1   . HIS B 2 67 ? 11.856  14.089  -3.018  1.00 24.66 ? 392 HIS A CE1   1 
ATOM   890  N  NE2   . HIS B 2 67 ? 12.259  13.051  -2.300  1.00 26.06 ? 392 HIS A NE2   1 
ATOM   891  N  N     . VAL B 2 68 ? 6.096   10.913  -2.897  1.00 18.42 ? 393 VAL A N     1 
ATOM   892  C  CA    . VAL B 2 68 ? 4.819   10.507  -3.489  1.00 18.54 ? 393 VAL A CA    1 
ATOM   893  C  C     . VAL B 2 68 ? 3.717   11.142  -2.642  1.00 18.01 ? 393 VAL A C     1 
ATOM   894  O  O     . VAL B 2 68 ? 3.642   10.838  -1.448  1.00 18.15 ? 393 VAL A O     1 
ATOM   895  C  CB    . VAL B 2 68 ? 4.853   8.946   -3.458  1.00 17.63 ? 393 VAL A CB    1 
ATOM   896  C  CG1   . VAL B 2 68 ? 3.610   8.453   -4.161  1.00 18.58 ? 393 VAL A CG1   1 
ATOM   897  C  CG2   . VAL B 2 68 ? 6.131   8.455   -4.228  1.00 19.30 ? 393 VAL A CG2   1 
ATOM   898  N  N     . PRO B 2 69 ? 2.818   11.903  -3.225  1.00 18.44 ? 394 PRO A N     1 
ATOM   899  C  CA    . PRO B 2 69 ? 1.757   12.551  -2.476  1.00 19.40 ? 394 PRO A CA    1 
ATOM   900  C  C     . PRO B 2 69 ? 0.719   11.477  -2.040  1.00 18.99 ? 394 PRO A C     1 
ATOM   901  O  O     . PRO B 2 69 ? 0.648   10.397  -2.648  1.00 19.14 ? 394 PRO A O     1 
ATOM   902  C  CB    . PRO B 2 69 ? 1.208   13.595  -3.479  1.00 19.56 ? 394 PRO A CB    1 
ATOM   903  C  CG    . PRO B 2 69 ? 1.375   12.893  -4.788  1.00 19.93 ? 394 PRO A CG    1 
ATOM   904  C  CD    . PRO B 2 69 ? 2.776   12.241  -4.671  1.00 19.13 ? 394 PRO A CD    1 
ATOM   905  N  N     . LEU B 2 70 ? 0.093   11.730  -0.968  1.00 18.32 ? 395 LEU A N     1 
ATOM   906  C  CA    . LEU B 2 70 ? -0.958  10.844  -0.424  1.00 18.18 ? 395 LEU A CA    1 
ATOM   907  C  C     . LEU B 2 70 ? -2.260  11.666  -0.460  1.00 17.97 ? 395 LEU A C     1 
ATOM   908  O  O     . LEU B 2 70 ? -2.350  12.595  0.370   1.00 18.80 ? 395 LEU A O     1 
ATOM   909  C  CB    . LEU B 2 70 ? -0.589  10.444  0.996   1.00 17.83 ? 395 LEU A CB    1 
ATOM   910  C  CG    . LEU B 2 70 ? -1.444  9.386   1.707   1.00 18.78 ? 395 LEU A CG    1 
ATOM   911  C  CD1   . LEU B 2 70 ? -1.304  8.044   1.049   1.00 18.84 ? 395 LEU A CD1   1 
ATOM   912  C  CD2   . LEU B 2 70 ? -1.085  9.358   3.185   1.00 19.89 ? 395 LEU A CD2   1 
ATOM   913  N  N     . PRO B 2 71 ? -3.229  11.171  -1.215  1.00 18.01 ? 396 PRO A N     1 
ATOM   914  C  CA    . PRO B 2 71 ? -4.520  11.811  -1.299  1.00 18.36 ? 396 PRO A CA    1 
ATOM   915  C  C     . PRO B 2 71 ? -5.138  11.919  0.066   1.00 19.12 ? 396 PRO A C     1 
ATOM   916  O  O     . PRO B 2 71 ? -4.926  11.148  1.039   1.00 18.84 ? 396 PRO A O     1 
ATOM   917  C  CB    . PRO B 2 71 ? -5.334  10.863  -2.198  1.00 18.24 ? 396 PRO A CB    1 
ATOM   918  C  CG    . PRO B 2 71 ? -4.351  10.023  -2.911  1.00 18.82 ? 396 PRO A CG    1 
ATOM   919  C  CD    . PRO B 2 71 ? -3.063  10.099  -2.181  1.00 17.76 ? 396 PRO A CD    1 
ATOM   920  N  N     . PRO B 2 72 ? -6.004  12.910  0.206   1.00 21.13 ? 397 PRO A N     1 
ATOM   921  C  CA    . PRO B 2 72 ? -6.742  13.155  1.449   1.00 21.90 ? 397 PRO A CA    1 
ATOM   922  C  C     . PRO B 2 72 ? -7.657  11.936  1.673   1.00 20.79 ? 397 PRO A C     1 
ATOM   923  O  O     . PRO B 2 72 ? -8.325  11.433  0.714   1.00 21.85 ? 397 PRO A O     1 
ATOM   924  C  CB    . PRO B 2 72 ? -7.541  14.467  1.185   1.00 22.28 ? 397 PRO A CB    1 
ATOM   925  C  CG    . PRO B 2 72 ? -7.694  14.504  -0.321  1.00 23.16 ? 397 PRO A CG    1 
ATOM   926  C  CD    . PRO B 2 72 ? -6.398  13.886  -0.866  1.00 22.21 ? 397 PRO A CD    1 
ATOM   927  N  N     . GLY B 2 73 ? -7.712  11.522  2.914   1.00 19.65 ? 398 GLY A N     1 
ATOM   928  C  CA    . GLY B 2 73 ? -8.591  10.417  3.294   1.00 19.20 ? 398 GLY A CA    1 
ATOM   929  C  C     . GLY B 2 73 ? -7.901  9.063   3.089   1.00 18.25 ? 398 GLY A C     1 
ATOM   930  O  O     . GLY B 2 73 ? -8.458  8.104   3.641   1.00 19.10 ? 398 GLY A O     1 
ATOM   931  N  N     . MET B 2 74 ? -6.705  9.064   2.548   1.00 17.29 ? 399 MET A N     1 
ATOM   932  C  CA    . MET B 2 74 ? -5.939  7.759   2.472   1.00 16.41 ? 399 MET A CA    1 
ATOM   933  C  C     . MET B 2 74 ? -5.005  7.747   3.672   1.00 16.47 ? 399 MET A C     1 
ATOM   934  O  O     . MET B 2 74 ? -4.602  8.808   4.191   1.00 17.11 ? 399 MET A O     1 
ATOM   935  C  CB    . MET B 2 74 ? -5.172  7.680   1.171   1.00 14.90 ? 399 MET A CB    1 
ATOM   936  C  CG    . MET B 2 74 ? -6.193  7.685   0.028   1.00 14.15 ? 399 MET A CG    1 
ATOM   937  S  SD    . MET B 2 74 ? -5.462  7.211   -1.487  1.00 16.97 ? 399 MET A SD    1 
ATOM   938  C  CE    . MET B 2 74 ? -4.762  5.620   -1.285  1.00 14.69 ? 399 MET A CE    1 
ATOM   939  N  N     . ASN B 2 75 ? -4.580  6.574   4.093   1.00 15.30 ? 400 ASN A N     1 
ATOM   940  C  CA    . ASN B 2 75 ? -3.619  6.435   5.166   1.00 15.59 ? 400 ASN A CA    1 
ATOM   941  C  C     . ASN B 2 75 ? -2.461  5.474   4.825   1.00 14.32 ? 400 ASN A C     1 
ATOM   942  O  O     . ASN B 2 75 ? -2.653  4.664   3.954   1.00 12.70 ? 400 ASN A O     1 
ATOM   943  C  CB    . ASN B 2 75 ? -4.439  5.844   6.336   1.00 21.07 ? 400 ASN A CB    1 
ATOM   944  C  CG    . ASN B 2 75 ? -3.487  6.012   7.507   1.00 25.60 ? 400 ASN A CG    1 
ATOM   945  O  OD1   . ASN B 2 75 ? -2.451  5.318   7.598   1.00 31.70 ? 400 ASN A OD1   1 
ATOM   946  N  ND2   . ASN B 2 75 ? -3.746  7.077   8.245   1.00 30.67 ? 400 ASN A ND2   1 
ATOM   947  N  N     . ILE B 2 76 ? -1.308  5.714   5.448   1.00 13.99 ? 401 ILE A N     1 
ATOM   948  C  CA    . ILE B 2 76 ? -0.138  4.832   5.202   1.00 14.23 ? 401 ILE A CA    1 
ATOM   949  C  C     . ILE B 2 76 ? 0.452   4.344   6.539   1.00 13.88 ? 401 ILE A C     1 
ATOM   950  O  O     . ILE B 2 76 ? 0.537   5.166   7.465   1.00 14.77 ? 401 ILE A O     1 
ATOM   951  C  CB    . ILE B 2 76 ? 0.943   5.476   4.333   1.00 14.05 ? 401 ILE A CB    1 
ATOM   952  C  CG1   . ILE B 2 76 ? 2.108   4.458   4.156   1.00 14.26 ? 401 ILE A CG1   1 
ATOM   953  C  CG2   . ILE B 2 76 ? 1.472   6.809   4.960   1.00 14.97 ? 401 ILE A CG2   1 
ATOM   954  C  CD1   . ILE B 2 76 ? 3.035   4.786   2.951   1.00 17.38 ? 401 ILE A CD1   1 
ATOM   955  N  N     . SER B 2 77 ? 0.784   3.099   6.654   1.00 11.85 ? 402 SER A N     1 
ATOM   956  C  CA    . SER B 2 77 ? 1.483   2.608   7.874   1.00 12.65 ? 402 SER A CA    1 
ATOM   957  C  C     . SER B 2 77 ? 2.744   1.849   7.363   1.00 12.49 ? 402 SER A C     1 
ATOM   958  O  O     . SER B 2 77 ? 2.536   1.100   6.353   1.00 12.68 ? 402 SER A O     1 
ATOM   959  C  CB    . SER B 2 77 ? 0.678   1.565   8.668   1.00 15.15 ? 402 SER A CB    1 
ATOM   960  O  OG    . SER B 2 77 ? -0.429  2.260   9.234   1.00 19.22 ? 402 SER A OG    1 
ATOM   961  N  N     . GLY B 2 78 ? 3.800   1.878   8.094   1.00 11.82 ? 403 GLY A N     1 
ATOM   962  C  CA    . GLY B 2 78 ? 5.039   1.196   7.631   1.00 10.36 ? 403 GLY A CA    1 
ATOM   963  C  C     . GLY B 2 78 ? 5.451   0.168   8.646   1.00 10.13 ? 403 GLY A C     1 
ATOM   964  O  O     . GLY B 2 78 ? 5.075   0.242   9.816   1.00 11.94 ? 403 GLY A O     1 
ATOM   965  N  N     . PHE B 2 79 ? 5.851   -1.006  8.202   1.00 9.28  ? 404 PHE A N     1 
ATOM   966  C  CA    . PHE B 2 79 ? 6.221   -2.183  8.953   1.00 9.84  ? 404 PHE A CA    1 
ATOM   967  C  C     . PHE B 2 79 ? 7.560   -2.720  8.440   1.00 9.38  ? 404 PHE A C     1 
ATOM   968  O  O     . PHE B 2 79 ? 7.945   -2.522  7.294   1.00 9.75  ? 404 PHE A O     1 
ATOM   969  C  CB    . PHE B 2 79 ? 5.154   -3.285  8.792   1.00 11.59 ? 404 PHE A CB    1 
ATOM   970  C  CG    . PHE B 2 79 ? 3.766   -2.926  9.175   1.00 12.41 ? 404 PHE A CG    1 
ATOM   971  C  CD1   . PHE B 2 79 ? 2.952   -2.344  8.286   1.00 13.88 ? 404 PHE A CD1   1 
ATOM   972  C  CD2   . PHE B 2 79 ? 3.305   -3.288  10.503  1.00 14.15 ? 404 PHE A CD2   1 
ATOM   973  C  CE1   . PHE B 2 79 ? 1.609   -2.027  8.643   1.00 14.19 ? 404 PHE A CE1   1 
ATOM   974  C  CE2   . PHE B 2 79 ? 2.036   -2.821  10.905  1.00 14.81 ? 404 PHE A CE2   1 
ATOM   975  C  CZ    . PHE B 2 79 ? 1.163   -2.306  9.917   1.00 13.89 ? 404 PHE A CZ    1 
ATOM   976  N  N     . THR B 2 80 ? 8.151   -3.528  9.298   1.00 10.90 ? 405 THR A N     1 
ATOM   977  C  CA    . THR B 2 80 ? 9.342   -4.343  8.996   1.00 11.19 ? 405 THR A CA    1 
ATOM   978  C  C     . THR B 2 80 ? 9.005   -5.759  9.457   1.00 11.27 ? 405 THR A C     1 
ATOM   979  O  O     . THR B 2 80 ? 8.523   -5.912  10.532  1.00 11.51 ? 405 THR A O     1 
ATOM   980  C  CB    . THR B 2 80 ? 10.665  -3.884  9.657   1.00 12.25 ? 405 THR A CB    1 
ATOM   981  O  OG1   . THR B 2 80 ? 10.894  -2.488  9.225   1.00 13.36 ? 405 THR A OG1   1 
ATOM   982  C  CG2   . THR B 2 80 ? 11.855  -4.765  9.260   1.00 14.10 ? 405 THR A CG2   1 
ATOM   983  N  N     . ALA B 2 81 ? 9.234   -6.735  8.568   1.00 11.80 ? 406 ALA A N     1 
ATOM   984  C  CA    . ALA B 2 81 ? 8.811   -8.096  8.852   1.00 12.09 ? 406 ALA A CA    1 
ATOM   985  C  C     . ALA B 2 81 ? 9.960   -9.093  8.752   1.00 12.91 ? 406 ALA A C     1 
ATOM   986  O  O     . ALA B 2 81 ? 10.914  -8.820  7.965   1.00 13.87 ? 406 ALA A O     1 
ATOM   987  C  CB    . ALA B 2 81 ? 7.638   -8.440  7.981   1.00 13.74 ? 406 ALA A CB    1 
ATOM   988  N  N     . SER B 2 82 ? 10.136  -9.916  9.774   1.00 13.28 ? 407 SER A N     1 
ATOM   989  C  CA    . SER B 2 82 ? 11.119  -10.998 9.743   1.00 13.70 ? 407 SER A CA    1 
ATOM   990  C  C     . SER B 2 82 ? 10.459  -12.332 9.381   1.00 12.91 ? 407 SER A C     1 
ATOM   991  O  O     . SER B 2 82 ? 9.314   -12.546 9.775   1.00 14.26 ? 407 SER A O     1 
ATOM   992  C  CB    . SER B 2 82 ? 11.760  -11.275 11.152  1.00 16.08 ? 407 SER A CB    1 
ATOM   993  O  OG    . SER B 2 82 ? 12.542  -10.102 11.376  1.00 27.91 ? 407 SER A OG    1 
ATOM   994  N  N     . LEU B 2 83 ? 11.079  -13.112 8.546   1.00 12.68 ? 408 LEU A N     1 
ATOM   995  C  CA    . LEU B 2 83 ? 10.607  -14.468 8.238   1.00 12.30 ? 408 LEU A CA    1 
ATOM   996  C  C     . LEU B 2 83 ? 10.810  -15.374 9.462   1.00 12.48 ? 408 LEU A C     1 
ATOM   997  O  O     . LEU B 2 83 ? 11.961  -15.490 9.971   1.00 13.47 ? 408 LEU A O     1 
ATOM   998  C  CB    . LEU B 2 83 ? 11.380  -15.043 7.035   1.00 14.64 ? 408 LEU A CB    1 
ATOM   999  C  CG    . LEU B 2 83 ? 10.850  -16.387 6.521   1.00 16.05 ? 408 LEU A CG    1 
ATOM   1000 C  CD1   . LEU B 2 83 ? 9.697   -16.207 5.538   1.00 17.92 ? 408 LEU A CD1   1 
ATOM   1001 C  CD2   . LEU B 2 83 ? 11.925  -17.179 5.760   1.00 19.14 ? 408 LEU A CD2   1 
ATOM   1002 N  N     . ASP B 2 84 ? 9.782   -16.050 9.867   1.00 12.10 ? 409 ASP A N     1 
ATOM   1003 C  CA    . ASP B 2 84 ? 9.752   -17.035 10.944  1.00 11.89 ? 409 ASP A CA    1 
ATOM   1004 C  C     . ASP B 2 84 ? 9.991   -18.418 10.330  1.00 12.36 ? 409 ASP A C     1 
ATOM   1005 O  O     . ASP B 2 84 ? 10.699  -19.277 10.908  1.00 13.65 ? 409 ASP A O     1 
ATOM   1006 C  CB    . ASP B 2 84 ? 8.430   -16.999 11.782  1.00 12.38 ? 409 ASP A CB    1 
ATOM   1007 C  CG    . ASP B 2 84 ? 8.326   -15.707 12.607  1.00 14.89 ? 409 ASP A CG    1 
ATOM   1008 O  OD1   . ASP B 2 84 ? 9.319   -15.152 13.103  1.00 14.96 ? 409 ASP A OD1   1 
ATOM   1009 O  OD2   . ASP B 2 84 ? 7.224   -15.165 12.624  1.00 14.18 ? 409 ASP A OD2   1 
ATOM   1010 N  N     . PHE B 2 85 ? 9.306   -18.728 9.235   1.00 11.91 ? 410 PHE A N     1 
ATOM   1011 C  CA    . PHE B 2 85 ? 9.441   -20.002 8.528   1.00 12.04 ? 410 PHE A CA    1 
ATOM   1012 C  C     . PHE B 2 85 ? 8.919   -19.884 7.133   1.00 12.27 ? 410 PHE A C     1 
ATOM   1013 O  O     . PHE B 2 85 ? 9.228   -20.833 6.288   1.00 14.20 ? 410 PHE A O     1 
ATOM   1014 C  CB    . PHE B 2 85 ? 8.676   -21.147 9.309   1.00 12.17 ? 410 PHE A CB    1 
ATOM   1015 C  CG    . PHE B 2 85 ? 7.218   -20.900 9.514   1.00 11.85 ? 410 PHE A CG    1 
ATOM   1016 C  CD1   . PHE B 2 85 ? 6.272   -21.208 8.576   1.00 12.93 ? 410 PHE A CD1   1 
ATOM   1017 C  CD2   . PHE B 2 85 ? 6.835   -20.310 10.788  1.00 13.95 ? 410 PHE A CD2   1 
ATOM   1018 C  CE1   . PHE B 2 85 ? 4.913   -20.948 8.849   1.00 13.63 ? 410 PHE A CE1   1 
ATOM   1019 C  CE2   . PHE B 2 85 ? 5.439   -20.064 11.024  1.00 13.64 ? 410 PHE A CE2   1 
ATOM   1020 C  CZ    . PHE B 2 85 ? 4.527   -20.245 9.986   1.00 12.32 ? 410 PHE A CZ    1 
ATOM   1021 O  OXT   . PHE B 2 85 ? 8.148   -18.975 6.732   1.00 11.60 ? 410 PHE A OXT   1 
HETATM 1022 YB YB    . YB  C 3 .  ? -20.491 0.064   -12.662 1.00 70.96 ? 500 YB  B YB    1 
HETATM 1023 YB YB    . YB  D 3 .  ? -21.790 -9.701  9.293   1.00 20.20 ? 499 YB  A YB    1 
HETATM 1024 O  O     . HOH E 4 .  ? -1.647  7.914   -18.571 1.00 33.74 ? 502 HOH B O     1 
HETATM 1025 O  O     . HOH E 4 .  ? -15.108 -23.688 -1.913  1.00 12.81 ? 503 HOH B O     1 
HETATM 1026 O  O     . HOH E 4 .  ? -0.457  2.481   -18.418 1.00 30.88 ? 504 HOH B O     1 
HETATM 1027 O  O     . HOH E 4 .  ? -2.415  0.124   -12.371 1.00 10.81 ? 506 HOH B O     1 
HETATM 1028 O  O     . HOH E 4 .  ? -8.744  -25.419 -2.556  1.00 18.05 ? 507 HOH B O     1 
HETATM 1029 O  O     . HOH E 4 .  ? -1.697  -2.354  -11.420 1.00 12.06 ? 508 HOH B O     1 
HETATM 1030 O  O     . HOH E 4 .  ? -10.939 -27.967 6.337   1.00 31.56 ? 511 HOH B O     1 
HETATM 1031 O  O     . HOH E 4 .  ? -13.638 0.791   -9.530  1.00 16.38 ? 513 HOH B O     1 
HETATM 1032 O  O     . HOH E 4 .  ? -13.287 -0.695  -7.142  1.00 21.40 ? 514 HOH B O     1 
HETATM 1033 O  O     . HOH E 4 .  ? -17.090 -11.174 -7.505  1.00 27.09 ? 515 HOH B O     1 
HETATM 1034 O  O     . HOH E 4 .  ? -12.872 -23.636 -14.611 1.00 16.62 ? 516 HOH B O     1 
HETATM 1035 O  O     . HOH E 4 .  ? -9.872  17.521  -21.351 1.00 27.56 ? 517 HOH B O     1 
HETATM 1036 O  O     . HOH E 4 .  ? -3.906  9.714   -16.723 1.00 26.54 ? 518 HOH B O     1 
HETATM 1037 O  O     . HOH E 4 .  ? -23.262 -13.575 -5.879  1.00 35.74 ? 521 HOH B O     1 
HETATM 1038 O  O     . HOH E 4 .  ? -12.846 -30.082 -8.417  1.00 25.91 ? 522 HOH B O     1 
HETATM 1039 O  O     . HOH E 4 .  ? -14.563 -19.952 -11.861 1.00 16.61 ? 525 HOH B O     1 
HETATM 1040 O  O     . HOH E 4 .  ? -14.478 -26.044 -0.327  1.00 27.00 ? 529 HOH B O     1 
HETATM 1041 O  O     . HOH E 4 .  ? -7.813  -26.492 4.969   1.00 28.27 ? 532 HOH B O     1 
HETATM 1042 O  O     . HOH E 4 .  ? -6.659  -4.701  -18.573 1.00 34.79 ? 537 HOH B O     1 
HETATM 1043 O  O     . HOH E 4 .  ? -14.973 -30.974 -13.000 1.00 33.73 ? 543 HOH B O     1 
HETATM 1044 O  O     . HOH E 4 .  ? -16.736 -29.324 -11.100 1.00 27.91 ? 544 HOH B O     1 
HETATM 1045 O  O     . HOH E 4 .  ? -9.426  -32.008 -9.912  1.00 33.10 ? 553 HOH B O     1 
HETATM 1046 O  O     . HOH E 4 .  ? -7.318  -29.610 -10.283 1.00 29.11 ? 563 HOH B O     1 
HETATM 1047 O  O     . HOH E 4 .  ? -7.325  -3.151  -21.140 1.00 38.04 ? 564 HOH B O     1 
HETATM 1048 O  O     . HOH E 4 .  ? -19.300 -1.237  -6.148  1.00 26.34 ? 566 HOH B O     1 
HETATM 1049 O  O     . HOH E 4 .  ? -14.430 -7.957  -8.531  1.00 21.44 ? 567 HOH B O     1 
HETATM 1050 O  O     . HOH E 4 .  ? -14.919 -10.263 -7.155  1.00 29.66 ? 575 HOH B O     1 
HETATM 1051 O  O     . HOH E 4 .  ? -20.671 -12.677 -7.002  1.00 28.69 ? 576 HOH B O     1 
HETATM 1052 O  O     . HOH E 4 .  ? -24.334 -17.109 -8.766  1.00 26.67 ? 577 HOH B O     1 
HETATM 1053 O  O     . HOH E 4 .  ? -20.880 -8.836  -3.413  1.00 30.18 ? 578 HOH B O     1 
HETATM 1054 O  O     . HOH E 4 .  ? -1.512  0.543   -15.098 1.00 16.25 ? 579 HOH B O     1 
HETATM 1055 O  O     . HOH E 4 .  ? -16.001 -1.402  -2.372  1.00 23.64 ? 585 HOH B O     1 
HETATM 1056 O  O     . HOH E 4 .  ? -4.355  -31.828 1.775   1.00 28.72 ? 589 HOH B O     1 
HETATM 1057 O  O     . HOH E 4 .  ? -17.217 -0.921  -5.293  1.00 28.69 ? 597 HOH B O     1 
HETATM 1058 O  O     . HOH E 4 .  ? -4.892  0.694   -11.427 1.00 12.42 ? 601 HOH B O     1 
HETATM 1059 O  O     . HOH E 4 .  ? -11.590 -31.640 -6.067  1.00 27.78 ? 602 HOH B O     1 
HETATM 1060 O  O     . HOH E 4 .  ? -10.948 3.818   -20.104 1.00 29.65 ? 603 HOH B O     1 
HETATM 1061 O  O     . HOH E 4 .  ? -7.230  11.805  -21.753 1.00 28.35 ? 604 HOH B O     1 
HETATM 1062 O  O     . HOH E 4 .  ? -9.910  2.280   -21.501 1.00 32.46 ? 605 HOH B O     1 
HETATM 1063 O  O     . HOH E 4 .  ? -13.057 13.699  -16.229 1.00 33.92 ? 606 HOH B O     1 
HETATM 1064 O  O     . HOH E 4 .  ? -13.617 11.037  -17.064 1.00 27.23 ? 607 HOH B O     1 
HETATM 1065 O  O     . HOH E 4 .  ? -9.347  -3.478  -17.113 1.00 32.40 ? 608 HOH B O     1 
HETATM 1066 O  O     . HOH E 4 .  ? -24.074 -20.203 -9.338  1.00 34.78 ? 609 HOH B O     1 
HETATM 1067 O  O     . HOH E 4 .  ? -30.748 -13.189 -11.606 1.00 6.47  ? 610 HOH B O     1 
HETATM 1068 O  O     . HOH E 4 .  ? -21.528 -3.943  -11.753 1.00 33.68 ? 611 HOH B O     1 
HETATM 1069 O  O     . HOH E 4 .  ? -18.571 -18.777 -14.939 1.00 28.21 ? 612 HOH B O     1 
HETATM 1070 O  O     . HOH E 4 .  ? -16.161 -18.384 -13.445 1.00 21.67 ? 613 HOH B O     1 
HETATM 1071 O  O     . HOH E 4 .  ? -8.687  -1.019  -19.332 1.00 28.91 ? 615 HOH B O     1 
HETATM 1072 O  O     . HOH E 4 .  ? -15.119 -22.083 -14.020 1.00 28.90 ? 617 HOH B O     1 
HETATM 1073 O  O     . HOH E 4 .  ? -17.528 -33.190 4.574   1.00 32.06 ? 618 HOH B O     1 
HETATM 1074 O  O     . HOH E 4 .  ? -15.181 -16.280 -15.310 1.00 27.97 ? 620 HOH B O     1 
HETATM 1075 O  O     . HOH E 4 .  ? -25.620 -8.861  -10.885 1.00 29.62 ? 621 HOH B O     1 
HETATM 1076 O  O     . HOH F 4 .  ? -15.809 1.409   -6.094  1.00 28.40 ? 501 HOH A O     1 
HETATM 1077 O  O     . HOH F 4 .  ? 0.058   2.615   -14.485 1.00 16.11 ? 505 HOH A O     1 
HETATM 1078 O  O     . HOH F 4 .  ? -14.652 2.724   -4.030  1.00 11.97 ? 509 HOH A O     1 
HETATM 1079 O  O     . HOH F 4 .  ? -16.728 -12.388 3.383   1.00 17.97 ? 510 HOH A O     1 
HETATM 1080 O  O     . HOH F 4 .  ? -15.998 5.302   -7.698  1.00 12.99 ? 512 HOH A O     1 
HETATM 1081 O  O     . HOH F 4 .  ? -0.197  -1.993  -15.621 1.00 14.57 ? 519 HOH A O     1 
HETATM 1082 O  O     . HOH F 4 .  ? 3.618   10.622  1.692   1.00 32.74 ? 520 HOH A O     1 
HETATM 1083 O  O     . HOH F 4 .  ? -9.168  -0.539  7.683   1.00 29.22 ? 523 HOH A O     1 
HETATM 1084 O  O     . HOH F 4 .  ? -11.366 -12.070 8.667   1.00 13.15 ? 524 HOH A O     1 
HETATM 1085 O  O     . HOH F 4 .  ? -13.877 2.785   2.411   1.00 28.63 ? 526 HOH A O     1 
HETATM 1086 O  O     . HOH F 4 .  ? -10.667 7.311   2.308   1.00 22.87 ? 527 HOH A O     1 
HETATM 1087 O  O     . HOH F 4 .  ? -14.530 -7.264  -2.152  1.00 32.17 ? 528 HOH A O     1 
HETATM 1088 O  O     . HOH F 4 .  ? -15.938 2.880   0.785   1.00 27.45 ? 530 HOH A O     1 
HETATM 1089 O  O     . HOH F 4 .  ? -14.809 1.196   -1.333  1.00 17.81 ? 531 HOH A O     1 
HETATM 1090 O  O     . HOH F 4 .  ? 6.507   -4.969  -12.242 1.00 24.68 ? 533 HOH A O     1 
HETATM 1091 O  O     . HOH F 4 .  ? -14.567 5.623   -3.940  1.00 13.01 ? 534 HOH A O     1 
HETATM 1092 O  O     . HOH F 4 .  ? -9.973  -4.269  4.802   1.00 14.13 ? 535 HOH A O     1 
HETATM 1093 O  O     . HOH F 4 .  ? 3.701   8.710   0.448   1.00 24.39 ? 536 HOH A O     1 
HETATM 1094 O  O     . HOH F 4 .  ? 10.955  -11.909 3.354   1.00 33.20 ? 538 HOH A O     1 
HETATM 1095 O  O     . HOH F 4 .  ? -2.780  2.098   6.070   1.00 13.52 ? 539 HOH A O     1 
HETATM 1096 O  O     . HOH F 4 .  ? -5.868  -8.543  7.681   1.00 27.38 ? 540 HOH A O     1 
HETATM 1097 O  O     . HOH F 4 .  ? 9.882   -13.724 1.743   1.00 34.70 ? 541 HOH A O     1 
HETATM 1098 O  O     . HOH F 4 .  ? 11.331  -11.252 5.735   1.00 31.42 ? 542 HOH A O     1 
HETATM 1099 O  O     . HOH F 4 .  ? -2.835  3.634   8.291   1.00 34.33 ? 545 HOH A O     1 
HETATM 1100 O  O     . HOH F 4 .  ? -10.696 -1.084  -6.539  1.00 13.44 ? 546 HOH A O     1 
HETATM 1101 O  O     . HOH F 4 .  ? -11.369 8.683   1.078   1.00 33.28 ? 547 HOH A O     1 
HETATM 1102 O  O     . HOH F 4 .  ? -12.949 8.471   -2.761  1.00 29.57 ? 548 HOH A O     1 
HETATM 1103 O  O     . HOH F 4 .  ? 13.933  -12.232 7.953   1.00 21.89 ? 549 HOH A O     1 
HETATM 1104 O  O     . HOH F 4 .  ? -13.479 -8.623  -3.197  1.00 29.31 ? 550 HOH A O     1 
HETATM 1105 O  O     . HOH F 4 .  ? -18.195 -7.821  -1.429  1.00 26.39 ? 551 HOH A O     1 
HETATM 1106 O  O     . HOH F 4 .  ? -16.038 -2.638  3.887   1.00 33.88 ? 552 HOH A O     1 
HETATM 1107 O  O     . HOH F 4 .  ? 8.654   -7.217  -3.508  1.00 22.45 ? 554 HOH A O     1 
HETATM 1108 O  O     . HOH F 4 .  ? 14.781  2.351   -8.220  1.00 33.44 ? 555 HOH A O     1 
HETATM 1109 O  O     . HOH F 4 .  ? 12.028  -0.219  -8.487  1.00 29.68 ? 556 HOH A O     1 
HETATM 1110 O  O     . HOH F 4 .  ? 16.893  5.747   -1.407  1.00 31.30 ? 557 HOH A O     1 
HETATM 1111 O  O     . HOH F 4 .  ? 4.496   -2.254  -10.003 1.00 13.91 ? 558 HOH A O     1 
HETATM 1112 O  O     . HOH F 4 .  ? -23.146 -13.766 11.698  1.00 35.40 ? 559 HOH A O     1 
HETATM 1113 O  O     . HOH F 4 .  ? -15.725 -9.436  -4.428  1.00 36.56 ? 560 HOH A O     1 
HETATM 1114 O  O     . HOH F 4 .  ? 13.367  -1.312  -6.019  1.00 22.61 ? 561 HOH A O     1 
HETATM 1115 O  O     . HOH F 4 .  ? -15.934 2.451   -8.499  1.00 22.89 ? 562 HOH A O     1 
HETATM 1116 O  O     . HOH F 4 .  ? 7.690   5.984   -13.003 1.00 24.47 ? 565 HOH A O     1 
HETATM 1117 O  O     . HOH F 4 .  ? 10.550  6.448   -12.220 1.00 33.06 ? 568 HOH A O     1 
HETATM 1118 O  O     . HOH F 4 .  ? -11.243 -9.082  -6.485  1.00 28.05 ? 569 HOH A O     1 
HETATM 1119 O  O     . HOH F 4 .  ? -10.713 -9.887  -4.408  1.00 22.59 ? 570 HOH A O     1 
HETATM 1120 O  O     . HOH F 4 .  ? -8.708  -8.844  -3.340  1.00 24.47 ? 571 HOH A O     1 
HETATM 1121 O  O     . HOH F 4 .  ? 1.700   8.303   -0.874  1.00 22.24 ? 572 HOH A O     1 
HETATM 1122 O  O     . HOH F 4 .  ? 11.658  3.875   6.196   1.00 18.89 ? 573 HOH A O     1 
HETATM 1123 O  O     . HOH F 4 .  ? -6.801  2.932   -12.029 1.00 15.18 ? 574 HOH A O     1 
HETATM 1124 O  O     . HOH F 4 .  ? -0.734  11.770  -12.290 1.00 27.01 ? 580 HOH A O     1 
HETATM 1125 O  O     . HOH F 4 .  ? 12.715  -1.530  7.421   1.00 27.17 ? 581 HOH A O     1 
HETATM 1126 O  O     . HOH F 4 .  ? 10.980  -8.366  -5.132  1.00 31.04 ? 582 HOH A O     1 
HETATM 1127 O  O     . HOH F 4 .  ? -7.940  -4.546  6.850   1.00 24.26 ? 583 HOH A O     1 
HETATM 1128 O  O     . HOH F 4 .  ? -3.049  11.724  -13.864 1.00 31.15 ? 584 HOH A O     1 
HETATM 1129 O  O     . HOH F 4 .  ? -1.123  8.459   6.974   1.00 26.85 ? 586 HOH A O     1 
HETATM 1130 O  O     . HOH F 4 .  ? 4.039   -5.991  -2.848  1.00 26.20 ? 587 HOH A O     1 
HETATM 1131 O  O     . HOH F 4 .  ? 0.300   4.102   11.348  1.00 21.63 ? 588 HOH A O     1 
HETATM 1132 O  O     . HOH F 4 .  ? 8.402   16.072  -3.171  1.00 34.05 ? 590 HOH A O     1 
HETATM 1133 O  O     . HOH F 4 .  ? 13.327  -4.837  2.335   1.00 28.97 ? 591 HOH A O     1 
HETATM 1134 O  O     . HOH F 4 .  ? 11.657  -3.562  -8.557  1.00 27.00 ? 592 HOH A O     1 
HETATM 1135 O  O     . HOH F 4 .  ? 10.671  -5.332  1.256   1.00 33.34 ? 593 HOH A O     1 
HETATM 1136 O  O     . HOH F 4 .  ? -18.910 -5.408  2.914   1.00 23.48 ? 594 HOH A O     1 
HETATM 1137 O  O     . HOH F 4 .  ? -15.199 -14.241 9.634   1.00 25.12 ? 595 HOH A O     1 
HETATM 1138 O  O     . HOH F 4 .  ? -17.554 -9.747  11.129  1.00 27.11 ? 596 HOH A O     1 
HETATM 1139 O  O     . HOH F 4 .  ? -17.570 -9.712  -3.594  1.00 30.59 ? 598 HOH A O     1 
HETATM 1140 O  O     . HOH F 4 .  ? 6.022   1.749   -14.862 1.00 33.31 ? 599 HOH A O     1 
HETATM 1141 O  O     . HOH F 4 .  ? -3.402  9.272   -14.035 1.00 25.95 ? 600 HOH A O     1 
HETATM 1142 O  O     . HOH F 4 .  ? 4.541   -9.033  3.559   1.00 30.16 ? 614 HOH A O     1 
HETATM 1143 O  O     . HOH F 4 .  ? 8.938   10.413  -10.114 1.00 31.91 ? 616 HOH A O     1 
HETATM 1144 O  O     . HOH F 4 .  ? -18.989 -10.802 -5.102  1.00 28.82 ? 619 HOH A O     1 
# 
